data_2JYA
#
_entry.id   2JYA
#
_entity_poly.entity_id   1
_entity_poly.type   'polypeptide(L)'
_entity_poly.pdbx_seq_one_letter_code
;QGHMSAKIYRPAKTAMQSGTAKTNVWVLEFDAEVPRKIDPIMGYTSSSDMKQQVKLTFETQEQAEAYAQRKGIEYRVILP
KEATRKVVSYTDNFRFNRTQPWTHGS
;
_entity_poly.pdbx_strand_id   A
#
# COMPACT_ATOMS: atom_id res chain seq x y z
N MET A 4 8.11 9.41 1.03
CA MET A 4 7.12 8.45 0.49
C MET A 4 5.83 8.53 1.31
N SER A 5 4.67 8.52 0.66
CA SER A 5 3.36 8.69 1.34
C SER A 5 2.60 7.36 1.39
N ALA A 6 2.23 6.93 2.61
CA ALA A 6 1.41 5.72 2.84
C ALA A 6 -0.04 6.14 3.14
N LYS A 7 -1.01 5.58 2.43
CA LYS A 7 -2.44 5.92 2.58
C LYS A 7 -3.15 4.72 3.24
N ILE A 8 -3.82 4.98 4.38
CA ILE A 8 -4.55 3.95 5.13
C ILE A 8 -6.03 4.20 4.92
N TYR A 9 -6.77 3.22 4.38
CA TYR A 9 -8.18 3.41 4.00
C TYR A 9 -8.99 2.11 4.10
N ARG A 10 -10.31 2.26 4.18
CA ARG A 10 -11.29 1.17 4.04
C ARG A 10 -12.22 1.55 2.88
N PRO A 11 -11.95 1.04 1.65
CA PRO A 11 -12.80 1.31 0.48
C PRO A 11 -14.12 0.50 0.53
N ALA A 12 -15.09 0.89 -0.33
CA ALA A 12 -16.39 0.21 -0.46
C ALA A 12 -16.20 -1.24 -0.94
N LYS A 13 -15.29 -1.39 -1.90
CA LYS A 13 -14.80 -2.68 -2.37
C LYS A 13 -13.33 -2.81 -1.96
N THR A 14 -13.04 -3.74 -1.03
CA THR A 14 -11.72 -3.86 -0.38
C THR A 14 -10.82 -4.86 -1.09
N ALA A 15 -9.50 -4.67 -0.94
CA ALA A 15 -8.47 -5.62 -1.39
C ALA A 15 -8.58 -6.90 -0.53
N MET A 16 -9.31 -7.88 -1.07
CA MET A 16 -9.63 -9.14 -0.38
C MET A 16 -8.39 -10.06 -0.28
N GLN A 17 -7.44 -9.86 -1.23
CA GLN A 17 -6.13 -10.54 -1.27
C GLN A 17 -6.29 -12.07 -1.28
N SER A 18 -6.43 -12.65 -2.49
CA SER A 18 -6.71 -14.09 -2.70
C SER A 18 -8.09 -14.48 -2.11
N GLY A 19 -8.95 -13.47 -1.86
CA GLY A 19 -10.27 -13.67 -1.27
C GLY A 19 -10.24 -14.13 0.19
N THR A 20 -9.18 -13.75 0.92
CA THR A 20 -9.01 -14.17 2.33
C THR A 20 -9.81 -13.27 3.30
N ALA A 21 -9.78 -11.95 3.04
CA ALA A 21 -10.44 -10.93 3.87
C ALA A 21 -11.97 -11.07 3.85
N LYS A 22 -12.60 -11.00 5.04
CA LYS A 22 -14.05 -11.17 5.21
C LYS A 22 -14.74 -9.80 5.17
N THR A 23 -14.55 -9.01 6.25
CA THR A 23 -15.09 -7.64 6.37
C THR A 23 -14.19 -6.64 5.63
N ASN A 24 -14.57 -5.36 5.66
CA ASN A 24 -13.78 -4.28 5.07
C ASN A 24 -12.46 -4.11 5.84
N VAL A 25 -11.42 -4.81 5.36
CA VAL A 25 -10.06 -4.73 5.89
C VAL A 25 -9.45 -3.37 5.51
N TRP A 26 -8.48 -2.86 6.31
CA TRP A 26 -7.79 -1.60 6.01
C TRP A 26 -6.68 -1.93 5.02
N VAL A 27 -6.67 -1.21 3.90
CA VAL A 27 -5.65 -1.38 2.88
C VAL A 27 -4.64 -0.23 3.06
N LEU A 28 -3.36 -0.57 2.98
CA LEU A 28 -2.25 0.36 3.11
C LEU A 28 -1.50 0.36 1.77
N GLU A 29 -1.71 1.41 1.00
CA GLU A 29 -1.01 1.59 -0.29
C GLU A 29 0.05 2.65 -0.07
N PHE A 30 1.27 2.44 -0.57
CA PHE A 30 2.34 3.41 -0.38
C PHE A 30 3.23 3.52 -1.60
N ASP A 31 3.85 4.70 -1.73
CA ASP A 31 4.96 4.96 -2.64
C ASP A 31 6.16 4.06 -2.27
N ALA A 32 6.14 2.84 -2.83
CA ALA A 32 7.22 1.87 -2.64
C ALA A 32 8.40 2.24 -3.53
N GLU A 33 9.50 2.64 -2.89
CA GLU A 33 10.70 3.10 -3.58
C GLU A 33 11.43 1.91 -4.25
N VAL A 34 11.45 1.92 -5.59
CA VAL A 34 12.31 1.03 -6.38
C VAL A 34 13.50 1.89 -6.90
N PRO A 35 14.68 1.90 -6.18
CA PRO A 35 15.82 2.82 -6.46
C PRO A 35 16.55 2.49 -7.77
N ARG A 36 17.77 3.04 -7.92
CA ARG A 36 18.66 2.77 -9.07
C ARG A 36 19.01 1.26 -9.12
N LYS A 37 18.27 0.55 -9.97
CA LYS A 37 18.25 -0.91 -10.05
C LYS A 37 17.95 -1.32 -11.50
N ILE A 38 19.00 -1.30 -12.35
CA ILE A 38 18.93 -1.78 -13.74
C ILE A 38 19.12 -3.30 -13.77
N ASP A 39 18.58 -3.95 -14.81
CA ASP A 39 18.74 -5.40 -15.00
C ASP A 39 20.07 -5.65 -15.75
N PRO A 40 20.93 -6.61 -15.27
CA PRO A 40 22.23 -6.92 -15.94
C PRO A 40 22.07 -7.41 -17.40
N ILE A 41 20.92 -8.02 -17.71
CA ILE A 41 20.60 -8.52 -19.07
C ILE A 41 20.29 -7.35 -20.01
N MET A 42 19.51 -6.39 -19.48
CA MET A 42 18.99 -5.24 -20.25
C MET A 42 19.99 -4.07 -20.30
N GLY A 43 20.98 -4.10 -19.37
CA GLY A 43 21.99 -3.06 -19.26
C GLY A 43 21.40 -1.70 -18.88
N TYR A 44 21.68 -0.68 -19.71
CA TYR A 44 21.07 0.65 -19.57
C TYR A 44 19.61 0.58 -20.05
N THR A 45 18.68 0.62 -19.09
CA THR A 45 17.24 0.53 -19.35
C THR A 45 16.52 1.73 -18.70
N SER A 46 16.14 2.71 -19.55
CA SER A 46 15.31 3.87 -19.15
C SER A 46 13.89 3.42 -18.79
N SER A 47 13.50 2.22 -19.29
CA SER A 47 12.20 1.59 -18.96
C SER A 47 12.28 0.97 -17.56
N SER A 48 12.15 1.87 -16.57
CA SER A 48 12.17 1.56 -15.15
C SER A 48 11.63 2.80 -14.42
N ASP A 49 10.31 2.80 -14.16
CA ASP A 49 9.61 3.93 -13.54
C ASP A 49 10.16 4.19 -12.13
N MET A 50 10.15 5.48 -11.72
CA MET A 50 10.81 5.98 -10.49
C MET A 50 10.43 5.13 -9.25
N LYS A 51 9.12 5.08 -8.93
CA LYS A 51 8.57 4.30 -7.79
C LYS A 51 7.35 3.50 -8.27
N GLN A 52 6.81 2.67 -7.36
CA GLN A 52 5.65 1.79 -7.61
C GLN A 52 4.72 1.83 -6.39
N GLN A 53 3.41 1.68 -6.58
CA GLN A 53 2.41 1.82 -5.49
C GLN A 53 1.84 0.44 -5.11
N VAL A 54 2.52 -0.26 -4.19
CA VAL A 54 2.10 -1.60 -3.71
C VAL A 54 1.29 -1.45 -2.42
N LYS A 55 0.60 -2.54 -2.00
CA LYS A 55 -0.33 -2.46 -0.86
C LYS A 55 -0.32 -3.73 0.01
N LEU A 56 -0.59 -3.48 1.30
CA LEU A 56 -0.68 -4.46 2.39
C LEU A 56 -2.10 -4.39 2.96
N THR A 57 -2.58 -5.45 3.64
CA THR A 57 -3.89 -5.45 4.33
C THR A 57 -3.72 -5.76 5.83
N PHE A 58 -4.32 -4.90 6.69
CA PHE A 58 -4.27 -5.00 8.17
C PHE A 58 -5.69 -4.88 8.71
N GLU A 59 -5.96 -5.55 9.85
CA GLU A 59 -7.31 -5.57 10.47
C GLU A 59 -7.65 -4.21 11.11
N THR A 60 -6.62 -3.40 11.43
CA THR A 60 -6.80 -2.05 12.01
C THR A 60 -5.93 -1.01 11.29
N GLN A 61 -6.36 0.25 11.39
CA GLN A 61 -5.60 1.44 10.97
C GLN A 61 -4.25 1.54 11.69
N GLU A 62 -4.31 1.28 13.00
CA GLU A 62 -3.16 1.41 13.91
C GLU A 62 -1.99 0.50 13.49
N GLN A 63 -2.30 -0.70 12.96
CA GLN A 63 -1.30 -1.65 12.44
C GLN A 63 -0.69 -1.18 11.09
N ALA A 64 -1.48 -0.46 10.27
CA ALA A 64 -1.05 -0.02 8.92
C ALA A 64 -0.15 1.23 9.01
N GLU A 65 -0.52 2.12 9.95
CA GLU A 65 0.30 3.32 10.23
C GLU A 65 1.59 2.92 10.97
N ALA A 66 1.51 1.91 11.87
CA ALA A 66 2.67 1.40 12.62
C ALA A 66 3.79 0.89 11.69
N TYR A 67 3.38 0.28 10.54
CA TYR A 67 4.32 -0.16 9.51
C TYR A 67 5.09 1.06 8.97
N ALA A 68 4.32 2.01 8.40
CA ALA A 68 4.82 3.24 7.78
C ALA A 68 5.79 4.01 8.71
N GLN A 69 5.37 4.19 9.98
CA GLN A 69 6.15 4.90 11.02
C GLN A 69 7.49 4.20 11.28
N ARG A 70 7.45 2.86 11.42
CA ARG A 70 8.63 2.01 11.67
C ARG A 70 9.62 2.07 10.49
N LYS A 71 9.09 2.25 9.27
CA LYS A 71 9.90 2.32 8.03
C LYS A 71 10.34 3.77 7.73
N GLY A 72 9.70 4.76 8.39
CA GLY A 72 9.96 6.18 8.16
C GLY A 72 9.02 6.79 7.11
N ILE A 73 8.16 5.93 6.52
CA ILE A 73 7.19 6.35 5.51
C ILE A 73 6.10 7.23 6.18
N GLU A 74 6.20 8.54 5.90
CA GLU A 74 5.13 9.50 6.29
C GLU A 74 3.78 9.02 5.71
N TYR A 75 2.66 9.21 6.43
CA TYR A 75 1.38 8.62 6.05
C TYR A 75 0.22 9.61 6.17
N ARG A 76 -0.77 9.46 5.27
CA ARG A 76 -2.05 10.16 5.30
C ARG A 76 -3.14 9.11 5.54
N VAL A 77 -3.97 9.31 6.57
CA VAL A 77 -5.11 8.42 6.85
C VAL A 77 -6.38 8.95 6.13
N ILE A 78 -6.99 8.05 5.36
CA ILE A 78 -8.29 8.24 4.75
C ILE A 78 -9.29 7.38 5.53
N LEU A 79 -10.21 8.03 6.25
CA LEU A 79 -11.25 7.36 7.06
C LEU A 79 -12.14 6.45 6.20
N PRO A 80 -12.76 5.38 6.80
CA PRO A 80 -13.58 4.40 6.05
C PRO A 80 -14.85 5.03 5.43
N LYS A 81 -15.51 4.27 4.56
CA LYS A 81 -16.77 4.67 3.87
C LYS A 81 -18.02 4.54 4.79
N GLU A 82 -17.80 4.73 6.10
CA GLU A 82 -18.77 4.45 7.18
C GLU A 82 -18.40 5.24 8.46
N ALA A 83 -17.38 6.12 8.35
CA ALA A 83 -16.83 6.88 9.50
C ALA A 83 -17.79 8.01 9.94
N MET A 4 7.39 9.05 -1.43
CA MET A 4 6.94 7.96 -0.53
C MET A 4 6.01 8.54 0.55
N SER A 5 4.71 8.63 0.23
CA SER A 5 3.66 9.10 1.15
C SER A 5 2.51 8.08 1.12
N ALA A 6 2.22 7.48 2.28
CA ALA A 6 1.34 6.30 2.38
C ALA A 6 -0.05 6.70 2.85
N LYS A 7 -1.08 6.17 2.19
CA LYS A 7 -2.47 6.40 2.56
C LYS A 7 -3.02 5.09 3.14
N ILE A 8 -3.53 5.13 4.38
CA ILE A 8 -4.10 3.96 5.05
C ILE A 8 -5.61 4.17 5.08
N TYR A 9 -6.34 3.23 4.51
CA TYR A 9 -7.79 3.30 4.36
C TYR A 9 -8.34 1.89 4.44
N ARG A 10 -9.66 1.79 4.46
CA ARG A 10 -10.33 0.49 4.32
C ARG A 10 -11.15 0.54 3.03
N PRO A 11 -10.88 -0.35 2.03
CA PRO A 11 -11.65 -0.39 0.79
C PRO A 11 -13.15 -0.67 1.05
N ALA A 12 -13.92 0.42 1.07
CA ALA A 12 -15.39 0.41 0.99
C ALA A 12 -15.83 0.58 -0.48
N LYS A 13 -14.84 0.89 -1.34
CA LYS A 13 -14.97 0.90 -2.81
C LYS A 13 -14.31 -0.36 -3.41
N THR A 14 -14.34 -1.46 -2.61
CA THR A 14 -13.50 -2.66 -2.77
C THR A 14 -13.42 -3.16 -4.22
N ALA A 15 -12.17 -3.44 -4.67
CA ALA A 15 -11.89 -4.00 -5.99
C ALA A 15 -12.67 -5.32 -6.20
N MET A 16 -13.12 -5.55 -7.44
CA MET A 16 -13.99 -6.70 -7.78
C MET A 16 -13.29 -8.03 -7.47
N GLN A 17 -13.84 -8.75 -6.49
CA GLN A 17 -13.32 -10.05 -6.01
C GLN A 17 -13.49 -11.12 -7.11
N SER A 18 -12.54 -11.15 -8.06
CA SER A 18 -12.56 -12.05 -9.22
C SER A 18 -11.93 -13.40 -8.84
N GLY A 19 -10.61 -13.40 -8.62
CA GLY A 19 -9.86 -14.60 -8.23
C GLY A 19 -9.57 -14.63 -6.74
N THR A 20 -10.41 -13.93 -5.96
CA THR A 20 -10.28 -13.82 -4.50
C THR A 20 -11.67 -13.60 -3.88
N ALA A 21 -11.72 -13.67 -2.54
CA ALA A 21 -12.94 -13.44 -1.74
C ALA A 21 -12.54 -13.00 -0.32
N LYS A 22 -11.40 -12.29 -0.21
CA LYS A 22 -10.84 -11.84 1.07
C LYS A 22 -11.73 -10.78 1.73
N THR A 23 -11.85 -10.87 3.06
CA THR A 23 -12.61 -9.91 3.87
C THR A 23 -11.93 -8.53 3.88
N ASN A 24 -12.72 -7.48 4.10
CA ASN A 24 -12.26 -6.10 3.91
C ASN A 24 -11.36 -5.65 5.07
N VAL A 25 -10.06 -5.72 4.80
CA VAL A 25 -9.00 -5.25 5.70
C VAL A 25 -8.57 -3.83 5.30
N TRP A 26 -7.55 -3.28 5.95
CA TRP A 26 -7.03 -1.93 5.65
C TRP A 26 -5.89 -2.03 4.62
N VAL A 27 -5.95 -1.17 3.60
CA VAL A 27 -4.90 -1.13 2.57
C VAL A 27 -3.99 0.09 2.82
N LEU A 28 -2.68 -0.14 2.65
CA LEU A 28 -1.63 0.86 2.75
C LEU A 28 -1.06 1.01 1.34
N GLU A 29 -1.35 2.13 0.69
CA GLU A 29 -0.91 2.37 -0.69
C GLU A 29 -0.03 3.62 -0.72
N PHE A 30 1.14 3.53 -1.36
CA PHE A 30 2.11 4.65 -1.45
C PHE A 30 2.82 4.65 -2.80
N ASP A 31 3.36 5.81 -3.17
CA ASP A 31 4.29 5.91 -4.31
C ASP A 31 5.62 5.27 -3.86
N ALA A 32 6.05 4.24 -4.61
CA ALA A 32 7.04 3.26 -4.13
C ALA A 32 8.39 3.87 -3.73
N GLU A 33 9.07 3.18 -2.80
CA GLU A 33 10.42 3.52 -2.34
C GLU A 33 11.47 2.62 -3.02
N VAL A 34 11.05 1.91 -4.09
CA VAL A 34 11.94 1.05 -4.89
C VAL A 34 12.99 1.96 -5.58
N PRO A 35 14.32 1.79 -5.28
CA PRO A 35 15.38 2.70 -5.76
C PRO A 35 15.74 2.48 -7.25
N ARG A 36 16.89 3.05 -7.66
CA ARG A 36 17.52 2.75 -8.96
C ARG A 36 17.81 1.25 -9.11
N LYS A 37 18.05 0.60 -7.94
CA LYS A 37 18.34 -0.82 -7.85
C LYS A 37 17.04 -1.63 -8.02
N ILE A 38 16.63 -1.79 -9.28
CA ILE A 38 15.54 -2.71 -9.68
C ILE A 38 16.18 -4.01 -10.19
N ASP A 39 15.57 -5.13 -9.82
CA ASP A 39 16.06 -6.49 -10.14
C ASP A 39 16.26 -6.68 -11.65
N PRO A 40 17.49 -7.08 -12.11
CA PRO A 40 17.76 -7.39 -13.54
C PRO A 40 16.86 -8.52 -14.09
N ILE A 41 16.29 -9.30 -13.16
CA ILE A 41 15.29 -10.34 -13.45
C ILE A 41 14.05 -9.71 -14.14
N MET A 42 13.54 -8.61 -13.57
CA MET A 42 12.45 -7.82 -14.17
C MET A 42 12.97 -6.95 -15.32
N GLY A 43 14.19 -6.42 -15.13
CA GLY A 43 14.85 -5.54 -16.09
C GLY A 43 15.95 -4.75 -15.41
N TYR A 44 17.18 -4.83 -15.94
CA TYR A 44 18.35 -4.10 -15.40
C TYR A 44 18.23 -2.61 -15.76
N THR A 45 17.59 -1.84 -14.88
CA THR A 45 17.26 -0.44 -15.12
C THR A 45 18.42 0.49 -14.70
N SER A 46 18.65 1.54 -15.52
CA SER A 46 19.43 2.72 -15.13
C SER A 46 18.59 3.58 -14.18
N SER A 47 17.26 3.57 -14.42
CA SER A 47 16.25 4.32 -13.67
C SER A 47 16.40 5.84 -13.86
N SER A 48 15.84 6.32 -14.98
CA SER A 48 15.68 7.76 -15.27
C SER A 48 14.26 8.21 -14.89
N ASP A 49 13.36 7.22 -14.70
CA ASP A 49 11.94 7.44 -14.42
C ASP A 49 11.63 7.31 -12.93
N MET A 50 10.42 7.74 -12.54
CA MET A 50 9.96 7.70 -11.13
C MET A 50 9.28 6.36 -10.80
N LYS A 51 8.90 6.22 -9.52
CA LYS A 51 8.44 4.96 -8.94
C LYS A 51 6.91 4.87 -9.02
N GLN A 52 6.41 3.74 -9.53
CA GLN A 52 4.96 3.45 -9.64
C GLN A 52 4.34 3.24 -8.24
N GLN A 53 3.00 3.09 -8.17
CA GLN A 53 2.32 2.87 -6.89
C GLN A 53 2.38 1.40 -6.46
N VAL A 54 2.32 1.20 -5.14
CA VAL A 54 2.38 -0.13 -4.49
C VAL A 54 1.39 -0.17 -3.33
N LYS A 55 0.82 -1.35 -3.06
CA LYS A 55 -0.23 -1.51 -2.04
C LYS A 55 -0.03 -2.81 -1.24
N LEU A 56 -0.19 -2.68 0.09
CA LEU A 56 -0.03 -3.76 1.08
C LEU A 56 -1.34 -3.85 1.87
N THR A 57 -1.68 -5.02 2.44
CA THR A 57 -2.93 -5.20 3.21
C THR A 57 -2.62 -5.64 4.66
N PHE A 58 -3.15 -4.89 5.63
CA PHE A 58 -3.01 -5.13 7.07
C PHE A 58 -4.43 -5.21 7.67
N GLU A 59 -4.63 -6.06 8.67
CA GLU A 59 -5.98 -6.34 9.22
C GLU A 59 -6.56 -5.13 9.99
N THR A 60 -5.69 -4.24 10.47
CA THR A 60 -6.09 -3.02 11.19
C THR A 60 -5.29 -1.82 10.69
N GLN A 61 -5.80 -0.61 11.00
CA GLN A 61 -5.10 0.66 10.71
C GLN A 61 -3.77 0.72 11.46
N GLU A 62 -3.79 0.27 12.73
CA GLU A 62 -2.63 0.34 13.65
C GLU A 62 -1.42 -0.41 13.09
N GLN A 63 -1.66 -1.58 12.47
CA GLN A 63 -0.59 -2.40 11.86
C GLN A 63 0.03 -1.69 10.64
N ALA A 64 -0.79 -0.93 9.90
CA ALA A 64 -0.37 -0.25 8.67
C ALA A 64 0.38 1.06 8.98
N GLU A 65 -0.11 1.78 9.98
CA GLU A 65 0.48 3.07 10.37
C GLU A 65 1.80 2.85 11.12
N ALA A 66 1.86 1.81 11.98
CA ALA A 66 3.09 1.42 12.70
C ALA A 66 4.17 0.91 11.75
N TYR A 67 3.73 0.26 10.64
CA TYR A 67 4.65 -0.25 9.61
C TYR A 67 5.32 0.94 8.89
N ALA A 68 4.49 1.91 8.47
CA ALA A 68 4.93 3.17 7.87
C ALA A 68 5.87 3.94 8.82
N GLN A 69 5.50 4.01 10.11
CA GLN A 69 6.30 4.70 11.16
C GLN A 69 7.67 4.03 11.35
N ARG A 70 7.69 2.68 11.36
CA ARG A 70 8.92 1.85 11.45
C ARG A 70 9.90 2.22 10.32
N LYS A 71 9.33 2.51 9.14
CA LYS A 71 10.07 2.88 7.94
C LYS A 71 10.36 4.39 7.90
N GLY A 72 9.56 5.17 8.65
CA GLY A 72 9.63 6.64 8.64
C GLY A 72 8.58 7.26 7.70
N ILE A 73 7.92 6.41 6.89
CA ILE A 73 6.99 6.84 5.82
C ILE A 73 5.90 7.80 6.38
N GLU A 74 5.98 9.06 5.90
CA GLU A 74 4.92 10.05 6.14
C GLU A 74 3.60 9.49 5.59
N TYR A 75 2.52 9.53 6.40
CA TYR A 75 1.28 8.83 6.06
C TYR A 75 0.05 9.66 6.48
N ARG A 76 -1.01 9.53 5.68
CA ARG A 76 -2.34 10.07 5.97
C ARG A 76 -3.30 8.90 6.14
N VAL A 77 -4.14 8.92 7.20
CA VAL A 77 -5.17 7.89 7.40
C VAL A 77 -6.55 8.48 7.01
N ILE A 78 -7.24 7.75 6.13
CA ILE A 78 -8.54 8.12 5.57
C ILE A 78 -9.55 7.05 6.00
N LEU A 79 -10.70 7.47 6.51
CA LEU A 79 -11.79 6.55 6.83
C LEU A 79 -12.50 6.08 5.55
N PRO A 80 -13.05 4.82 5.55
CA PRO A 80 -13.85 4.32 4.40
C PRO A 80 -15.18 5.09 4.27
N LYS A 81 -15.79 5.05 3.06
CA LYS A 81 -17.08 5.74 2.78
C LYS A 81 -18.20 5.16 3.66
N GLU A 82 -18.05 3.88 4.04
CA GLU A 82 -19.01 3.13 4.87
C GLU A 82 -18.99 3.64 6.33
N ALA A 83 -17.83 4.17 6.77
CA ALA A 83 -17.67 4.76 8.10
C ALA A 83 -18.39 6.11 8.14
N MET A 4 8.36 8.54 0.24
CA MET A 4 7.02 8.04 -0.19
C MET A 4 5.97 8.54 0.79
N SER A 5 4.73 8.66 0.34
CA SER A 5 3.61 9.14 1.17
C SER A 5 2.50 8.09 1.10
N ALA A 6 2.17 7.50 2.26
CA ALA A 6 1.21 6.38 2.34
C ALA A 6 -0.15 6.89 2.82
N LYS A 7 -1.22 6.44 2.18
CA LYS A 7 -2.59 6.78 2.58
C LYS A 7 -3.22 5.53 3.22
N ILE A 8 -3.71 5.67 4.46
CA ILE A 8 -4.38 4.59 5.18
C ILE A 8 -5.87 4.88 5.17
N TYR A 9 -6.63 3.96 4.62
CA TYR A 9 -8.07 4.10 4.49
C TYR A 9 -8.70 2.72 4.62
N ARG A 10 -10.02 2.66 4.60
CA ARG A 10 -10.76 1.40 4.67
C ARG A 10 -11.87 1.45 3.63
N PRO A 11 -11.62 0.90 2.40
CA PRO A 11 -12.54 1.01 1.27
C PRO A 11 -13.52 -0.18 1.22
N ALA A 12 -14.07 -0.43 0.04
CA ALA A 12 -14.90 -1.60 -0.27
C ALA A 12 -14.26 -2.36 -1.45
N LYS A 13 -13.00 -1.96 -1.74
CA LYS A 13 -12.20 -2.46 -2.86
C LYS A 13 -11.54 -3.81 -2.52
N THR A 14 -11.55 -4.13 -1.22
CA THR A 14 -11.09 -5.42 -0.70
C THR A 14 -11.92 -6.59 -1.28
N ALA A 15 -11.42 -7.17 -2.37
CA ALA A 15 -12.03 -8.33 -3.06
C ALA A 15 -11.71 -9.64 -2.31
N MET A 16 -12.15 -10.79 -2.87
CA MET A 16 -11.91 -12.12 -2.27
C MET A 16 -10.41 -12.45 -2.31
N GLN A 17 -9.69 -12.01 -1.28
CA GLN A 17 -8.24 -12.21 -1.13
C GLN A 17 -8.03 -13.49 -0.32
N SER A 18 -7.53 -14.54 -1.01
CA SER A 18 -7.38 -15.90 -0.44
C SER A 18 -8.77 -16.47 -0.04
N GLY A 19 -9.83 -15.93 -0.69
CA GLY A 19 -11.22 -16.31 -0.41
C GLY A 19 -11.93 -15.30 0.49
N THR A 20 -11.21 -14.81 1.53
CA THR A 20 -11.80 -13.97 2.60
C THR A 20 -12.00 -12.52 2.13
N ALA A 21 -13.19 -11.96 2.45
CA ALA A 21 -13.62 -10.60 2.06
C ALA A 21 -14.91 -10.18 2.80
N LYS A 22 -15.31 -10.96 3.84
CA LYS A 22 -16.56 -10.73 4.59
C LYS A 22 -16.54 -9.37 5.33
N THR A 23 -15.33 -8.98 5.77
CA THR A 23 -15.06 -7.66 6.36
C THR A 23 -14.14 -6.87 5.42
N ASN A 24 -14.51 -5.62 5.11
CA ASN A 24 -13.66 -4.71 4.35
C ASN A 24 -12.58 -4.14 5.29
N VAL A 25 -11.35 -4.68 5.18
CA VAL A 25 -10.23 -4.29 6.06
C VAL A 25 -9.58 -2.97 5.59
N TRP A 26 -8.53 -2.52 6.31
CA TRP A 26 -7.85 -1.26 6.04
C TRP A 26 -6.79 -1.49 4.94
N VAL A 27 -6.82 -0.65 3.91
CA VAL A 27 -5.81 -0.71 2.84
C VAL A 27 -4.80 0.42 3.02
N LEU A 28 -3.53 0.06 2.80
CA LEU A 28 -2.38 0.95 2.89
C LEU A 28 -1.78 1.05 1.49
N GLU A 29 -2.01 2.17 0.85
CA GLU A 29 -1.59 2.41 -0.53
C GLU A 29 -0.54 3.50 -0.51
N PHE A 30 0.58 3.27 -1.19
CA PHE A 30 1.67 4.21 -1.32
C PHE A 30 2.36 4.08 -2.67
N ASP A 31 3.01 5.16 -3.08
CA ASP A 31 3.99 5.08 -4.17
C ASP A 31 5.20 4.28 -3.62
N ALA A 32 5.63 3.25 -4.36
CA ALA A 32 6.55 2.19 -3.83
C ALA A 32 7.83 2.75 -3.18
N GLU A 33 8.24 2.10 -2.08
CA GLU A 33 9.48 2.41 -1.33
C GLU A 33 10.71 1.78 -2.03
N VAL A 34 10.81 1.98 -3.35
CA VAL A 34 11.83 1.32 -4.18
C VAL A 34 12.81 2.37 -4.75
N PRO A 35 14.16 2.15 -4.62
CA PRO A 35 15.16 2.90 -5.40
C PRO A 35 15.34 2.27 -6.79
N ARG A 36 16.55 2.34 -7.35
CA ARG A 36 16.90 1.55 -8.55
C ARG A 36 17.32 0.11 -8.14
N LYS A 37 16.47 -0.55 -7.32
CA LYS A 37 16.73 -1.89 -6.75
C LYS A 37 16.40 -2.97 -7.80
N ILE A 38 17.28 -3.06 -8.82
CA ILE A 38 17.10 -3.90 -10.01
C ILE A 38 18.49 -4.43 -10.44
N ASP A 39 18.52 -5.66 -10.95
CA ASP A 39 19.78 -6.34 -11.37
C ASP A 39 19.86 -6.46 -12.89
N PRO A 40 21.11 -6.59 -13.47
CA PRO A 40 21.29 -6.89 -14.91
C PRO A 40 20.63 -8.23 -15.29
N ILE A 41 20.68 -9.18 -14.33
CA ILE A 41 20.07 -10.53 -14.47
C ILE A 41 18.54 -10.42 -14.68
N MET A 42 17.92 -9.45 -13.97
CA MET A 42 16.47 -9.19 -14.05
C MET A 42 16.07 -8.64 -15.43
N GLY A 43 16.97 -7.83 -16.03
CA GLY A 43 16.71 -7.19 -17.32
C GLY A 43 15.67 -6.08 -17.23
N TYR A 44 15.43 -5.58 -15.99
CA TYR A 44 14.47 -4.49 -15.72
C TYR A 44 15.24 -3.18 -15.45
N THR A 45 16.46 -3.09 -16.03
CA THR A 45 17.40 -1.98 -15.82
C THR A 45 17.05 -0.75 -16.68
N SER A 46 16.47 -0.98 -17.88
CA SER A 46 16.01 0.11 -18.77
C SER A 46 14.81 0.83 -18.12
N SER A 47 13.89 0.03 -17.57
CA SER A 47 12.73 0.53 -16.83
C SER A 47 13.08 0.61 -15.33
N SER A 48 13.93 1.60 -14.99
CA SER A 48 14.36 1.86 -13.61
C SER A 48 13.17 2.45 -12.82
N ASP A 49 12.42 1.56 -12.12
CA ASP A 49 11.19 1.94 -11.42
C ASP A 49 11.51 2.79 -10.17
N MET A 50 10.95 4.01 -10.15
CA MET A 50 11.19 4.99 -9.08
C MET A 50 10.21 4.80 -7.93
N LYS A 51 8.92 4.57 -8.26
CA LYS A 51 7.85 4.33 -7.27
C LYS A 51 6.52 3.92 -7.96
N GLN A 52 6.37 2.61 -8.23
CA GLN A 52 5.10 2.02 -8.73
C GLN A 52 4.09 1.94 -7.58
N GLN A 53 2.82 2.20 -7.85
CA GLN A 53 1.81 2.22 -6.78
C GLN A 53 1.56 0.78 -6.28
N VAL A 54 1.55 0.66 -4.97
CA VAL A 54 1.47 -0.63 -4.25
C VAL A 54 0.49 -0.50 -3.09
N LYS A 55 -0.18 -1.61 -2.74
CA LYS A 55 -1.16 -1.63 -1.66
C LYS A 55 -1.09 -2.95 -0.86
N LEU A 56 -1.15 -2.78 0.47
CA LEU A 56 -1.07 -3.85 1.46
C LEU A 56 -2.35 -3.81 2.29
N THR A 57 -2.85 -4.95 2.77
CA THR A 57 -4.09 -5.03 3.55
C THR A 57 -3.79 -5.46 5.00
N PHE A 58 -4.36 -4.72 5.95
CA PHE A 58 -4.21 -4.94 7.40
C PHE A 58 -5.59 -4.91 8.06
N GLU A 59 -5.79 -5.68 9.14
CA GLU A 59 -7.09 -5.78 9.84
C GLU A 59 -7.45 -4.48 10.59
N THR A 60 -6.42 -3.70 11.00
CA THR A 60 -6.62 -2.40 11.69
C THR A 60 -5.71 -1.32 11.06
N GLN A 61 -6.05 -0.06 11.35
CA GLN A 61 -5.22 1.11 11.01
C GLN A 61 -3.85 1.03 11.72
N GLU A 62 -3.88 0.56 12.99
CA GLU A 62 -2.69 0.44 13.86
C GLU A 62 -1.58 -0.36 13.18
N GLN A 63 -1.97 -1.46 12.52
CA GLN A 63 -1.05 -2.36 11.79
C GLN A 63 -0.45 -1.66 10.54
N ALA A 64 -1.25 -0.81 9.86
CA ALA A 64 -0.85 -0.15 8.60
C ALA A 64 0.13 1.02 8.87
N GLU A 65 -0.16 1.77 9.95
CA GLU A 65 0.71 2.87 10.39
C GLU A 65 2.01 2.33 10.97
N ALA A 66 1.94 1.20 11.69
CA ALA A 66 3.12 0.49 12.23
C ALA A 66 4.12 0.13 11.12
N TYR A 67 3.61 -0.27 9.94
CA TYR A 67 4.43 -0.57 8.76
C TYR A 67 5.17 0.68 8.29
N ALA A 68 4.40 1.71 7.92
CA ALA A 68 4.90 3.00 7.42
C ALA A 68 5.96 3.63 8.37
N GLN A 69 5.64 3.66 9.67
CA GLN A 69 6.53 4.22 10.72
C GLN A 69 7.86 3.45 10.80
N ARG A 70 7.80 2.11 10.79
CA ARG A 70 8.98 1.21 10.82
C ARG A 70 9.89 1.47 9.60
N LYS A 71 9.28 1.81 8.46
CA LYS A 71 9.99 2.07 7.19
C LYS A 71 10.45 3.54 7.09
N GLY A 72 9.79 4.43 7.87
CA GLY A 72 10.02 5.88 7.79
C GLY A 72 9.08 6.57 6.79
N ILE A 73 8.18 5.77 6.17
CA ILE A 73 7.18 6.30 5.21
C ILE A 73 6.23 7.28 5.91
N GLU A 74 6.39 8.57 5.53
CA GLU A 74 5.43 9.61 5.94
C GLU A 74 4.02 9.22 5.43
N TYR A 75 2.97 9.36 6.26
CA TYR A 75 1.64 8.85 5.93
C TYR A 75 0.54 9.80 6.45
N ARG A 76 -0.60 9.80 5.77
CA ARG A 76 -1.83 10.49 6.19
C ARG A 76 -2.97 9.46 6.21
N VAL A 77 -3.84 9.56 7.23
CA VAL A 77 -4.97 8.63 7.43
C VAL A 77 -6.31 9.30 7.05
N ILE A 78 -7.14 8.54 6.34
CA ILE A 78 -8.51 8.87 5.96
C ILE A 78 -9.46 7.95 6.74
N LEU A 79 -10.69 8.43 7.03
CA LEU A 79 -11.74 7.62 7.66
C LEU A 79 -12.37 6.62 6.64
N PRO A 80 -12.96 5.47 7.11
CA PRO A 80 -13.53 4.41 6.22
C PRO A 80 -14.74 4.88 5.38
N LYS A 81 -15.16 4.04 4.41
CA LYS A 81 -16.40 4.23 3.62
C LYS A 81 -17.67 4.08 4.51
N GLU A 82 -17.48 3.42 5.67
CA GLU A 82 -18.55 3.17 6.65
C GLU A 82 -18.52 4.22 7.78
N ALA A 83 -17.73 5.30 7.59
CA ALA A 83 -17.58 6.37 8.59
C ALA A 83 -18.87 7.20 8.68
N MET A 4 8.93 9.84 1.28
CA MET A 4 7.66 9.93 0.50
C MET A 4 6.48 9.66 1.44
N SER A 5 5.24 9.67 0.89
CA SER A 5 4.00 9.59 1.69
C SER A 5 3.21 8.31 1.36
N ALA A 6 2.75 7.63 2.42
CA ALA A 6 1.89 6.44 2.30
C ALA A 6 0.44 6.85 2.62
N LYS A 7 -0.51 6.26 1.94
CA LYS A 7 -1.94 6.48 2.17
C LYS A 7 -2.53 5.23 2.85
N ILE A 8 -3.17 5.43 4.01
CA ILE A 8 -3.91 4.37 4.69
C ILE A 8 -5.39 4.64 4.43
N TYR A 9 -6.05 3.66 3.88
CA TYR A 9 -7.47 3.70 3.60
C TYR A 9 -8.02 2.28 3.72
N ARG A 10 -9.33 2.13 3.57
CA ARG A 10 -9.99 0.83 3.54
C ARG A 10 -11.10 0.92 2.50
N PRO A 11 -10.85 0.44 1.25
CA PRO A 11 -11.83 0.57 0.17
C PRO A 11 -13.02 -0.41 0.36
N ALA A 12 -14.16 -0.07 -0.27
CA ALA A 12 -15.35 -0.94 -0.30
C ALA A 12 -14.99 -2.31 -0.93
N LYS A 13 -14.02 -2.27 -1.86
CA LYS A 13 -13.44 -3.45 -2.49
C LYS A 13 -11.90 -3.28 -2.55
N THR A 14 -11.18 -4.16 -1.85
CA THR A 14 -9.71 -4.19 -1.86
C THR A 14 -9.19 -4.80 -3.17
N ALA A 15 -10.05 -5.62 -3.79
CA ALA A 15 -9.83 -6.25 -5.09
C ALA A 15 -11.19 -6.72 -5.62
N MET A 16 -11.20 -7.67 -6.57
CA MET A 16 -12.45 -8.32 -7.02
C MET A 16 -13.00 -9.18 -5.86
N GLN A 17 -14.14 -8.75 -5.29
CA GLN A 17 -14.70 -9.36 -4.05
C GLN A 17 -16.10 -9.98 -4.32
N SER A 18 -16.14 -10.96 -5.24
CA SER A 18 -17.36 -11.73 -5.54
C SER A 18 -17.01 -13.19 -5.85
N GLY A 19 -17.46 -14.12 -4.99
CA GLY A 19 -17.16 -15.55 -5.12
C GLY A 19 -15.78 -15.90 -4.59
N THR A 20 -15.25 -15.06 -3.68
CA THR A 20 -13.89 -15.20 -3.13
C THR A 20 -13.87 -14.82 -1.64
N ALA A 21 -12.70 -14.96 -0.99
CA ALA A 21 -12.49 -14.58 0.42
C ALA A 21 -12.72 -13.07 0.63
N LYS A 22 -13.51 -12.74 1.67
CA LYS A 22 -13.77 -11.34 2.06
C LYS A 22 -12.52 -10.79 2.76
N THR A 23 -11.62 -10.25 1.93
CA THR A 23 -10.35 -9.66 2.37
C THR A 23 -10.47 -8.12 2.38
N ASN A 24 -11.70 -7.63 2.65
CA ASN A 24 -12.03 -6.18 2.74
C ASN A 24 -11.41 -5.58 4.03
N VAL A 25 -10.09 -5.35 3.97
CA VAL A 25 -9.28 -4.85 5.10
C VAL A 25 -8.62 -3.52 4.72
N TRP A 26 -7.69 -3.02 5.55
CA TRP A 26 -7.07 -1.72 5.36
C TRP A 26 -5.88 -1.88 4.39
N VAL A 27 -5.82 -1.01 3.41
CA VAL A 27 -4.71 -1.01 2.44
C VAL A 27 -3.72 0.10 2.82
N LEU A 28 -2.43 -0.22 2.71
CA LEU A 28 -1.32 0.70 2.88
C LEU A 28 -0.62 0.75 1.52
N GLU A 29 -0.84 1.85 0.83
CA GLU A 29 -0.18 2.09 -0.46
C GLU A 29 0.85 3.18 -0.23
N PHE A 30 2.03 3.03 -0.80
CA PHE A 30 3.14 4.01 -0.63
C PHE A 30 3.62 4.48 -1.99
N ASP A 31 4.29 5.63 -1.99
CA ASP A 31 4.77 6.24 -3.23
C ASP A 31 6.24 5.84 -3.32
N ALA A 32 6.51 4.75 -4.04
CA ALA A 32 7.88 4.25 -4.26
C ALA A 32 8.72 5.32 -4.96
N GLU A 33 9.94 5.52 -4.47
CA GLU A 33 10.87 6.54 -5.00
C GLU A 33 11.77 5.94 -6.08
N VAL A 34 11.24 4.95 -6.83
CA VAL A 34 12.03 4.13 -7.76
C VAL A 34 11.29 4.01 -9.12
N PRO A 35 11.84 4.62 -10.23
CA PRO A 35 11.25 4.54 -11.59
C PRO A 35 11.55 3.21 -12.28
N ARG A 36 11.54 3.21 -13.63
CA ARG A 36 11.83 2.05 -14.50
C ARG A 36 13.08 1.22 -14.05
N LYS A 37 14.08 1.88 -13.41
CA LYS A 37 15.30 1.21 -12.91
C LYS A 37 14.97 0.39 -11.64
N ILE A 38 14.44 -0.83 -11.87
CA ILE A 38 14.10 -1.82 -10.81
C ILE A 38 14.75 -3.17 -11.18
N ASP A 39 14.92 -4.06 -10.17
CA ASP A 39 15.45 -5.44 -10.32
C ASP A 39 14.88 -6.14 -11.57
N PRO A 40 15.74 -6.79 -12.45
CA PRO A 40 15.29 -7.43 -13.72
C PRO A 40 14.21 -8.52 -13.52
N ILE A 41 14.10 -9.01 -12.29
CA ILE A 41 13.10 -10.00 -11.87
C ILE A 41 11.66 -9.43 -11.97
N MET A 42 11.52 -8.14 -11.60
CA MET A 42 10.22 -7.45 -11.49
C MET A 42 10.30 -6.03 -12.07
N GLY A 43 11.26 -5.78 -12.97
CA GLY A 43 11.56 -4.43 -13.45
C GLY A 43 11.39 -4.26 -14.95
N TYR A 44 12.03 -5.17 -15.72
CA TYR A 44 12.03 -5.12 -17.20
C TYR A 44 10.59 -5.21 -17.74
N THR A 45 10.05 -4.04 -18.13
CA THR A 45 8.73 -3.83 -18.78
C THR A 45 7.51 -4.14 -17.87
N SER A 46 7.68 -4.95 -16.82
CA SER A 46 6.68 -5.17 -15.76
C SER A 46 6.58 -3.93 -14.85
N SER A 47 7.64 -3.11 -14.88
CA SER A 47 7.71 -1.81 -14.18
C SER A 47 8.34 -0.78 -15.12
N SER A 48 7.73 -0.62 -16.32
CA SER A 48 8.20 0.32 -17.37
C SER A 48 7.58 1.73 -17.15
N ASP A 49 7.40 2.11 -15.88
CA ASP A 49 6.75 3.39 -15.48
C ASP A 49 7.59 4.10 -14.42
N MET A 50 7.26 5.38 -14.18
CA MET A 50 7.88 6.18 -13.13
C MET A 50 7.17 5.91 -11.79
N LYS A 51 7.90 5.24 -10.86
CA LYS A 51 7.51 5.06 -9.44
C LYS A 51 6.32 4.09 -9.31
N GLN A 52 6.59 2.89 -8.74
CA GLN A 52 5.55 1.86 -8.55
C GLN A 52 4.86 2.03 -7.17
N GLN A 53 3.66 2.60 -7.17
CA GLN A 53 2.89 2.76 -5.92
C GLN A 53 2.28 1.40 -5.53
N VAL A 54 3.05 0.61 -4.77
CA VAL A 54 2.71 -0.77 -4.37
C VAL A 54 1.86 -0.71 -3.09
N LYS A 55 1.18 -1.82 -2.77
CA LYS A 55 0.23 -1.85 -1.66
C LYS A 55 0.38 -3.14 -0.83
N LEU A 56 0.13 -2.97 0.46
CA LEU A 56 0.11 -4.04 1.47
C LEU A 56 -1.29 -4.04 2.08
N THR A 57 -1.73 -5.16 2.64
CA THR A 57 -3.02 -5.24 3.35
C THR A 57 -2.80 -5.68 4.81
N PHE A 58 -3.42 -4.94 5.72
CA PHE A 58 -3.40 -5.17 7.17
C PHE A 58 -4.84 -5.21 7.67
N GLU A 59 -5.10 -6.02 8.70
CA GLU A 59 -6.47 -6.21 9.25
C GLU A 59 -6.99 -4.94 9.96
N THR A 60 -6.05 -4.09 10.42
CA THR A 60 -6.36 -2.82 11.11
C THR A 60 -5.50 -1.68 10.54
N GLN A 61 -5.96 -0.43 10.77
CA GLN A 61 -5.20 0.80 10.49
C GLN A 61 -3.91 0.82 11.29
N GLU A 62 -4.02 0.38 12.55
CA GLU A 62 -2.95 0.41 13.55
C GLU A 62 -1.70 -0.35 13.06
N GLN A 63 -1.91 -1.48 12.40
CA GLN A 63 -0.82 -2.29 11.82
C GLN A 63 -0.16 -1.60 10.60
N ALA A 64 -0.96 -0.82 9.84
CA ALA A 64 -0.47 -0.13 8.61
C ALA A 64 0.39 1.09 8.96
N GLU A 65 -0.06 1.82 9.99
CA GLU A 65 0.67 3.01 10.49
C GLU A 65 1.93 2.59 11.26
N ALA A 66 1.86 1.47 12.01
CA ALA A 66 3.02 0.86 12.68
C ALA A 66 4.12 0.48 11.68
N TYR A 67 3.70 -0.02 10.50
CA TYR A 67 4.61 -0.38 9.41
C TYR A 67 5.31 0.87 8.86
N ALA A 68 4.51 1.84 8.37
CA ALA A 68 4.99 3.10 7.75
C ALA A 68 5.96 3.88 8.69
N GLN A 69 5.54 4.07 9.95
CA GLN A 69 6.33 4.83 10.95
C GLN A 69 7.67 4.14 11.26
N ARG A 70 7.67 2.78 11.32
CA ARG A 70 8.89 1.97 11.52
C ARG A 70 9.89 2.18 10.37
N LYS A 71 9.36 2.45 9.17
CA LYS A 71 10.17 2.74 7.96
C LYS A 71 10.53 4.23 7.90
N GLY A 72 9.75 5.08 8.60
CA GLY A 72 9.89 6.53 8.55
C GLY A 72 8.93 7.20 7.56
N ILE A 73 8.14 6.36 6.86
CA ILE A 73 7.18 6.85 5.84
C ILE A 73 6.04 7.65 6.53
N GLU A 74 6.09 8.98 6.29
CA GLU A 74 4.96 9.87 6.65
C GLU A 74 3.69 9.38 5.94
N TYR A 75 2.53 9.42 6.60
CA TYR A 75 1.30 8.78 6.10
C TYR A 75 0.06 9.64 6.37
N ARG A 76 -0.94 9.53 5.49
CA ARG A 76 -2.27 10.17 5.68
C ARG A 76 -3.35 9.08 5.69
N VAL A 77 -4.20 9.10 6.72
CA VAL A 77 -5.26 8.10 6.94
C VAL A 77 -6.60 8.69 6.53
N ILE A 78 -7.39 7.92 5.78
CA ILE A 78 -8.70 8.31 5.27
C ILE A 78 -9.69 7.19 5.61
N LEU A 79 -10.74 7.56 6.37
CA LEU A 79 -11.74 6.61 6.89
C LEU A 79 -12.54 5.93 5.75
N PRO A 80 -12.88 4.62 5.91
CA PRO A 80 -13.72 3.88 4.93
C PRO A 80 -15.19 4.33 4.92
N LYS A 81 -15.98 3.62 4.11
CA LYS A 81 -17.42 3.85 3.94
C LYS A 81 -18.27 3.33 5.14
N GLU A 82 -17.61 3.01 6.28
CA GLU A 82 -18.28 2.41 7.46
C GLU A 82 -17.73 2.95 8.79
N ALA A 83 -16.60 3.71 8.76
CA ALA A 83 -15.98 4.26 9.99
C ALA A 83 -16.59 5.62 10.36
N MET A 4 8.77 9.67 1.15
CA MET A 4 7.70 8.86 0.55
C MET A 4 6.46 8.93 1.45
N SER A 5 5.25 8.92 0.84
CA SER A 5 3.97 9.15 1.57
C SER A 5 3.03 7.94 1.42
N ALA A 6 2.62 7.35 2.56
CA ALA A 6 1.70 6.20 2.60
C ALA A 6 0.29 6.69 2.92
N LYS A 7 -0.72 6.15 2.22
CA LYS A 7 -2.13 6.45 2.48
C LYS A 7 -2.79 5.18 3.02
N ILE A 8 -3.39 5.30 4.21
CA ILE A 8 -4.07 4.18 4.88
C ILE A 8 -5.57 4.43 4.75
N TYR A 9 -6.28 3.48 4.16
CA TYR A 9 -7.71 3.55 3.90
C TYR A 9 -8.28 2.14 3.93
N ARG A 10 -9.61 2.02 3.83
CA ARG A 10 -10.28 0.72 3.77
C ARG A 10 -11.41 0.81 2.73
N PRO A 11 -11.16 0.34 1.48
CA PRO A 11 -12.13 0.46 0.37
C PRO A 11 -13.22 -0.64 0.44
N ALA A 12 -14.21 -0.55 -0.46
CA ALA A 12 -15.31 -1.53 -0.58
C ALA A 12 -14.81 -2.84 -1.26
N LYS A 13 -13.67 -2.74 -1.95
CA LYS A 13 -12.92 -3.88 -2.49
C LYS A 13 -11.42 -3.53 -2.46
N THR A 14 -10.59 -4.39 -1.83
CA THR A 14 -9.15 -4.16 -1.66
C THR A 14 -8.41 -4.22 -3.03
N ALA A 15 -8.14 -5.44 -3.51
CA ALA A 15 -7.38 -5.72 -4.74
C ALA A 15 -7.25 -7.25 -4.87
N MET A 16 -6.54 -7.85 -3.91
CA MET A 16 -6.38 -9.31 -3.79
C MET A 16 -7.59 -9.88 -3.01
N GLN A 17 -8.49 -10.56 -3.73
CA GLN A 17 -9.75 -11.07 -3.18
C GLN A 17 -9.55 -12.46 -2.55
N SER A 18 -9.11 -12.46 -1.27
CA SER A 18 -8.91 -13.70 -0.50
C SER A 18 -10.18 -14.01 0.32
N GLY A 19 -10.39 -13.26 1.42
CA GLY A 19 -11.60 -13.35 2.25
C GLY A 19 -12.39 -12.04 2.24
N THR A 20 -12.11 -11.22 1.22
CA THR A 20 -12.63 -9.85 1.09
C THR A 20 -14.08 -9.84 0.54
N ALA A 21 -14.57 -11.02 0.10
CA ALA A 21 -15.98 -11.21 -0.30
C ALA A 21 -16.89 -11.21 0.96
N LYS A 22 -16.29 -11.55 2.11
CA LYS A 22 -16.95 -11.47 3.43
C LYS A 22 -16.69 -10.09 4.04
N THR A 23 -15.40 -9.81 4.34
CA THR A 23 -14.95 -8.53 4.92
C THR A 23 -13.61 -8.10 4.29
N ASN A 24 -13.56 -6.86 3.78
CA ASN A 24 -12.30 -6.24 3.32
C ASN A 24 -11.49 -5.72 4.52
N VAL A 25 -10.19 -5.51 4.28
CA VAL A 25 -9.25 -4.97 5.28
C VAL A 25 -8.71 -3.60 4.81
N TRP A 26 -7.76 -3.04 5.57
CA TRP A 26 -7.19 -1.72 5.31
C TRP A 26 -6.03 -1.88 4.31
N VAL A 27 -6.02 -1.03 3.28
CA VAL A 27 -4.93 -1.00 2.31
C VAL A 27 -4.00 0.18 2.63
N LEU A 28 -2.69 -0.07 2.52
CA LEU A 28 -1.66 0.94 2.62
C LEU A 28 -0.99 0.99 1.26
N GLU A 29 -1.25 2.06 0.53
CA GLU A 29 -0.60 2.30 -0.77
C GLU A 29 0.38 3.44 -0.57
N PHE A 30 1.60 3.32 -1.08
CA PHE A 30 2.64 4.36 -0.87
C PHE A 30 3.54 4.51 -2.08
N ASP A 31 4.12 5.70 -2.21
CA ASP A 31 5.28 5.95 -3.06
C ASP A 31 6.42 5.08 -2.53
N ALA A 32 6.81 4.01 -3.25
CA ALA A 32 7.76 3.01 -2.72
C ALA A 32 9.14 3.60 -2.40
N GLU A 33 9.81 2.95 -1.42
CA GLU A 33 11.15 3.33 -0.95
C GLU A 33 12.28 2.75 -1.83
N VAL A 34 11.91 2.18 -2.99
CA VAL A 34 12.85 1.66 -3.97
C VAL A 34 13.12 2.75 -5.04
N PRO A 35 14.41 3.02 -5.41
CA PRO A 35 14.78 3.90 -6.54
C PRO A 35 14.12 3.52 -7.89
N ARG A 36 14.29 4.42 -8.89
CA ARG A 36 13.82 4.21 -10.29
C ARG A 36 14.57 3.05 -10.99
N LYS A 37 15.68 2.61 -10.38
CA LYS A 37 16.47 1.48 -10.83
C LYS A 37 15.72 0.17 -10.55
N ILE A 38 15.24 -0.45 -11.63
CA ILE A 38 14.51 -1.74 -11.58
C ILE A 38 15.47 -2.92 -11.79
N ASP A 39 15.03 -4.14 -11.41
CA ASP A 39 15.82 -5.38 -11.57
C ASP A 39 15.50 -5.99 -12.97
N PRO A 40 16.48 -6.72 -13.63
CA PRO A 40 16.23 -7.46 -14.91
C PRO A 40 14.98 -8.38 -14.88
N ILE A 41 14.69 -8.98 -13.69
CA ILE A 41 13.52 -9.87 -13.49
C ILE A 41 12.21 -9.05 -13.69
N MET A 42 12.20 -7.84 -13.13
CA MET A 42 11.07 -6.89 -13.23
C MET A 42 10.81 -6.54 -14.72
N GLY A 43 11.84 -5.97 -15.37
CA GLY A 43 11.81 -5.67 -16.80
C GLY A 43 10.75 -4.64 -17.21
N TYR A 44 10.35 -3.78 -16.26
CA TYR A 44 9.32 -2.74 -16.47
C TYR A 44 9.96 -1.48 -17.11
N THR A 45 10.40 -1.62 -18.37
CA THR A 45 11.07 -0.53 -19.12
C THR A 45 10.10 0.16 -20.10
N SER A 46 8.87 -0.38 -20.20
CA SER A 46 7.81 0.16 -21.09
C SER A 46 7.45 1.60 -20.71
N SER A 47 7.19 1.80 -19.41
CA SER A 47 6.95 3.12 -18.80
C SER A 47 7.97 3.33 -17.66
N SER A 48 9.00 4.14 -17.93
CA SER A 48 10.06 4.47 -16.95
C SER A 48 9.48 5.40 -15.85
N ASP A 49 8.91 4.77 -14.81
CA ASP A 49 8.30 5.47 -13.67
C ASP A 49 9.36 5.65 -12.55
N MET A 50 9.06 6.51 -11.56
CA MET A 50 9.98 6.78 -10.44
C MET A 50 10.11 5.55 -9.52
N LYS A 51 9.00 4.82 -9.33
CA LYS A 51 8.96 3.53 -8.59
C LYS A 51 7.53 2.95 -8.60
N GLN A 52 7.43 1.63 -8.42
CA GLN A 52 6.14 0.94 -8.27
C GLN A 52 5.53 1.30 -6.91
N GLN A 53 4.48 2.14 -6.92
CA GLN A 53 3.75 2.53 -5.70
C GLN A 53 3.00 1.29 -5.13
N VAL A 54 3.68 0.55 -4.22
CA VAL A 54 3.22 -0.76 -3.70
C VAL A 54 1.98 -0.61 -2.78
N LYS A 55 1.25 -1.73 -2.59
CA LYS A 55 0.12 -1.76 -1.65
C LYS A 55 0.18 -3.02 -0.77
N LEU A 56 0.00 -2.79 0.54
CA LEU A 56 0.03 -3.80 1.58
C LEU A 56 -1.37 -3.87 2.21
N THR A 57 -1.81 -5.04 2.67
CA THR A 57 -3.10 -5.19 3.35
C THR A 57 -2.89 -5.58 4.82
N PHE A 58 -3.56 -4.86 5.73
CA PHE A 58 -3.51 -5.05 7.18
C PHE A 58 -4.95 -5.10 7.71
N GLU A 59 -5.20 -5.91 8.76
CA GLU A 59 -6.56 -6.11 9.31
C GLU A 59 -7.11 -4.84 9.98
N THR A 60 -6.20 -4.00 10.49
CA THR A 60 -6.55 -2.74 11.20
C THR A 60 -5.67 -1.59 10.69
N GLN A 61 -6.17 -0.37 10.92
CA GLN A 61 -5.44 0.89 10.69
C GLN A 61 -4.11 0.93 11.46
N GLU A 62 -4.18 0.53 12.75
CA GLU A 62 -3.05 0.53 13.70
C GLU A 62 -1.82 -0.20 13.12
N GLN A 63 -2.06 -1.37 12.52
CA GLN A 63 -1.02 -2.23 11.96
C GLN A 63 -0.40 -1.63 10.68
N ALA A 64 -1.20 -0.84 9.92
CA ALA A 64 -0.74 -0.18 8.68
C ALA A 64 0.12 1.05 8.99
N GLU A 65 -0.35 1.86 9.96
CA GLU A 65 0.35 3.10 10.31
C GLU A 65 1.68 2.80 11.03
N ALA A 66 1.66 1.75 11.89
CA ALA A 66 2.87 1.24 12.57
C ALA A 66 3.97 0.80 11.58
N TYR A 67 3.55 0.21 10.44
CA TYR A 67 4.47 -0.24 9.36
C TYR A 67 5.21 0.97 8.78
N ALA A 68 4.43 1.94 8.28
CA ALA A 68 4.92 3.21 7.71
C ALA A 68 5.89 3.93 8.68
N GLN A 69 5.48 4.05 9.94
CA GLN A 69 6.26 4.72 11.02
C GLN A 69 7.62 4.05 11.25
N ARG A 70 7.64 2.71 11.32
CA ARG A 70 8.85 1.89 11.54
C ARG A 70 9.89 2.11 10.43
N LYS A 71 9.38 2.40 9.21
CA LYS A 71 10.20 2.67 8.03
C LYS A 71 10.56 4.17 7.94
N GLY A 72 9.77 5.03 8.62
CA GLY A 72 9.92 6.49 8.51
C GLY A 72 8.96 7.11 7.50
N ILE A 73 8.19 6.25 6.80
CA ILE A 73 7.24 6.70 5.76
C ILE A 73 6.13 7.57 6.40
N GLU A 74 6.22 8.89 6.08
CA GLU A 74 5.15 9.84 6.46
C GLU A 74 3.81 9.36 5.87
N TYR A 75 2.70 9.46 6.61
CA TYR A 75 1.45 8.80 6.21
C TYR A 75 0.22 9.67 6.52
N ARG A 76 -0.81 9.53 5.66
CA ARG A 76 -2.12 10.19 5.84
C ARG A 76 -3.19 9.08 5.91
N VAL A 77 -3.78 8.90 7.10
CA VAL A 77 -4.91 7.97 7.29
C VAL A 77 -6.22 8.68 6.90
N ILE A 78 -7.06 7.96 6.16
CA ILE A 78 -8.33 8.42 5.61
C ILE A 78 -9.45 7.50 6.16
N LEU A 79 -10.51 8.10 6.70
CA LEU A 79 -11.69 7.36 7.17
C LEU A 79 -12.33 6.57 6.02
N PRO A 80 -12.68 5.28 6.26
CA PRO A 80 -13.22 4.39 5.22
C PRO A 80 -14.71 4.66 4.90
N LYS A 81 -15.18 3.96 3.84
CA LYS A 81 -16.59 4.01 3.38
C LYS A 81 -17.58 3.48 4.46
N GLU A 82 -17.07 2.59 5.34
CA GLU A 82 -17.88 1.99 6.43
C GLU A 82 -18.05 2.97 7.61
N ALA A 83 -17.10 3.92 7.74
CA ALA A 83 -17.15 4.96 8.80
C ALA A 83 -18.12 6.09 8.43
N MET A 4 8.97 9.57 1.11
CA MET A 4 7.83 8.82 0.52
C MET A 4 6.63 8.94 1.45
N SER A 5 5.41 8.98 0.88
CA SER A 5 4.18 9.17 1.66
C SER A 5 3.27 7.96 1.48
N ALA A 6 2.80 7.41 2.61
CA ALA A 6 1.90 6.25 2.64
C ALA A 6 0.45 6.72 2.88
N LYS A 7 -0.48 6.15 2.14
CA LYS A 7 -1.91 6.41 2.28
C LYS A 7 -2.53 5.14 2.89
N ILE A 8 -3.15 5.30 4.07
CA ILE A 8 -3.84 4.21 4.78
C ILE A 8 -5.31 4.47 4.58
N TYR A 9 -6.02 3.50 4.03
CA TYR A 9 -7.44 3.62 3.72
C TYR A 9 -8.06 2.23 3.79
N ARG A 10 -9.37 2.18 3.67
CA ARG A 10 -10.10 0.92 3.63
C ARG A 10 -11.19 1.05 2.57
N PRO A 11 -10.93 0.55 1.32
CA PRO A 11 -11.86 0.73 0.20
C PRO A 11 -13.10 -0.17 0.36
N ALA A 12 -14.24 0.32 -0.15
CA ALA A 12 -15.47 -0.47 -0.28
C ALA A 12 -15.22 -1.65 -1.24
N LYS A 13 -14.38 -1.38 -2.25
CA LYS A 13 -13.93 -2.39 -3.22
C LYS A 13 -12.55 -2.94 -2.79
N THR A 14 -12.56 -3.96 -1.93
CA THR A 14 -11.36 -4.73 -1.54
C THR A 14 -11.24 -6.00 -2.41
N ALA A 15 -10.22 -6.83 -2.12
CA ALA A 15 -10.08 -8.16 -2.72
C ALA A 15 -11.26 -9.05 -2.28
N MET A 16 -11.78 -9.86 -3.24
CA MET A 16 -12.93 -10.76 -3.05
C MET A 16 -14.23 -9.94 -2.85
N GLN A 17 -14.27 -8.75 -3.51
CA GLN A 17 -15.37 -7.75 -3.42
C GLN A 17 -16.77 -8.40 -3.55
N SER A 18 -17.72 -7.92 -2.71
CA SER A 18 -19.15 -8.34 -2.64
C SER A 18 -19.31 -9.62 -1.78
N GLY A 19 -18.27 -10.49 -1.78
CA GLY A 19 -18.19 -11.63 -0.86
C GLY A 19 -17.12 -11.43 0.21
N THR A 20 -16.71 -10.15 0.39
CA THR A 20 -15.61 -9.75 1.27
C THR A 20 -16.15 -9.40 2.69
N ALA A 21 -17.06 -10.26 3.19
CA ALA A 21 -17.72 -10.08 4.49
C ALA A 21 -16.71 -10.11 5.65
N LYS A 22 -16.40 -8.91 6.19
CA LYS A 22 -15.47 -8.68 7.33
C LYS A 22 -13.99 -8.74 6.89
N THR A 23 -13.67 -9.59 5.88
CA THR A 23 -12.32 -9.66 5.28
C THR A 23 -12.05 -8.42 4.39
N ASN A 24 -13.06 -7.53 4.26
CA ASN A 24 -12.88 -6.13 3.82
C ASN A 24 -11.98 -5.44 4.86
N VAL A 25 -10.73 -5.16 4.47
CA VAL A 25 -9.66 -4.69 5.38
C VAL A 25 -8.96 -3.44 4.82
N TRP A 26 -7.96 -2.93 5.56
CA TRP A 26 -7.28 -1.67 5.27
C TRP A 26 -6.10 -1.93 4.32
N VAL A 27 -6.01 -1.11 3.27
CA VAL A 27 -4.89 -1.17 2.34
C VAL A 27 -3.90 -0.04 2.67
N LEU A 28 -2.61 -0.37 2.61
CA LEU A 28 -1.50 0.55 2.81
C LEU A 28 -0.77 0.65 1.48
N GLU A 29 -0.93 1.77 0.80
CA GLU A 29 -0.27 2.01 -0.49
C GLU A 29 0.71 3.15 -0.33
N PHE A 30 1.95 2.98 -0.82
CA PHE A 30 2.97 4.03 -0.79
C PHE A 30 3.86 3.95 -2.02
N ASP A 31 4.48 5.08 -2.34
CA ASP A 31 5.55 5.17 -3.33
C ASP A 31 6.75 4.42 -2.75
N ALA A 32 7.16 3.30 -3.41
CA ALA A 32 8.17 2.38 -2.85
C ALA A 32 9.48 3.11 -2.51
N GLU A 33 9.97 2.91 -1.27
CA GLU A 33 11.18 3.56 -0.74
C GLU A 33 12.48 3.00 -1.39
N VAL A 34 12.34 1.97 -2.25
CA VAL A 34 13.46 1.36 -2.97
C VAL A 34 13.93 2.31 -4.11
N PRO A 35 15.28 2.47 -4.33
CA PRO A 35 15.82 3.14 -5.55
C PRO A 35 15.63 2.24 -6.78
N ARG A 36 16.17 2.67 -7.94
CA ARG A 36 16.13 1.85 -9.16
C ARG A 36 17.12 0.66 -9.03
N LYS A 37 16.64 -0.36 -8.33
CA LYS A 37 17.40 -1.57 -8.01
C LYS A 37 16.48 -2.79 -8.19
N ILE A 38 15.49 -2.63 -9.10
CA ILE A 38 14.58 -3.72 -9.48
C ILE A 38 15.33 -4.73 -10.35
N ASP A 39 14.77 -5.93 -10.50
CA ASP A 39 15.37 -6.99 -11.30
C ASP A 39 15.25 -6.67 -12.82
N PRO A 40 16.40 -6.65 -13.57
CA PRO A 40 16.37 -6.45 -15.05
C PRO A 40 15.80 -7.69 -15.80
N ILE A 41 15.66 -8.80 -15.04
CA ILE A 41 15.05 -10.05 -15.49
C ILE A 41 13.54 -9.84 -15.81
N MET A 42 12.92 -8.86 -15.13
CA MET A 42 11.51 -8.49 -15.36
C MET A 42 11.34 -7.87 -16.75
N GLY A 43 12.02 -6.74 -16.99
CA GLY A 43 11.98 -6.05 -18.29
C GLY A 43 10.57 -5.57 -18.69
N TYR A 44 10.41 -5.28 -20.00
CA TYR A 44 9.11 -4.89 -20.62
C TYR A 44 8.50 -3.61 -19.98
N THR A 45 9.36 -2.81 -19.32
CA THR A 45 8.96 -1.59 -18.62
C THR A 45 9.17 -0.37 -19.55
N SER A 46 8.08 0.00 -20.26
CA SER A 46 8.05 1.14 -21.20
C SER A 46 8.25 2.48 -20.46
N SER A 47 7.80 2.51 -19.20
CA SER A 47 8.00 3.64 -18.28
C SER A 47 9.42 3.61 -17.70
N SER A 48 9.99 4.82 -17.46
CA SER A 48 11.30 4.97 -16.81
C SER A 48 11.17 4.69 -15.30
N ASP A 49 11.12 3.39 -14.95
CA ASP A 49 10.84 2.92 -13.59
C ASP A 49 12.05 3.18 -12.67
N MET A 50 11.85 4.03 -11.66
CA MET A 50 12.81 4.24 -10.58
C MET A 50 12.40 3.38 -9.36
N LYS A 51 11.09 3.15 -9.24
CA LYS A 51 10.49 2.22 -8.26
C LYS A 51 9.08 1.91 -8.70
N GLN A 52 8.58 0.73 -8.31
CA GLN A 52 7.18 0.33 -8.51
C GLN A 52 6.30 0.98 -7.43
N GLN A 53 4.98 0.95 -7.64
CA GLN A 53 4.01 1.20 -6.55
C GLN A 53 3.88 -0.10 -5.75
N VAL A 54 3.61 0.01 -4.45
CA VAL A 54 3.48 -1.16 -3.57
C VAL A 54 2.30 -1.00 -2.62
N LYS A 55 1.63 -2.12 -2.32
CA LYS A 55 0.52 -2.15 -1.38
C LYS A 55 0.61 -3.39 -0.49
N LEU A 56 0.31 -3.15 0.80
CA LEU A 56 0.23 -4.18 1.84
C LEU A 56 -1.20 -4.15 2.38
N THR A 57 -1.72 -5.27 2.89
CA THR A 57 -3.09 -5.31 3.45
C THR A 57 -3.07 -5.79 4.91
N PHE A 58 -3.71 -5.00 5.79
CA PHE A 58 -3.74 -5.23 7.25
C PHE A 58 -5.18 -5.18 7.72
N GLU A 59 -5.46 -5.85 8.84
CA GLU A 59 -6.81 -5.96 9.41
C GLU A 59 -7.33 -4.60 9.93
N THR A 60 -6.38 -3.74 10.38
CA THR A 60 -6.70 -2.44 10.98
C THR A 60 -5.81 -1.33 10.38
N GLN A 61 -6.29 -0.08 10.56
CA GLN A 61 -5.52 1.16 10.31
C GLN A 61 -4.21 1.15 11.07
N GLU A 62 -4.33 0.83 12.37
CA GLU A 62 -3.25 0.79 13.36
C GLU A 62 -1.99 0.06 12.85
N GLN A 63 -2.18 -1.11 12.23
CA GLN A 63 -1.06 -1.94 11.71
C GLN A 63 -0.37 -1.29 10.49
N ALA A 64 -1.14 -0.58 9.65
CA ALA A 64 -0.64 0.00 8.38
C ALA A 64 0.11 1.31 8.64
N GLU A 65 -0.41 2.09 9.59
CA GLU A 65 0.22 3.33 10.03
C GLU A 65 1.48 3.02 10.85
N ALA A 66 1.40 1.99 11.72
CA ALA A 66 2.56 1.51 12.51
C ALA A 66 3.73 1.06 11.62
N TYR A 67 3.39 0.50 10.44
CA TYR A 67 4.39 0.09 9.44
C TYR A 67 5.15 1.33 8.95
N ALA A 68 4.39 2.29 8.41
CA ALA A 68 4.89 3.58 7.91
C ALA A 68 5.76 4.31 8.96
N GLN A 69 5.26 4.39 10.22
CA GLN A 69 5.95 5.03 11.36
C GLN A 69 7.31 4.36 11.64
N ARG A 70 7.30 3.01 11.69
CA ARG A 70 8.51 2.17 11.89
C ARG A 70 9.57 2.44 10.80
N LYS A 71 9.10 2.70 9.56
CA LYS A 71 9.95 2.98 8.41
C LYS A 71 10.41 4.46 8.40
N GLY A 72 9.60 5.34 9.04
CA GLY A 72 9.78 6.79 8.98
C GLY A 72 8.87 7.46 7.93
N ILE A 73 8.15 6.60 7.16
CA ILE A 73 7.27 7.06 6.07
C ILE A 73 6.12 7.96 6.61
N GLU A 74 6.23 9.25 6.25
CA GLU A 74 5.12 10.22 6.49
C GLU A 74 3.82 9.66 5.85
N TYR A 75 2.66 9.79 6.53
CA TYR A 75 1.43 9.10 6.08
C TYR A 75 0.17 9.90 6.42
N ARG A 76 -0.88 9.73 5.59
CA ARG A 76 -2.23 10.26 5.85
C ARG A 76 -3.23 9.08 5.89
N VAL A 77 -4.00 8.98 6.98
CA VAL A 77 -5.06 7.96 7.16
C VAL A 77 -6.44 8.52 6.71
N ILE A 78 -7.22 7.69 6.00
CA ILE A 78 -8.54 8.04 5.45
C ILE A 78 -9.58 7.07 6.04
N LEU A 79 -10.74 7.62 6.43
CA LEU A 79 -11.84 6.86 7.04
C LEU A 79 -12.60 6.02 5.97
N PRO A 80 -13.04 4.77 6.32
CA PRO A 80 -13.74 3.86 5.39
C PRO A 80 -15.24 4.21 5.22
N LYS A 81 -16.00 3.28 4.64
CA LYS A 81 -17.46 3.41 4.40
C LYS A 81 -18.31 3.21 5.69
N GLU A 82 -17.67 3.29 6.88
CA GLU A 82 -18.33 3.08 8.18
C GLU A 82 -17.66 3.97 9.24
N ALA A 83 -16.36 3.74 9.52
CA ALA A 83 -15.54 4.55 10.46
C ALA A 83 -16.19 4.63 11.87
N MET A 4 7.98 10.88 0.48
CA MET A 4 7.21 9.61 0.50
C MET A 4 6.09 9.74 1.52
N SER A 5 4.84 9.76 1.04
CA SER A 5 3.63 9.87 1.87
C SER A 5 2.80 8.58 1.73
N ALA A 6 2.49 7.94 2.87
CA ALA A 6 1.74 6.67 2.90
C ALA A 6 0.25 6.94 3.22
N LYS A 7 -0.65 6.39 2.41
CA LYS A 7 -2.10 6.54 2.60
C LYS A 7 -2.69 5.15 2.91
N ILE A 8 -3.32 5.06 4.10
CA ILE A 8 -3.89 3.81 4.63
C ILE A 8 -5.41 3.93 4.51
N TYR A 9 -6.05 2.99 3.81
CA TYR A 9 -7.48 3.12 3.50
C TYR A 9 -8.15 1.74 3.38
N ARG A 10 -9.48 1.76 3.48
CA ARG A 10 -10.33 0.59 3.16
C ARG A 10 -11.28 0.98 2.02
N PRO A 11 -10.99 0.52 0.77
CA PRO A 11 -11.83 0.84 -0.39
C PRO A 11 -13.15 0.02 -0.39
N ALA A 12 -14.25 0.69 -0.76
CA ALA A 12 -15.59 0.06 -0.97
C ALA A 12 -15.58 -0.84 -2.22
N LYS A 13 -14.52 -0.72 -3.02
CA LYS A 13 -14.16 -1.68 -4.07
C LYS A 13 -12.68 -2.07 -3.86
N THR A 14 -12.46 -3.17 -3.14
CA THR A 14 -11.11 -3.65 -2.79
C THR A 14 -10.53 -4.49 -3.93
N ALA A 15 -9.23 -4.27 -4.21
CA ALA A 15 -8.46 -5.11 -5.14
C ALA A 15 -8.48 -6.56 -4.65
N MET A 16 -9.02 -7.45 -5.50
CA MET A 16 -9.32 -8.85 -5.14
C MET A 16 -8.00 -9.64 -5.01
N GLN A 17 -7.48 -9.66 -3.77
CA GLN A 17 -6.36 -10.54 -3.36
C GLN A 17 -6.89 -11.98 -3.21
N SER A 18 -8.14 -12.07 -2.72
CA SER A 18 -8.93 -13.30 -2.67
C SER A 18 -10.42 -12.91 -2.61
N GLY A 19 -11.30 -13.79 -3.14
CA GLY A 19 -12.74 -13.54 -3.17
C GLY A 19 -13.40 -13.77 -1.82
N THR A 20 -13.14 -12.85 -0.87
CA THR A 20 -13.63 -12.93 0.51
C THR A 20 -13.69 -11.52 1.14
N ALA A 21 -13.71 -10.47 0.28
CA ALA A 21 -13.63 -9.07 0.73
C ALA A 21 -15.02 -8.55 1.18
N LYS A 22 -15.49 -9.06 2.34
CA LYS A 22 -16.65 -8.51 3.07
C LYS A 22 -16.12 -7.48 4.07
N THR A 23 -15.35 -7.99 5.06
CA THR A 23 -14.48 -7.17 5.90
C THR A 23 -13.21 -6.88 5.11
N ASN A 24 -13.20 -5.71 4.44
CA ASN A 24 -12.15 -5.34 3.47
C ASN A 24 -10.79 -5.14 4.17
N VAL A 25 -9.72 -5.58 3.51
CA VAL A 25 -8.34 -5.42 4.00
C VAL A 25 -7.91 -3.94 3.85
N TRP A 26 -7.01 -3.46 4.74
CA TRP A 26 -6.49 -2.09 4.67
C TRP A 26 -5.29 -2.09 3.72
N VAL A 27 -5.33 -1.19 2.74
CA VAL A 27 -4.27 -1.08 1.73
C VAL A 27 -3.37 0.11 2.11
N LEU A 28 -2.05 -0.08 2.00
CA LEU A 28 -1.03 0.92 2.33
C LEU A 28 -0.24 1.24 1.06
N GLU A 29 -0.53 2.40 0.49
CA GLU A 29 0.17 2.91 -0.70
C GLU A 29 1.12 4.00 -0.24
N PHE A 30 2.36 4.03 -0.74
CA PHE A 30 3.32 5.11 -0.46
C PHE A 30 4.15 5.40 -1.69
N ASP A 31 4.60 6.67 -1.86
CA ASP A 31 5.46 7.09 -2.96
C ASP A 31 6.79 6.35 -2.93
N ALA A 32 6.86 5.25 -3.67
CA ALA A 32 8.07 4.43 -3.76
C ALA A 32 8.95 4.96 -4.89
N GLU A 33 10.26 5.02 -4.64
CA GLU A 33 11.25 5.58 -5.59
C GLU A 33 11.67 4.52 -6.64
N VAL A 34 10.97 3.38 -6.67
CA VAL A 34 11.22 2.29 -7.60
C VAL A 34 10.41 2.48 -8.92
N PRO A 35 11.08 2.66 -10.10
CA PRO A 35 10.42 2.78 -11.42
C PRO A 35 10.11 1.41 -12.06
N ARG A 36 10.11 1.35 -13.41
CA ARG A 36 10.05 0.08 -14.19
C ARG A 36 11.18 -0.91 -13.80
N LYS A 37 12.21 -0.41 -13.09
CA LYS A 37 13.26 -1.22 -12.47
C LYS A 37 12.71 -1.83 -11.13
N ILE A 38 11.65 -2.64 -11.27
CA ILE A 38 10.96 -3.31 -10.14
C ILE A 38 11.60 -4.69 -9.84
N ASP A 39 10.88 -5.53 -9.05
CA ASP A 39 11.28 -6.92 -8.78
C ASP A 39 11.45 -7.71 -10.11
N PRO A 40 12.69 -8.20 -10.45
CA PRO A 40 12.93 -8.98 -11.69
C PRO A 40 12.34 -10.42 -11.60
N ILE A 41 11.87 -10.77 -10.38
CA ILE A 41 11.30 -12.10 -10.07
C ILE A 41 10.07 -12.40 -10.95
N MET A 42 9.09 -11.48 -10.94
CA MET A 42 7.85 -11.61 -11.75
C MET A 42 7.88 -10.62 -12.94
N GLY A 43 7.99 -9.30 -12.64
CA GLY A 43 8.01 -8.25 -13.69
C GLY A 43 6.64 -8.06 -14.37
N TYR A 44 6.02 -6.87 -14.20
CA TYR A 44 4.68 -6.56 -14.76
C TYR A 44 4.62 -5.13 -15.36
N THR A 45 5.78 -4.65 -15.85
CA THR A 45 5.93 -3.28 -16.37
C THR A 45 5.04 -3.02 -17.61
N SER A 46 4.53 -1.80 -17.75
CA SER A 46 3.75 -1.38 -18.93
C SER A 46 4.70 -1.20 -20.12
N SER A 47 5.75 -0.37 -19.90
CA SER A 47 6.83 -0.13 -20.88
C SER A 47 7.93 0.74 -20.23
N SER A 48 7.71 2.07 -20.21
CA SER A 48 8.70 3.07 -19.74
C SER A 48 8.14 3.80 -18.50
N ASP A 49 7.45 3.04 -17.64
CA ASP A 49 6.78 3.57 -16.42
C ASP A 49 7.80 3.99 -15.35
N MET A 50 7.44 5.06 -14.61
CA MET A 50 8.33 5.76 -13.65
C MET A 50 8.05 5.33 -12.20
N LYS A 51 8.72 6.00 -11.24
CA LYS A 51 8.69 5.68 -9.78
C LYS A 51 7.23 5.62 -9.22
N GLN A 52 6.67 4.40 -9.28
CA GLN A 52 5.29 4.11 -8.88
C GLN A 52 5.14 4.09 -7.35
N GLN A 53 3.93 4.42 -6.85
CA GLN A 53 3.59 4.21 -5.44
C GLN A 53 3.18 2.74 -5.26
N VAL A 54 3.92 1.96 -4.47
CA VAL A 54 3.64 0.53 -4.27
C VAL A 54 2.65 0.36 -3.11
N LYS A 55 2.06 -0.84 -3.00
CA LYS A 55 1.00 -1.08 -2.00
C LYS A 55 1.20 -2.42 -1.26
N LEU A 56 0.92 -2.37 0.04
CA LEU A 56 0.95 -3.50 0.97
C LEU A 56 -0.47 -3.71 1.49
N THR A 57 -0.82 -4.92 1.94
CA THR A 57 -2.12 -5.19 2.58
C THR A 57 -1.92 -5.71 4.02
N PHE A 58 -2.71 -5.14 4.96
CA PHE A 58 -2.68 -5.49 6.40
C PHE A 58 -4.12 -5.62 6.91
N GLU A 59 -4.31 -6.52 7.90
CA GLU A 59 -5.66 -6.85 8.42
C GLU A 59 -6.29 -5.67 9.17
N THR A 60 -5.44 -4.76 9.69
CA THR A 60 -5.90 -3.56 10.43
C THR A 60 -5.12 -2.33 9.95
N GLN A 61 -5.65 -1.13 10.27
CA GLN A 61 -4.97 0.16 10.03
C GLN A 61 -3.66 0.23 10.83
N GLU A 62 -3.73 -0.31 12.07
CA GLU A 62 -2.63 -0.28 13.05
C GLU A 62 -1.32 -0.83 12.47
N GLN A 63 -1.42 -1.96 11.76
CA GLN A 63 -0.25 -2.66 11.18
C GLN A 63 0.37 -1.88 9.98
N ALA A 64 -0.48 -1.11 9.25
CA ALA A 64 -0.04 -0.35 8.06
C ALA A 64 0.61 1.00 8.46
N GLU A 65 0.02 1.61 9.50
CA GLU A 65 0.49 2.90 10.00
C GLU A 65 1.78 2.72 10.83
N ALA A 66 1.83 1.63 11.63
CA ALA A 66 3.03 1.27 12.43
C ALA A 66 4.21 0.91 11.52
N TYR A 67 3.92 0.36 10.32
CA TYR A 67 4.96 0.07 9.31
C TYR A 67 5.59 1.39 8.85
N ALA A 68 4.73 2.33 8.41
CA ALA A 68 5.12 3.68 7.96
C ALA A 68 5.93 4.43 9.05
N GLN A 69 5.46 4.35 10.31
CA GLN A 69 6.10 5.00 11.48
C GLN A 69 7.51 4.44 11.75
N ARG A 70 7.64 3.10 11.70
CA ARG A 70 8.93 2.40 11.91
C ARG A 70 9.92 2.76 10.78
N LYS A 71 9.38 3.08 9.59
CA LYS A 71 10.18 3.50 8.43
C LYS A 71 10.39 5.03 8.42
N GLY A 72 9.58 5.76 9.20
CA GLY A 72 9.61 7.22 9.24
C GLY A 72 8.66 7.86 8.23
N ILE A 73 8.06 7.02 7.35
CA ILE A 73 7.18 7.47 6.26
C ILE A 73 5.96 8.24 6.84
N GLU A 74 5.97 9.56 6.54
CA GLU A 74 4.82 10.46 6.87
C GLU A 74 3.54 9.86 6.25
N TYR A 75 2.41 9.82 6.98
CA TYR A 75 1.22 9.08 6.52
C TYR A 75 -0.09 9.81 6.84
N ARG A 76 -1.06 9.68 5.92
CA ARG A 76 -2.45 10.11 6.07
C ARG A 76 -3.35 8.87 6.01
N VAL A 77 -4.37 8.79 6.87
CA VAL A 77 -5.36 7.69 6.83
C VAL A 77 -6.70 8.19 6.25
N ILE A 78 -7.25 7.41 5.31
CA ILE A 78 -8.57 7.64 4.70
C ILE A 78 -9.53 6.62 5.34
N LEU A 79 -10.47 7.13 6.14
CA LEU A 79 -11.42 6.31 6.89
C LEU A 79 -12.45 5.64 5.97
N PRO A 80 -12.94 4.40 6.32
CA PRO A 80 -13.95 3.69 5.51
C PRO A 80 -15.36 4.27 5.71
N LYS A 81 -16.34 3.71 4.95
CA LYS A 81 -17.76 4.15 4.99
C LYS A 81 -18.39 3.92 6.39
N GLU A 82 -17.84 2.92 7.12
CA GLU A 82 -18.36 2.44 8.42
C GLU A 82 -17.59 3.06 9.60
N ALA A 83 -16.80 4.11 9.35
CA ALA A 83 -16.07 4.84 10.40
C ALA A 83 -17.03 5.66 11.29
N MET A 4 8.95 8.59 1.90
CA MET A 4 7.73 8.02 1.28
C MET A 4 6.50 8.67 1.93
N SER A 5 5.35 8.60 1.24
CA SER A 5 4.10 9.25 1.66
C SER A 5 2.94 8.24 1.49
N ALA A 6 2.50 7.64 2.61
CA ALA A 6 1.63 6.47 2.59
C ALA A 6 0.17 6.86 2.86
N LYS A 7 -0.76 6.27 2.12
CA LYS A 7 -2.19 6.45 2.31
C LYS A 7 -2.73 5.15 2.94
N ILE A 8 -3.34 5.27 4.11
CA ILE A 8 -3.98 4.15 4.80
C ILE A 8 -5.48 4.32 4.59
N TYR A 9 -6.10 3.31 4.02
CA TYR A 9 -7.53 3.33 3.74
C TYR A 9 -8.04 1.90 3.80
N ARG A 10 -9.32 1.75 3.60
CA ARG A 10 -9.99 0.45 3.62
C ARG A 10 -10.96 0.48 2.43
N PRO A 11 -10.55 -0.10 1.27
CA PRO A 11 -11.24 0.12 -0.03
C PRO A 11 -12.71 -0.38 -0.02
N ALA A 12 -13.64 0.57 -0.21
CA ALA A 12 -15.07 0.27 -0.42
C ALA A 12 -15.30 -0.25 -1.85
N LYS A 13 -14.30 -0.04 -2.72
CA LYS A 13 -14.26 -0.55 -4.10
C LYS A 13 -14.05 -2.09 -4.10
N THR A 14 -13.35 -2.64 -3.07
CA THR A 14 -13.22 -4.10 -2.90
C THR A 14 -14.51 -4.66 -2.30
N ALA A 15 -14.96 -5.80 -2.83
CA ALA A 15 -16.12 -6.54 -2.34
C ALA A 15 -15.69 -7.52 -1.22
N MET A 16 -16.49 -8.60 -1.02
CA MET A 16 -16.20 -9.68 -0.04
C MET A 16 -14.80 -10.32 -0.23
N GLN A 17 -14.24 -10.21 -1.47
CA GLN A 17 -12.89 -10.72 -1.79
C GLN A 17 -11.81 -9.82 -1.13
N SER A 18 -11.44 -10.18 0.09
CA SER A 18 -10.47 -9.43 0.93
C SER A 18 -9.35 -10.37 1.44
N GLY A 19 -9.49 -11.68 1.13
CA GLY A 19 -8.52 -12.70 1.57
C GLY A 19 -8.61 -13.00 3.07
N THR A 20 -9.84 -12.95 3.60
CA THR A 20 -10.16 -13.15 5.04
C THR A 20 -11.68 -13.43 5.18
N ALA A 21 -12.25 -13.28 6.39
CA ALA A 21 -13.71 -13.27 6.59
C ALA A 21 -14.34 -12.05 5.89
N LYS A 22 -15.69 -11.99 5.81
CA LYS A 22 -16.40 -10.93 5.06
C LYS A 22 -16.25 -9.57 5.75
N THR A 23 -15.12 -8.92 5.46
CA THR A 23 -14.78 -7.61 5.98
C THR A 23 -13.62 -7.04 5.15
N ASN A 24 -13.71 -5.76 4.78
CA ASN A 24 -12.70 -5.08 3.98
C ASN A 24 -11.40 -4.92 4.79
N VAL A 25 -10.28 -5.27 4.18
CA VAL A 25 -8.95 -5.12 4.77
C VAL A 25 -8.46 -3.68 4.56
N TRP A 26 -7.53 -3.18 5.40
CA TRP A 26 -6.91 -1.87 5.24
C TRP A 26 -5.67 -2.00 4.34
N VAL A 27 -5.57 -1.12 3.35
CA VAL A 27 -4.41 -1.08 2.46
C VAL A 27 -3.47 0.07 2.88
N LEU A 28 -2.16 -0.22 2.83
CA LEU A 28 -1.07 0.73 3.08
C LEU A 28 -0.33 0.87 1.75
N GLU A 29 -0.55 1.99 1.07
CA GLU A 29 0.04 2.25 -0.26
C GLU A 29 1.03 3.40 -0.13
N PHE A 30 2.24 3.26 -0.67
CA PHE A 30 3.29 4.30 -0.65
C PHE A 30 4.08 4.30 -1.96
N ASP A 31 4.66 5.47 -2.30
CA ASP A 31 5.63 5.58 -3.40
C ASP A 31 6.94 4.88 -2.98
N ALA A 32 7.28 3.80 -3.72
CA ALA A 32 8.47 2.96 -3.43
C ALA A 32 9.76 3.71 -3.78
N GLU A 33 10.81 3.54 -2.95
CA GLU A 33 12.10 4.25 -3.08
C GLU A 33 12.95 3.75 -4.27
N VAL A 34 12.41 2.76 -5.02
CA VAL A 34 13.11 2.12 -6.14
C VAL A 34 13.22 3.11 -7.32
N PRO A 35 14.44 3.31 -7.88
CA PRO A 35 14.63 4.06 -9.14
C PRO A 35 13.98 3.36 -10.37
N ARG A 36 14.42 3.80 -11.56
CA ARG A 36 14.11 3.13 -12.85
C ARG A 36 14.74 1.71 -12.94
N LYS A 37 15.63 1.38 -11.97
CA LYS A 37 16.33 0.09 -11.90
C LYS A 37 15.34 -1.07 -11.72
N ILE A 38 15.02 -1.71 -12.85
CA ILE A 38 14.14 -2.90 -12.90
C ILE A 38 14.94 -4.18 -12.63
N ASP A 39 14.21 -5.28 -12.38
CA ASP A 39 14.78 -6.64 -12.41
C ASP A 39 14.80 -7.12 -13.88
N PRO A 40 15.98 -7.57 -14.41
CA PRO A 40 16.10 -8.00 -15.84
C PRO A 40 15.29 -9.28 -16.17
N ILE A 41 14.64 -9.89 -15.15
CA ILE A 41 13.58 -10.91 -15.36
C ILE A 41 12.43 -10.32 -16.18
N MET A 42 11.97 -9.12 -15.76
CA MET A 42 10.79 -8.44 -16.34
C MET A 42 11.22 -7.21 -17.19
N GLY A 43 10.21 -6.53 -17.76
CA GLY A 43 10.41 -5.35 -18.61
C GLY A 43 10.55 -4.05 -17.82
N TYR A 44 10.59 -2.92 -18.55
CA TYR A 44 10.85 -1.58 -18.00
C TYR A 44 9.55 -0.78 -17.76
N THR A 45 8.53 -0.98 -18.64
CA THR A 45 7.35 -0.08 -18.73
C THR A 45 6.48 -0.05 -17.43
N SER A 46 6.71 -1.02 -16.53
CA SER A 46 6.01 -1.08 -15.23
C SER A 46 6.51 -0.01 -14.23
N SER A 47 7.77 0.45 -14.41
CA SER A 47 8.39 1.49 -13.58
C SER A 47 9.20 2.45 -14.46
N SER A 48 8.76 3.71 -14.51
CA SER A 48 9.39 4.77 -15.31
C SER A 48 10.61 5.37 -14.55
N ASP A 49 11.21 6.45 -15.13
CA ASP A 49 12.43 7.12 -14.61
C ASP A 49 12.30 7.61 -13.15
N MET A 50 11.05 7.84 -12.70
CA MET A 50 10.79 8.25 -11.30
C MET A 50 10.94 7.03 -10.36
N LYS A 51 9.90 6.17 -10.37
CA LYS A 51 9.72 5.06 -9.39
C LYS A 51 8.41 4.30 -9.72
N GLN A 52 7.97 3.45 -8.77
CA GLN A 52 6.63 2.81 -8.82
C GLN A 52 6.00 2.88 -7.42
N GLN A 53 4.83 2.23 -7.24
CA GLN A 53 4.14 2.15 -5.95
C GLN A 53 4.29 0.72 -5.36
N VAL A 54 4.04 0.63 -4.05
CA VAL A 54 3.97 -0.63 -3.29
C VAL A 54 2.76 -0.55 -2.35
N LYS A 55 2.11 -1.70 -2.09
CA LYS A 55 0.96 -1.76 -1.18
C LYS A 55 0.93 -3.06 -0.37
N LEU A 56 0.58 -2.89 0.91
CA LEU A 56 0.49 -3.96 1.91
C LEU A 56 -0.96 -4.03 2.40
N THR A 57 -1.39 -5.17 2.96
CA THR A 57 -2.71 -5.33 3.56
C THR A 57 -2.58 -5.68 5.06
N PHE A 58 -3.38 -5.02 5.90
CA PHE A 58 -3.39 -5.17 7.37
C PHE A 58 -4.83 -5.19 7.89
N GLU A 59 -5.09 -5.94 8.99
CA GLU A 59 -6.45 -6.15 9.54
C GLU A 59 -7.09 -4.83 10.02
N THR A 60 -6.24 -3.91 10.52
CA THR A 60 -6.68 -2.61 11.09
C THR A 60 -5.79 -1.46 10.59
N GLN A 61 -6.32 -0.23 10.78
CA GLN A 61 -5.61 1.02 10.49
C GLN A 61 -4.30 1.11 11.28
N GLU A 62 -4.40 0.78 12.59
CA GLU A 62 -3.27 0.76 13.55
C GLU A 62 -2.05 0.02 13.00
N GLN A 63 -2.28 -1.16 12.38
CA GLN A 63 -1.21 -2.03 11.86
C GLN A 63 -0.51 -1.40 10.62
N ALA A 64 -1.29 -0.69 9.79
CA ALA A 64 -0.79 -0.12 8.52
C ALA A 64 0.04 1.14 8.79
N GLU A 65 -0.43 1.93 9.76
CA GLU A 65 0.29 3.13 10.21
C GLU A 65 1.48 2.79 11.10
N ALA A 66 1.40 1.67 11.86
CA ALA A 66 2.53 1.16 12.68
C ALA A 66 3.74 0.80 11.80
N TYR A 67 3.47 0.29 10.58
CA TYR A 67 4.52 0.01 9.59
C TYR A 67 5.22 1.33 9.21
N ALA A 68 4.40 2.27 8.69
CA ALA A 68 4.83 3.61 8.25
C ALA A 68 5.67 4.35 9.33
N GLN A 69 5.16 4.35 10.57
CA GLN A 69 5.81 5.01 11.74
C GLN A 69 7.19 4.40 12.02
N ARG A 70 7.26 3.05 12.03
CA ARG A 70 8.50 2.27 12.25
C ARG A 70 9.56 2.61 11.19
N LYS A 71 9.10 2.87 9.95
CA LYS A 71 9.96 3.20 8.81
C LYS A 71 10.25 4.72 8.73
N GLY A 72 9.39 5.53 9.38
CA GLY A 72 9.49 7.01 9.30
C GLY A 72 8.60 7.60 8.21
N ILE A 73 7.89 6.72 7.47
CA ILE A 73 7.01 7.10 6.36
C ILE A 73 5.88 8.05 6.85
N GLU A 74 5.96 9.31 6.38
CA GLU A 74 4.85 10.28 6.58
C GLU A 74 3.58 9.68 5.95
N TYR A 75 2.41 9.79 6.61
CA TYR A 75 1.20 9.12 6.14
C TYR A 75 -0.08 9.91 6.42
N ARG A 76 -1.07 9.75 5.53
CA ARG A 76 -2.44 10.24 5.71
C ARG A 76 -3.39 9.04 5.82
N VAL A 77 -4.15 8.97 6.93
CA VAL A 77 -5.22 7.95 7.12
C VAL A 77 -6.57 8.51 6.62
N ILE A 78 -7.32 7.65 5.92
CA ILE A 78 -8.65 7.93 5.36
C ILE A 78 -9.63 6.88 5.93
N LEU A 79 -10.83 7.32 6.33
CA LEU A 79 -11.88 6.42 6.81
C LEU A 79 -12.86 6.06 5.66
N PRO A 80 -13.27 4.76 5.55
CA PRO A 80 -14.20 4.27 4.51
C PRO A 80 -15.68 4.48 4.92
N LYS A 81 -16.62 4.02 4.05
CA LYS A 81 -18.07 4.21 4.25
C LYS A 81 -18.61 3.36 5.43
N GLU A 82 -18.03 2.16 5.65
CA GLU A 82 -18.47 1.24 6.72
C GLU A 82 -17.59 1.38 7.97
N ALA A 83 -16.25 1.27 7.80
CA ALA A 83 -15.26 1.29 8.90
C ALA A 83 -15.62 0.27 10.02
N MET A 4 9.36 9.89 1.33
CA MET A 4 8.19 9.25 0.68
C MET A 4 6.97 9.30 1.61
N SER A 5 5.76 9.34 1.03
CA SER A 5 4.50 9.48 1.76
C SER A 5 3.56 8.30 1.43
N ALA A 6 3.05 7.64 2.48
CA ALA A 6 2.13 6.50 2.35
C ALA A 6 0.69 6.99 2.57
N LYS A 7 -0.27 6.38 1.87
CA LYS A 7 -1.69 6.61 2.08
C LYS A 7 -2.30 5.34 2.70
N ILE A 8 -2.95 5.51 3.85
CA ILE A 8 -3.72 4.44 4.51
C ILE A 8 -5.15 4.65 4.13
N TYR A 9 -5.81 3.62 3.66
CA TYR A 9 -7.25 3.62 3.37
C TYR A 9 -7.78 2.21 3.53
N ARG A 10 -9.07 2.05 3.29
CA ARG A 10 -9.75 0.76 3.30
C ARG A 10 -10.82 0.81 2.21
N PRO A 11 -10.50 0.29 0.98
CA PRO A 11 -11.27 0.58 -0.25
C PRO A 11 -12.57 -0.24 -0.34
N ALA A 12 -13.23 -0.20 -1.50
CA ALA A 12 -14.40 -1.03 -1.80
C ALA A 12 -13.99 -2.48 -2.15
N LYS A 13 -12.72 -2.65 -2.57
CA LYS A 13 -12.17 -3.93 -3.04
C LYS A 13 -10.67 -4.00 -2.69
N THR A 14 -10.27 -5.05 -1.96
CA THR A 14 -8.87 -5.22 -1.46
C THR A 14 -8.06 -6.13 -2.41
N ALA A 15 -8.61 -7.31 -2.75
CA ALA A 15 -7.93 -8.30 -3.61
C ALA A 15 -8.98 -9.03 -4.48
N MET A 16 -9.07 -8.63 -5.76
CA MET A 16 -10.08 -9.12 -6.71
C MET A 16 -9.57 -10.30 -7.56
N GLN A 17 -8.27 -10.30 -7.87
CA GLN A 17 -7.65 -11.27 -8.81
C GLN A 17 -6.91 -12.36 -7.99
N SER A 18 -7.14 -13.64 -8.36
CA SER A 18 -6.48 -14.83 -7.80
C SER A 18 -6.87 -15.04 -6.31
N GLY A 19 -6.22 -14.29 -5.40
CA GLY A 19 -6.52 -14.34 -3.98
C GLY A 19 -7.74 -13.46 -3.65
N THR A 20 -8.93 -14.00 -3.96
CA THR A 20 -10.21 -13.29 -3.78
C THR A 20 -10.60 -13.21 -2.28
N ALA A 21 -10.08 -12.19 -1.61
CA ALA A 21 -10.29 -11.99 -0.17
C ALA A 21 -11.70 -11.39 0.11
N LYS A 22 -12.44 -12.04 1.02
CA LYS A 22 -13.77 -11.55 1.47
C LYS A 22 -13.62 -10.48 2.57
N THR A 23 -12.51 -10.57 3.31
CA THR A 23 -12.14 -9.59 4.34
C THR A 23 -11.57 -8.33 3.68
N ASN A 24 -12.44 -7.34 3.48
CA ASN A 24 -12.03 -6.01 3.00
C ASN A 24 -11.41 -5.26 4.16
N VAL A 25 -10.08 -5.40 4.27
CA VAL A 25 -9.24 -4.82 5.33
C VAL A 25 -8.58 -3.51 4.84
N TRP A 26 -7.63 -2.99 5.62
CA TRP A 26 -6.97 -1.70 5.33
C TRP A 26 -5.78 -1.95 4.38
N VAL A 27 -5.66 -1.08 3.39
CA VAL A 27 -4.50 -1.09 2.49
C VAL A 27 -3.54 0.04 2.92
N LEU A 28 -2.23 -0.27 2.89
CA LEU A 28 -1.14 0.68 3.14
C LEU A 28 -0.35 0.75 1.85
N GLU A 29 -0.53 1.86 1.15
CA GLU A 29 0.08 2.09 -0.15
C GLU A 29 1.16 3.15 0.03
N PHE A 30 2.34 2.93 -0.54
CA PHE A 30 3.46 3.89 -0.50
C PHE A 30 4.19 3.89 -1.84
N ASP A 31 4.76 5.04 -2.21
CA ASP A 31 5.62 5.15 -3.38
C ASP A 31 6.90 4.37 -3.13
N ALA A 32 7.02 3.21 -3.80
CA ALA A 32 8.18 2.33 -3.71
C ALA A 32 9.42 3.07 -4.20
N GLU A 33 10.40 3.24 -3.29
CA GLU A 33 11.65 3.99 -3.55
C GLU A 33 12.71 3.10 -4.23
N VAL A 34 12.23 2.24 -5.15
CA VAL A 34 13.08 1.36 -5.97
C VAL A 34 14.18 2.20 -6.68
N PRO A 35 15.49 1.77 -6.63
CA PRO A 35 16.61 2.57 -7.19
C PRO A 35 16.58 2.67 -8.73
N ARG A 36 17.72 3.08 -9.31
CA ARG A 36 17.89 3.14 -10.78
C ARG A 36 17.79 1.72 -11.40
N LYS A 37 18.14 0.71 -10.57
CA LYS A 37 17.91 -0.70 -10.89
C LYS A 37 16.45 -1.02 -10.54
N ILE A 38 15.56 -0.80 -11.51
CA ILE A 38 14.13 -1.14 -11.38
C ILE A 38 13.97 -2.67 -11.36
N ASP A 39 13.07 -3.19 -10.50
CA ASP A 39 12.87 -4.64 -10.24
C ASP A 39 12.79 -5.45 -11.57
N PRO A 40 13.50 -6.63 -11.67
CA PRO A 40 13.62 -7.43 -12.94
C PRO A 40 12.27 -7.61 -13.66
N ILE A 41 11.26 -8.00 -12.87
CA ILE A 41 9.86 -8.21 -13.32
C ILE A 41 9.33 -7.03 -14.17
N MET A 42 9.62 -5.81 -13.72
CA MET A 42 9.12 -4.56 -14.34
C MET A 42 10.30 -3.68 -14.84
N GLY A 43 11.46 -4.31 -15.07
CA GLY A 43 12.67 -3.58 -15.45
C GLY A 43 13.72 -4.46 -16.10
N TYR A 44 13.28 -5.21 -17.13
CA TYR A 44 14.20 -6.00 -17.98
C TYR A 44 15.01 -5.07 -18.90
N THR A 45 14.34 -4.00 -19.39
CA THR A 45 14.92 -3.01 -20.29
C THR A 45 15.79 -1.98 -19.52
N SER A 46 16.65 -1.26 -20.27
CA SER A 46 17.49 -0.17 -19.73
C SER A 46 16.61 1.05 -19.40
N SER A 47 15.84 1.49 -20.41
CA SER A 47 14.78 2.50 -20.24
C SER A 47 13.53 1.80 -19.66
N SER A 48 13.58 1.53 -18.35
CA SER A 48 12.54 0.79 -17.63
C SER A 48 11.49 1.74 -17.03
N ASP A 49 10.49 1.15 -16.35
CA ASP A 49 9.37 1.89 -15.72
C ASP A 49 9.87 2.71 -14.51
N MET A 50 9.07 3.72 -14.11
CA MET A 50 9.41 4.65 -13.00
C MET A 50 9.32 3.95 -11.62
N LYS A 51 9.45 4.75 -10.56
CA LYS A 51 9.28 4.32 -9.17
C LYS A 51 7.77 4.32 -8.88
N GLN A 52 7.14 3.15 -9.12
CA GLN A 52 5.70 2.94 -8.89
C GLN A 52 5.37 2.95 -7.38
N GLN A 53 4.07 3.06 -7.07
CA GLN A 53 3.56 2.81 -5.72
C GLN A 53 3.24 1.30 -5.57
N VAL A 54 3.71 0.68 -4.48
CA VAL A 54 3.31 -0.68 -4.09
C VAL A 54 2.46 -0.61 -2.81
N LYS A 55 1.79 -1.72 -2.47
CA LYS A 55 0.81 -1.70 -1.37
C LYS A 55 0.79 -3.03 -0.58
N LEU A 56 0.33 -2.92 0.67
CA LEU A 56 0.22 -4.02 1.65
C LEU A 56 -1.23 -4.06 2.16
N THR A 57 -1.65 -5.21 2.74
CA THR A 57 -2.96 -5.33 3.41
C THR A 57 -2.74 -5.70 4.89
N PHE A 58 -3.39 -4.94 5.78
CA PHE A 58 -3.37 -5.10 7.24
C PHE A 58 -4.82 -5.15 7.73
N GLU A 59 -5.08 -5.92 8.80
CA GLU A 59 -6.44 -6.15 9.34
C GLU A 59 -7.03 -4.85 9.93
N THR A 60 -6.14 -4.00 10.48
CA THR A 60 -6.51 -2.75 11.14
C THR A 60 -5.62 -1.60 10.63
N GLN A 61 -6.09 -0.35 10.83
CA GLN A 61 -5.30 0.87 10.57
C GLN A 61 -4.04 0.89 11.45
N GLU A 62 -4.20 0.46 12.72
CA GLU A 62 -3.10 0.36 13.71
C GLU A 62 -1.85 -0.35 13.15
N GLN A 63 -2.06 -1.50 12.48
CA GLN A 63 -0.96 -2.30 11.93
C GLN A 63 -0.28 -1.60 10.73
N ALA A 64 -1.06 -0.80 9.96
CA ALA A 64 -0.56 -0.09 8.76
C ALA A 64 0.27 1.16 9.13
N GLU A 65 -0.24 1.90 10.12
CA GLU A 65 0.43 3.12 10.63
C GLU A 65 1.70 2.77 11.40
N ALA A 66 1.63 1.72 12.24
CA ALA A 66 2.80 1.21 12.99
C ALA A 66 3.92 0.74 12.05
N TYR A 67 3.53 0.22 10.87
CA TYR A 67 4.49 -0.19 9.82
C TYR A 67 5.24 1.04 9.30
N ALA A 68 4.46 2.00 8.75
CA ALA A 68 4.98 3.24 8.13
C ALA A 68 5.90 4.04 9.09
N GLN A 69 5.41 4.28 10.33
CA GLN A 69 6.15 5.03 11.37
C GLN A 69 7.49 4.35 11.72
N ARG A 70 7.47 3.00 11.82
CA ARG A 70 8.65 2.17 12.12
C ARG A 70 9.72 2.30 11.01
N LYS A 71 9.26 2.56 9.77
CA LYS A 71 10.13 2.80 8.60
C LYS A 71 10.49 4.30 8.48
N GLY A 72 9.68 5.16 9.13
CA GLY A 72 9.83 6.62 9.02
C GLY A 72 8.92 7.24 7.96
N ILE A 73 8.18 6.37 7.24
CA ILE A 73 7.27 6.83 6.17
C ILE A 73 6.09 7.65 6.76
N GLU A 74 6.15 8.97 6.49
CA GLU A 74 5.02 9.88 6.80
C GLU A 74 3.77 9.42 6.02
N TYR A 75 2.58 9.46 6.64
CA TYR A 75 1.37 8.84 6.06
C TYR A 75 0.11 9.70 6.30
N ARG A 76 -0.88 9.57 5.40
CA ARG A 76 -2.19 10.24 5.48
C ARG A 76 -3.29 9.15 5.50
N VAL A 77 -4.03 9.05 6.62
CA VAL A 77 -5.16 8.10 6.76
C VAL A 77 -6.46 8.65 6.11
N ILE A 78 -7.13 7.79 5.33
CA ILE A 78 -8.43 8.05 4.70
C ILE A 78 -9.44 7.04 5.31
N LEU A 79 -10.65 7.52 5.64
CA LEU A 79 -11.72 6.68 6.21
C LEU A 79 -12.30 5.73 5.14
N PRO A 80 -12.75 4.50 5.53
CA PRO A 80 -13.32 3.50 4.57
C PRO A 80 -14.74 3.88 4.07
N LYS A 81 -15.24 3.05 3.12
CA LYS A 81 -16.63 3.13 2.61
C LYS A 81 -17.64 2.56 3.65
N GLU A 82 -17.11 1.72 4.56
CA GLU A 82 -17.92 1.00 5.58
C GLU A 82 -17.90 1.74 6.93
N ALA A 83 -17.29 2.94 6.97
CA ALA A 83 -17.21 3.78 8.18
C ALA A 83 -18.60 4.30 8.58
N MET A 4 8.47 10.16 0.66
CA MET A 4 7.46 9.15 0.25
C MET A 4 6.26 9.24 1.20
N SER A 5 5.03 9.20 0.65
CA SER A 5 3.80 9.35 1.46
C SER A 5 2.88 8.12 1.31
N ALA A 6 2.47 7.56 2.46
CA ALA A 6 1.59 6.37 2.53
C ALA A 6 0.14 6.81 2.82
N LYS A 7 -0.81 6.19 2.13
CA LYS A 7 -2.25 6.37 2.33
C LYS A 7 -2.81 5.11 2.99
N ILE A 8 -3.39 5.27 4.19
CA ILE A 8 -4.06 4.19 4.91
C ILE A 8 -5.55 4.46 4.78
N TYR A 9 -6.28 3.47 4.26
CA TYR A 9 -7.71 3.58 4.02
C TYR A 9 -8.30 2.18 4.00
N ARG A 10 -9.63 2.11 3.94
CA ARG A 10 -10.34 0.83 3.80
C ARG A 10 -11.45 1.02 2.76
N PRO A 11 -11.21 0.63 1.47
CA PRO A 11 -12.14 0.91 0.38
C PRO A 11 -13.34 -0.07 0.38
N ALA A 12 -14.47 0.41 -0.18
CA ALA A 12 -15.68 -0.40 -0.41
C ALA A 12 -15.43 -1.49 -1.49
N LYS A 13 -14.31 -1.35 -2.20
CA LYS A 13 -13.87 -2.33 -3.23
C LYS A 13 -12.50 -2.94 -2.84
N THR A 14 -12.53 -4.24 -2.49
CA THR A 14 -11.35 -5.10 -2.31
C THR A 14 -11.72 -6.53 -2.76
N ALA A 15 -12.96 -6.93 -2.42
CA ALA A 15 -13.59 -8.19 -2.86
C ALA A 15 -12.80 -9.41 -2.37
N MET A 16 -12.46 -9.39 -1.07
CA MET A 16 -11.69 -10.47 -0.42
C MET A 16 -12.65 -11.58 0.00
N GLN A 17 -12.28 -12.85 -0.23
CA GLN A 17 -13.13 -14.02 0.05
C GLN A 17 -12.35 -15.06 0.88
N SER A 18 -12.45 -14.97 2.22
CA SER A 18 -11.91 -15.97 3.15
C SER A 18 -12.43 -15.69 4.58
N GLY A 19 -12.24 -16.66 5.49
CA GLY A 19 -12.53 -16.47 6.91
C GLY A 19 -11.47 -15.61 7.60
N THR A 20 -10.24 -15.64 7.05
CA THR A 20 -9.11 -14.82 7.53
C THR A 20 -9.16 -13.41 6.91
N ALA A 21 -9.91 -13.26 5.80
CA ALA A 21 -9.95 -12.02 5.00
C ALA A 21 -11.36 -11.42 5.02
N LYS A 22 -11.51 -10.26 5.69
CA LYS A 22 -12.74 -9.46 5.67
C LYS A 22 -13.03 -8.98 4.24
N THR A 23 -14.34 -8.93 3.88
CA THR A 23 -14.81 -8.56 2.52
C THR A 23 -14.21 -7.21 2.04
N ASN A 24 -14.05 -6.30 3.01
CA ASN A 24 -13.27 -5.06 2.89
C ASN A 24 -12.16 -5.09 3.95
N VAL A 25 -10.91 -4.90 3.51
CA VAL A 25 -9.70 -4.93 4.37
C VAL A 25 -8.99 -3.56 4.27
N TRP A 26 -8.19 -3.18 5.29
CA TRP A 26 -7.46 -1.90 5.28
C TRP A 26 -6.28 -2.04 4.32
N VAL A 27 -6.22 -1.15 3.33
CA VAL A 27 -5.14 -1.14 2.34
C VAL A 27 -4.15 -0.03 2.70
N LEU A 28 -2.87 -0.35 2.57
CA LEU A 28 -1.76 0.57 2.71
C LEU A 28 -1.07 0.66 1.36
N GLU A 29 -1.28 1.77 0.69
CA GLU A 29 -0.56 2.09 -0.54
C GLU A 29 0.43 3.18 -0.21
N PHE A 30 1.64 3.08 -0.72
CA PHE A 30 2.66 4.11 -0.49
C PHE A 30 3.52 4.29 -1.71
N ASP A 31 4.09 5.49 -1.85
CA ASP A 31 5.19 5.74 -2.77
C ASP A 31 6.38 4.90 -2.31
N ALA A 32 6.62 3.78 -3.00
CA ALA A 32 7.66 2.82 -2.64
C ALA A 32 9.01 3.51 -2.53
N GLU A 33 9.66 3.39 -1.35
CA GLU A 33 10.93 4.05 -1.02
C GLU A 33 12.13 3.47 -1.80
N VAL A 34 11.86 2.50 -2.69
CA VAL A 34 12.86 1.83 -3.52
C VAL A 34 13.08 2.63 -4.84
N PRO A 35 14.36 2.90 -5.24
CA PRO A 35 14.67 3.54 -6.54
C PRO A 35 14.61 2.54 -7.72
N ARG A 36 15.28 2.91 -8.83
CA ARG A 36 15.40 2.05 -10.02
C ARG A 36 16.30 0.82 -9.75
N LYS A 37 17.06 0.86 -8.63
CA LYS A 37 17.87 -0.26 -8.15
C LYS A 37 16.96 -1.33 -7.52
N ILE A 38 16.46 -2.23 -8.38
CA ILE A 38 15.63 -3.38 -8.01
C ILE A 38 16.29 -4.67 -8.55
N ASP A 39 15.53 -5.79 -8.64
CA ASP A 39 16.04 -7.03 -9.29
C ASP A 39 16.36 -6.78 -10.79
N PRO A 40 17.67 -6.93 -11.21
CA PRO A 40 18.10 -6.60 -12.61
C PRO A 40 17.49 -7.53 -13.68
N ILE A 41 16.75 -8.56 -13.22
CA ILE A 41 15.89 -9.40 -14.07
C ILE A 41 14.82 -8.53 -14.77
N MET A 42 14.13 -7.71 -13.96
CA MET A 42 12.96 -6.92 -14.39
C MET A 42 13.31 -5.42 -14.54
N GLY A 43 14.60 -5.08 -14.46
CA GLY A 43 15.04 -3.69 -14.61
C GLY A 43 16.55 -3.55 -14.64
N TYR A 44 17.03 -2.37 -14.21
CA TYR A 44 18.48 -2.00 -14.22
C TYR A 44 19.03 -2.06 -15.67
N THR A 45 18.24 -1.49 -16.59
CA THR A 45 18.50 -1.50 -18.03
C THR A 45 17.57 -0.43 -18.69
N SER A 46 17.16 -0.62 -19.97
CA SER A 46 16.14 0.23 -20.63
C SER A 46 14.84 0.26 -19.78
N SER A 47 14.45 -0.91 -19.24
CA SER A 47 13.41 -1.01 -18.21
C SER A 47 14.00 -0.42 -16.90
N SER A 48 13.52 0.76 -16.52
CA SER A 48 14.04 1.51 -15.38
C SER A 48 12.90 2.33 -14.75
N ASP A 49 12.18 1.73 -13.80
CA ASP A 49 11.06 2.39 -13.11
C ASP A 49 11.60 3.32 -12.01
N MET A 50 10.97 4.50 -11.86
CA MET A 50 11.37 5.52 -10.86
C MET A 50 11.16 4.95 -9.45
N LYS A 51 9.88 4.69 -9.17
CA LYS A 51 9.38 4.07 -7.93
C LYS A 51 7.87 3.86 -8.13
N GLN A 52 7.38 2.64 -7.88
CA GLN A 52 5.95 2.33 -8.03
C GLN A 52 5.22 2.61 -6.68
N GLN A 53 3.94 2.21 -6.59
CA GLN A 53 3.15 2.29 -5.36
C GLN A 53 2.52 0.91 -5.10
N VAL A 54 3.18 0.12 -4.24
CA VAL A 54 2.70 -1.21 -3.82
C VAL A 54 1.65 -1.06 -2.70
N LYS A 55 0.95 -2.18 -2.45
CA LYS A 55 -0.14 -2.20 -1.45
C LYS A 55 -0.04 -3.42 -0.54
N LEU A 56 -0.23 -3.16 0.76
CA LEU A 56 -0.20 -4.15 1.83
C LEU A 56 -1.59 -4.16 2.47
N THR A 57 -2.09 -5.34 2.87
CA THR A 57 -3.42 -5.50 3.46
C THR A 57 -3.29 -5.94 4.92
N PHE A 58 -3.98 -5.22 5.84
CA PHE A 58 -3.94 -5.47 7.29
C PHE A 58 -5.37 -5.44 7.87
N GLU A 59 -5.54 -6.10 9.03
CA GLU A 59 -6.85 -6.17 9.73
C GLU A 59 -7.30 -4.78 10.22
N THR A 60 -6.33 -3.93 10.56
CA THR A 60 -6.58 -2.60 11.14
C THR A 60 -5.69 -1.53 10.48
N GLN A 61 -6.08 -0.27 10.70
CA GLN A 61 -5.28 0.92 10.39
C GLN A 61 -3.94 0.89 11.14
N GLU A 62 -4.02 0.48 12.42
CA GLU A 62 -2.89 0.48 13.37
C GLU A 62 -1.64 -0.19 12.77
N GLN A 63 -1.87 -1.35 12.14
CA GLN A 63 -0.81 -2.20 11.55
C GLN A 63 -0.23 -1.57 10.27
N ALA A 64 -1.04 -0.80 9.51
CA ALA A 64 -0.64 -0.19 8.23
C ALA A 64 0.21 1.07 8.46
N GLU A 65 -0.22 1.87 9.45
CA GLU A 65 0.52 3.08 9.84
C GLU A 65 1.84 2.73 10.54
N ALA A 66 1.82 1.68 11.39
CA ALA A 66 3.01 1.16 12.09
C ALA A 66 4.16 0.80 11.13
N TYR A 67 3.78 0.25 9.94
CA TYR A 67 4.74 -0.12 8.90
C TYR A 67 5.42 1.13 8.32
N ALA A 68 4.60 2.08 7.83
CA ALA A 68 5.05 3.36 7.25
C ALA A 68 6.01 4.12 8.20
N GLN A 69 5.61 4.20 9.50
CA GLN A 69 6.41 4.86 10.56
C GLN A 69 7.79 4.19 10.73
N ARG A 70 7.82 2.85 10.75
CA ARG A 70 9.04 2.02 10.79
C ARG A 70 10.01 2.40 9.66
N LYS A 71 9.47 2.66 8.46
CA LYS A 71 10.25 3.03 7.26
C LYS A 71 10.64 4.52 7.28
N GLY A 72 9.82 5.36 7.96
CA GLY A 72 9.95 6.82 7.91
C GLY A 72 8.98 7.46 6.92
N ILE A 73 8.14 6.61 6.28
CA ILE A 73 7.13 7.08 5.31
C ILE A 73 6.01 7.89 6.04
N GLU A 74 6.06 9.21 5.82
CA GLU A 74 4.96 10.14 6.26
C GLU A 74 3.62 9.62 5.70
N TYR A 75 2.51 9.74 6.43
CA TYR A 75 1.25 9.05 6.05
C TYR A 75 -0.01 9.84 6.42
N ARG A 76 -1.07 9.66 5.62
CA ARG A 76 -2.43 10.18 5.90
C ARG A 76 -3.38 9.01 6.19
N VAL A 77 -4.06 9.09 7.35
CA VAL A 77 -5.11 8.14 7.75
C VAL A 77 -6.46 8.66 7.25
N ILE A 78 -7.09 7.87 6.38
CA ILE A 78 -8.33 8.22 5.69
C ILE A 78 -9.39 7.15 6.01
N LEU A 79 -10.47 7.59 6.67
CA LEU A 79 -11.54 6.72 7.19
C LEU A 79 -12.40 6.12 6.05
N PRO A 80 -12.93 4.87 6.25
CA PRO A 80 -13.78 4.18 5.26
C PRO A 80 -15.25 4.67 5.28
N LYS A 81 -16.08 4.06 4.41
CA LYS A 81 -17.55 4.29 4.37
C LYS A 81 -18.19 3.76 5.68
N GLU A 82 -17.57 2.71 6.24
CA GLU A 82 -18.05 2.00 7.44
C GLU A 82 -17.53 2.65 8.74
N ALA A 83 -16.92 3.85 8.63
CA ALA A 83 -16.46 4.63 9.80
C ALA A 83 -17.67 5.12 10.64
N MET A 4 9.76 7.95 1.80
CA MET A 4 8.62 7.34 1.09
C MET A 4 7.32 7.85 1.70
N SER A 5 6.21 7.71 0.95
CA SER A 5 4.92 8.33 1.27
C SER A 5 3.82 7.28 1.13
N ALA A 6 2.61 7.55 1.67
CA ALA A 6 1.50 6.56 1.58
C ALA A 6 0.12 7.19 1.79
N LYS A 7 -0.89 6.50 1.23
CA LYS A 7 -2.29 6.68 1.61
C LYS A 7 -2.78 5.38 2.28
N ILE A 8 -3.29 5.51 3.51
CA ILE A 8 -3.90 4.41 4.27
C ILE A 8 -5.40 4.66 4.23
N TYR A 9 -6.16 3.66 3.82
CA TYR A 9 -7.61 3.75 3.68
C TYR A 9 -8.24 2.39 3.96
N ARG A 10 -9.57 2.35 3.94
CA ARG A 10 -10.33 1.11 4.06
C ARG A 10 -11.52 1.22 3.09
N PRO A 11 -11.37 0.65 1.85
CA PRO A 11 -12.25 0.96 0.72
C PRO A 11 -13.58 0.18 0.70
N ALA A 12 -14.40 0.46 -0.33
CA ALA A 12 -15.62 -0.30 -0.62
C ALA A 12 -15.30 -1.51 -1.52
N LYS A 13 -14.14 -1.43 -2.22
CA LYS A 13 -13.59 -2.53 -3.03
C LYS A 13 -12.10 -2.30 -3.26
N THR A 14 -11.39 -3.40 -3.51
CA THR A 14 -9.93 -3.43 -3.70
C THR A 14 -9.54 -4.82 -4.26
N ALA A 15 -8.26 -5.21 -4.15
CA ALA A 15 -7.80 -6.58 -4.43
C ALA A 15 -8.62 -7.58 -3.58
N MET A 16 -9.59 -8.25 -4.22
CA MET A 16 -10.55 -9.13 -3.53
C MET A 16 -9.84 -10.39 -2.99
N GLN A 17 -9.42 -10.31 -1.71
CA GLN A 17 -8.63 -11.36 -1.03
C GLN A 17 -9.43 -11.96 0.13
N SER A 18 -9.75 -11.12 1.13
CA SER A 18 -10.41 -11.53 2.37
C SER A 18 -11.49 -10.51 2.74
N GLY A 19 -12.75 -10.81 2.36
CA GLY A 19 -13.86 -9.85 2.46
C GLY A 19 -13.72 -8.78 1.39
N THR A 20 -12.96 -7.72 1.72
CA THR A 20 -12.46 -6.68 0.78
C THR A 20 -13.56 -6.04 -0.10
N ALA A 21 -14.81 -6.01 0.41
CA ALA A 21 -15.95 -5.40 -0.28
C ALA A 21 -16.99 -4.89 0.75
N LYS A 22 -17.87 -5.81 1.24
CA LYS A 22 -18.90 -5.48 2.26
C LYS A 22 -18.20 -5.28 3.62
N THR A 23 -17.52 -6.34 4.08
CA THR A 23 -16.52 -6.25 5.13
C THR A 23 -15.17 -6.03 4.43
N ASN A 24 -14.29 -5.24 5.05
CA ASN A 24 -12.99 -4.89 4.43
C ASN A 24 -11.96 -4.71 5.54
N VAL A 25 -10.68 -4.77 5.15
CA VAL A 25 -9.54 -4.44 6.03
C VAL A 25 -8.89 -3.15 5.52
N TRP A 26 -7.87 -2.64 6.23
CA TRP A 26 -7.20 -1.40 5.90
C TRP A 26 -6.09 -1.69 4.89
N VAL A 27 -6.14 -0.97 3.77
CA VAL A 27 -5.14 -1.10 2.72
C VAL A 27 -4.14 0.06 2.84
N LEU A 28 -2.85 -0.26 2.71
CA LEU A 28 -1.76 0.71 2.76
C LEU A 28 -1.13 0.67 1.38
N GLU A 29 -1.35 1.73 0.63
CA GLU A 29 -0.73 1.88 -0.69
C GLU A 29 0.35 2.94 -0.53
N PHE A 30 1.55 2.71 -1.08
CA PHE A 30 2.67 3.65 -0.87
C PHE A 30 3.60 3.75 -2.07
N ASP A 31 4.25 4.92 -2.19
CA ASP A 31 5.42 5.10 -3.06
C ASP A 31 6.54 4.16 -2.57
N ALA A 32 6.70 3.04 -3.28
CA ALA A 32 7.55 1.90 -2.87
C ALA A 32 8.99 2.30 -2.52
N GLU A 33 9.53 1.66 -1.45
CA GLU A 33 10.91 1.87 -0.96
C GLU A 33 11.92 0.97 -1.71
N VAL A 34 11.58 0.60 -2.95
CA VAL A 34 12.44 -0.23 -3.81
C VAL A 34 13.73 0.57 -4.15
N PRO A 35 14.95 0.01 -3.82
CA PRO A 35 16.23 0.75 -3.96
C PRO A 35 16.72 0.84 -5.42
N ARG A 36 17.91 1.43 -5.59
CA ARG A 36 18.58 1.57 -6.90
C ARG A 36 19.01 0.20 -7.47
N LYS A 37 19.02 -0.84 -6.60
CA LYS A 37 19.34 -2.23 -6.97
C LYS A 37 18.18 -2.94 -7.70
N ILE A 38 17.35 -2.18 -8.46
CA ILE A 38 16.36 -2.76 -9.37
C ILE A 38 17.07 -3.58 -10.46
N ASP A 39 16.72 -4.87 -10.53
CA ASP A 39 17.40 -5.85 -11.39
C ASP A 39 17.14 -5.52 -12.86
N PRO A 40 18.22 -5.40 -13.71
CA PRO A 40 18.10 -5.13 -15.17
C PRO A 40 17.13 -6.10 -15.90
N ILE A 41 16.99 -7.32 -15.34
CA ILE A 41 16.12 -8.36 -15.89
C ILE A 41 14.68 -8.14 -15.38
N MET A 42 14.51 -8.04 -14.04
CA MET A 42 13.19 -7.89 -13.38
C MET A 42 13.23 -6.73 -12.37
N GLY A 43 12.64 -5.58 -12.75
CA GLY A 43 12.62 -4.38 -11.91
C GLY A 43 12.95 -3.14 -12.72
N TYR A 44 13.94 -3.29 -13.60
CA TYR A 44 14.35 -2.25 -14.55
C TYR A 44 13.90 -2.68 -15.96
N THR A 45 12.77 -2.11 -16.41
CA THR A 45 12.22 -2.35 -17.77
C THR A 45 11.83 -1.01 -18.41
N SER A 46 11.57 -1.02 -19.74
CA SER A 46 11.13 0.17 -20.48
C SER A 46 9.75 0.65 -19.99
N SER A 47 8.77 -0.28 -20.02
CA SER A 47 7.44 -0.05 -19.44
C SER A 47 7.48 -0.33 -17.93
N SER A 48 7.91 0.70 -17.19
CA SER A 48 8.00 0.68 -15.72
C SER A 48 8.13 2.13 -15.24
N ASP A 49 8.27 2.33 -13.93
CA ASP A 49 8.47 3.66 -13.34
C ASP A 49 9.87 3.72 -12.68
N MET A 50 10.20 4.86 -12.06
CA MET A 50 11.35 4.98 -11.14
C MET A 50 11.15 4.04 -9.94
N LYS A 51 9.91 4.05 -9.40
CA LYS A 51 9.46 3.17 -8.30
C LYS A 51 7.93 2.96 -8.41
N GLN A 52 7.46 1.74 -8.12
CA GLN A 52 6.04 1.37 -8.19
C GLN A 52 5.25 1.89 -6.96
N GLN A 53 3.93 1.60 -6.94
CA GLN A 53 3.06 1.91 -5.79
C GLN A 53 2.28 0.63 -5.40
N VAL A 54 2.89 -0.15 -4.49
CA VAL A 54 2.39 -1.47 -4.07
C VAL A 54 1.49 -1.31 -2.80
N LYS A 55 0.73 -2.38 -2.47
CA LYS A 55 -0.25 -2.30 -1.38
C LYS A 55 -0.19 -3.55 -0.46
N LEU A 56 -0.34 -3.28 0.84
CA LEU A 56 -0.38 -4.29 1.91
C LEU A 56 -1.73 -4.17 2.63
N THR A 57 -2.21 -5.27 3.22
CA THR A 57 -3.50 -5.30 3.94
C THR A 57 -3.29 -5.65 5.43
N PHE A 58 -3.94 -4.88 6.31
CA PHE A 58 -3.84 -5.00 7.78
C PHE A 58 -5.25 -4.95 8.37
N GLU A 59 -5.50 -5.67 9.48
CA GLU A 59 -6.85 -5.83 10.05
C GLU A 59 -7.37 -4.52 10.69
N THR A 60 -6.43 -3.64 11.11
CA THR A 60 -6.74 -2.33 11.73
C THR A 60 -5.83 -1.25 11.15
N GLN A 61 -6.21 0.04 11.34
CA GLN A 61 -5.38 1.18 10.94
C GLN A 61 -4.08 1.22 11.75
N GLU A 62 -4.15 0.83 13.04
CA GLU A 62 -2.98 0.75 13.95
C GLU A 62 -1.83 -0.06 13.32
N GLN A 63 -2.18 -1.25 12.80
CA GLN A 63 -1.20 -2.19 12.22
C GLN A 63 -0.62 -1.65 10.89
N ALA A 64 -1.40 -0.82 10.16
CA ALA A 64 -0.95 -0.20 8.91
C ALA A 64 -0.06 1.02 9.20
N GLU A 65 -0.46 1.81 10.21
CA GLU A 65 0.18 3.12 10.45
C GLU A 65 1.52 2.91 11.14
N ALA A 66 1.56 2.02 12.16
CA ALA A 66 2.77 1.64 12.90
C ALA A 66 3.79 0.95 12.00
N TYR A 67 3.33 0.28 10.92
CA TYR A 67 4.21 -0.30 9.90
C TYR A 67 4.97 0.84 9.19
N ALA A 68 4.19 1.81 8.67
CA ALA A 68 4.70 3.00 7.97
C ALA A 68 5.68 3.81 8.86
N GLN A 69 5.32 4.02 10.14
CA GLN A 69 6.14 4.78 11.12
C GLN A 69 7.51 4.11 11.32
N ARG A 70 7.48 2.76 11.46
CA ARG A 70 8.68 1.91 11.66
C ARG A 70 9.63 2.00 10.47
N LYS A 71 9.07 2.22 9.27
CA LYS A 71 9.82 2.40 8.02
C LYS A 71 10.22 3.87 7.82
N GLY A 72 9.49 4.79 8.49
CA GLY A 72 9.64 6.23 8.29
C GLY A 72 8.69 6.78 7.23
N ILE A 73 7.87 5.88 6.63
CA ILE A 73 6.89 6.25 5.58
C ILE A 73 5.86 7.27 6.14
N GLU A 74 6.01 8.51 5.63
CA GLU A 74 5.00 9.57 5.89
C GLU A 74 3.67 9.13 5.25
N TYR A 75 2.54 9.24 5.97
CA TYR A 75 1.26 8.68 5.51
C TYR A 75 0.11 9.63 5.81
N ARG A 76 -0.94 9.53 4.99
CA ARG A 76 -2.22 10.21 5.22
C ARG A 76 -3.30 9.14 5.37
N VAL A 77 -3.92 9.08 6.55
CA VAL A 77 -5.06 8.17 6.80
C VAL A 77 -6.38 8.81 6.30
N ILE A 78 -7.14 7.99 5.55
CA ILE A 78 -8.47 8.30 5.03
C ILE A 78 -9.45 7.35 5.73
N LEU A 79 -10.59 7.89 6.15
CA LEU A 79 -11.62 7.13 6.89
C LEU A 79 -12.22 6.01 6.03
N PRO A 80 -12.72 4.90 6.67
CA PRO A 80 -13.33 3.76 5.93
C PRO A 80 -14.64 4.16 5.20
N LYS A 81 -15.06 3.32 4.22
CA LYS A 81 -16.29 3.57 3.42
C LYS A 81 -17.55 3.66 4.32
N GLU A 82 -17.50 2.91 5.44
CA GLU A 82 -18.60 2.80 6.40
C GLU A 82 -18.23 3.50 7.71
N ALA A 83 -17.41 4.58 7.63
CA ALA A 83 -17.04 5.43 8.79
C ALA A 83 -18.29 6.12 9.41
N MET A 4 7.30 10.20 -1.03
CA MET A 4 6.91 8.87 -0.52
C MET A 4 5.93 9.05 0.65
N SER A 5 4.63 9.13 0.33
CA SER A 5 3.55 9.37 1.31
C SER A 5 2.53 8.21 1.24
N ALA A 6 2.25 7.59 2.40
CA ALA A 6 1.35 6.43 2.51
C ALA A 6 -0.02 6.88 3.01
N LYS A 7 -1.08 6.36 2.41
CA LYS A 7 -2.46 6.63 2.82
C LYS A 7 -3.07 5.31 3.32
N ILE A 8 -3.59 5.34 4.55
CA ILE A 8 -4.22 4.18 5.18
C ILE A 8 -5.71 4.43 5.14
N TYR A 9 -6.44 3.52 4.52
CA TYR A 9 -7.89 3.64 4.35
C TYR A 9 -8.50 2.24 4.36
N ARG A 10 -9.81 2.16 4.38
CA ARG A 10 -10.53 0.88 4.33
C ARG A 10 -11.74 1.04 3.41
N PRO A 11 -11.58 0.68 2.09
CA PRO A 11 -12.56 1.00 1.05
C PRO A 11 -13.70 -0.04 0.93
N ALA A 12 -14.85 0.43 0.43
CA ALA A 12 -16.02 -0.42 0.10
C ALA A 12 -15.90 -0.99 -1.33
N LYS A 13 -14.96 -0.43 -2.12
CA LYS A 13 -14.71 -0.84 -3.52
C LYS A 13 -13.89 -2.16 -3.58
N THR A 14 -13.52 -2.70 -2.40
CA THR A 14 -12.81 -3.99 -2.27
C THR A 14 -13.56 -5.14 -2.98
N ALA A 15 -12.80 -6.06 -3.59
CA ALA A 15 -13.34 -7.26 -4.25
C ALA A 15 -13.48 -8.40 -3.24
N MET A 16 -13.82 -9.62 -3.74
CA MET A 16 -13.86 -10.87 -2.94
C MET A 16 -14.86 -10.77 -1.76
N GLN A 17 -15.88 -9.90 -1.90
CA GLN A 17 -16.84 -9.58 -0.84
C GLN A 17 -17.85 -10.74 -0.64
N SER A 18 -17.58 -11.57 0.39
CA SER A 18 -18.47 -12.65 0.82
C SER A 18 -19.16 -12.24 2.16
N GLY A 19 -19.87 -13.18 2.80
CA GLY A 19 -20.59 -12.91 4.06
C GLY A 19 -19.65 -12.81 5.27
N THR A 20 -18.92 -11.70 5.36
CA THR A 20 -18.00 -11.38 6.46
C THR A 20 -17.70 -9.87 6.47
N ALA A 21 -17.38 -9.32 7.65
CA ALA A 21 -17.04 -7.88 7.81
C ALA A 21 -15.57 -7.61 7.38
N LYS A 22 -14.79 -8.71 7.32
CA LYS A 22 -13.35 -8.70 6.95
C LYS A 22 -13.14 -8.18 5.50
N THR A 23 -14.20 -8.30 4.67
CA THR A 23 -14.19 -7.93 3.22
C THR A 23 -13.59 -6.54 2.95
N ASN A 24 -13.92 -5.58 3.81
CA ASN A 24 -13.31 -4.25 3.78
C ASN A 24 -12.02 -4.32 4.59
N VAL A 25 -10.91 -4.59 3.89
CA VAL A 25 -9.58 -4.64 4.53
C VAL A 25 -8.95 -3.24 4.50
N TRP A 26 -8.07 -2.91 5.48
CA TRP A 26 -7.37 -1.63 5.51
C TRP A 26 -6.25 -1.70 4.48
N VAL A 27 -6.33 -0.87 3.46
CA VAL A 27 -5.33 -0.85 2.40
C VAL A 27 -4.36 0.32 2.63
N LEU A 28 -3.08 0.03 2.39
CA LEU A 28 -1.96 0.95 2.55
C LEU A 28 -1.37 1.17 1.16
N GLU A 29 -1.62 2.33 0.59
CA GLU A 29 -1.09 2.67 -0.74
C GLU A 29 -0.12 3.83 -0.57
N PHE A 30 1.06 3.74 -1.19
CA PHE A 30 2.08 4.78 -1.14
C PHE A 30 2.80 4.83 -2.46
N ASP A 31 3.35 6.00 -2.77
CA ASP A 31 4.24 6.18 -3.90
C ASP A 31 5.65 5.76 -3.43
N ALA A 32 6.21 4.80 -4.15
CA ALA A 32 7.47 4.14 -3.77
C ALA A 32 8.61 4.87 -4.44
N GLU A 33 9.47 5.50 -3.63
CA GLU A 33 10.62 6.29 -4.11
C GLU A 33 11.76 5.35 -4.59
N VAL A 34 11.47 4.58 -5.65
CA VAL A 34 12.38 3.58 -6.21
C VAL A 34 12.77 4.01 -7.64
N PRO A 35 14.10 4.08 -7.96
CA PRO A 35 14.57 4.47 -9.31
C PRO A 35 14.33 3.37 -10.35
N ARG A 36 14.63 3.69 -11.62
CA ARG A 36 14.45 2.77 -12.77
C ARG A 36 15.45 1.59 -12.75
N LYS A 37 16.33 1.57 -11.73
CA LYS A 37 17.27 0.47 -11.46
C LYS A 37 16.52 -0.85 -11.19
N ILE A 38 16.29 -1.62 -12.27
CA ILE A 38 15.74 -2.98 -12.19
C ILE A 38 16.87 -3.94 -11.78
N ASP A 39 16.54 -4.98 -11.00
CA ASP A 39 17.51 -5.90 -10.42
C ASP A 39 17.28 -7.33 -10.96
N PRO A 40 18.37 -8.15 -11.23
CA PRO A 40 18.24 -9.58 -11.66
C PRO A 40 17.29 -10.45 -10.79
N ILE A 41 17.06 -10.05 -9.52
CA ILE A 41 16.07 -10.71 -8.64
C ILE A 41 14.65 -10.29 -9.05
N MET A 42 14.39 -8.98 -9.02
CA MET A 42 13.07 -8.40 -9.29
C MET A 42 13.03 -7.80 -10.72
N GLY A 43 12.62 -8.64 -11.69
CA GLY A 43 12.67 -8.30 -13.11
C GLY A 43 11.43 -7.56 -13.62
N TYR A 44 10.92 -6.62 -12.80
CA TYR A 44 9.73 -5.83 -13.16
C TYR A 44 10.12 -4.70 -14.13
N THR A 45 9.88 -4.91 -15.44
CA THR A 45 9.98 -3.85 -16.45
C THR A 45 8.69 -2.98 -16.47
N SER A 46 7.65 -3.50 -15.78
CA SER A 46 6.37 -2.79 -15.55
C SER A 46 6.53 -1.65 -14.52
N SER A 47 7.72 -1.59 -13.86
CA SER A 47 8.10 -0.50 -12.96
C SER A 47 7.95 0.87 -13.67
N SER A 48 7.12 1.75 -13.06
CA SER A 48 6.71 3.03 -13.64
C SER A 48 7.88 4.02 -13.78
N ASP A 49 7.75 4.95 -14.74
CA ASP A 49 8.72 6.04 -14.97
C ASP A 49 8.75 7.00 -13.76
N MET A 50 7.55 7.27 -13.22
CA MET A 50 7.39 8.00 -11.96
C MET A 50 7.55 7.03 -10.78
N LYS A 51 7.68 7.57 -9.56
CA LYS A 51 7.81 6.77 -8.32
C LYS A 51 6.51 5.93 -8.10
N GLN A 52 6.57 4.64 -8.50
CA GLN A 52 5.39 3.74 -8.65
C GLN A 52 4.58 3.57 -7.34
N GLN A 53 3.27 3.81 -7.42
CA GLN A 53 2.38 3.74 -6.24
C GLN A 53 1.90 2.28 -6.02
N VAL A 54 2.65 1.52 -5.20
CA VAL A 54 2.33 0.14 -4.84
C VAL A 54 1.44 0.11 -3.57
N LYS A 55 0.79 -1.03 -3.32
CA LYS A 55 -0.16 -1.14 -2.18
C LYS A 55 -0.12 -2.52 -1.50
N LEU A 56 -0.26 -2.47 -0.18
CA LEU A 56 -0.26 -3.61 0.74
C LEU A 56 -1.62 -3.60 1.47
N THR A 57 -2.02 -4.73 2.05
CA THR A 57 -3.28 -4.83 2.83
C THR A 57 -3.01 -5.41 4.23
N PHE A 58 -3.56 -4.72 5.26
CA PHE A 58 -3.42 -5.07 6.69
C PHE A 58 -4.81 -5.10 7.33
N GLU A 59 -4.96 -5.90 8.40
CA GLU A 59 -6.26 -6.10 9.09
C GLU A 59 -6.72 -4.84 9.86
N THR A 60 -5.75 -3.99 10.26
CA THR A 60 -6.06 -2.74 10.99
C THR A 60 -5.26 -1.56 10.42
N GLN A 61 -5.72 -0.35 10.76
CA GLN A 61 -5.01 0.91 10.49
C GLN A 61 -3.63 0.91 11.15
N GLU A 62 -3.61 0.44 12.42
CA GLU A 62 -2.41 0.40 13.27
C GLU A 62 -1.24 -0.36 12.60
N GLN A 63 -1.56 -1.50 11.97
CA GLN A 63 -0.54 -2.36 11.30
C GLN A 63 0.00 -1.71 10.01
N ALA A 64 -0.85 -0.91 9.33
CA ALA A 64 -0.49 -0.27 8.04
C ALA A 64 0.36 0.99 8.27
N GLU A 65 0.00 1.73 9.33
CA GLU A 65 0.73 2.95 9.69
C GLU A 65 2.06 2.63 10.37
N ALA A 66 2.09 1.57 11.21
CA ALA A 66 3.32 1.10 11.88
C ALA A 66 4.33 0.55 10.87
N TYR A 67 3.83 -0.04 9.76
CA TYR A 67 4.68 -0.52 8.66
C TYR A 67 5.36 0.68 7.99
N ALA A 68 4.55 1.69 7.63
CA ALA A 68 5.00 2.97 7.06
C ALA A 68 6.03 3.66 7.98
N GLN A 69 5.75 3.69 9.29
CA GLN A 69 6.62 4.31 10.33
C GLN A 69 7.97 3.60 10.43
N ARG A 70 7.95 2.26 10.40
CA ARG A 70 9.14 1.38 10.40
C ARG A 70 10.07 1.74 9.22
N LYS A 71 9.45 2.10 8.08
CA LYS A 71 10.16 2.46 6.85
C LYS A 71 10.49 3.96 6.80
N GLY A 72 9.78 4.77 7.62
CA GLY A 72 9.93 6.23 7.63
C GLY A 72 8.91 6.95 6.74
N ILE A 73 8.08 6.14 6.04
CA ILE A 73 7.05 6.67 5.12
C ILE A 73 6.05 7.54 5.92
N GLU A 74 6.13 8.84 5.65
CA GLU A 74 5.13 9.82 6.17
C GLU A 74 3.73 9.36 5.73
N TYR A 75 2.70 9.45 6.61
CA TYR A 75 1.40 8.82 6.32
C TYR A 75 0.22 9.71 6.77
N ARG A 76 -0.88 9.61 6.03
CA ARG A 76 -2.18 10.19 6.39
C ARG A 76 -3.22 9.05 6.43
N VAL A 77 -4.08 9.05 7.46
CA VAL A 77 -5.13 8.03 7.63
C VAL A 77 -6.52 8.63 7.29
N ILE A 78 -7.31 7.82 6.57
CA ILE A 78 -8.69 8.11 6.18
C ILE A 78 -9.59 7.01 6.81
N LEU A 79 -10.72 7.42 7.37
CA LEU A 79 -11.69 6.51 8.01
C LEU A 79 -12.47 5.69 6.96
N PRO A 80 -12.97 4.46 7.33
CA PRO A 80 -13.78 3.64 6.40
C PRO A 80 -15.17 4.24 6.14
N LYS A 81 -15.91 3.63 5.18
CA LYS A 81 -17.20 4.15 4.66
C LYS A 81 -18.27 4.36 5.76
N GLU A 82 -18.15 3.64 6.90
CA GLU A 82 -19.04 3.80 8.07
C GLU A 82 -18.29 4.46 9.25
N ALA A 83 -17.07 3.96 9.53
CA ALA A 83 -16.18 4.44 10.63
C ALA A 83 -16.84 4.40 12.03
N MET A 4 8.46 10.38 0.25
CA MET A 4 7.77 9.07 0.37
C MET A 4 6.60 9.22 1.36
N SER A 5 5.38 9.26 0.83
CA SER A 5 4.15 9.50 1.61
C SER A 5 3.19 8.30 1.49
N ALA A 6 2.77 7.75 2.64
CA ALA A 6 1.92 6.55 2.71
C ALA A 6 0.45 6.96 2.96
N LYS A 7 -0.47 6.35 2.22
CA LYS A 7 -1.90 6.54 2.39
C LYS A 7 -2.46 5.26 3.02
N ILE A 8 -3.19 5.41 4.13
CA ILE A 8 -3.89 4.29 4.75
C ILE A 8 -5.36 4.48 4.48
N TYR A 9 -5.98 3.51 3.83
CA TYR A 9 -7.40 3.55 3.46
C TYR A 9 -7.95 2.14 3.56
N ARG A 10 -9.26 2.02 3.40
CA ARG A 10 -9.93 0.71 3.41
C ARG A 10 -11.03 0.76 2.35
N PRO A 11 -10.72 0.29 1.10
CA PRO A 11 -11.60 0.46 -0.08
C PRO A 11 -12.57 -0.70 -0.28
N ALA A 12 -13.63 -0.45 -1.06
CA ALA A 12 -14.59 -1.48 -1.50
C ALA A 12 -13.98 -2.31 -2.66
N LYS A 13 -13.13 -1.64 -3.46
CA LYS A 13 -12.41 -2.26 -4.58
C LYS A 13 -10.94 -1.81 -4.59
N THR A 14 -10.05 -2.74 -4.99
CA THR A 14 -8.58 -2.56 -4.94
C THR A 14 -7.93 -3.79 -5.58
N ALA A 15 -6.59 -3.91 -5.47
CA ALA A 15 -5.88 -5.17 -5.74
C ALA A 15 -6.37 -6.22 -4.73
N MET A 16 -7.22 -7.15 -5.21
CA MET A 16 -7.92 -8.17 -4.38
C MET A 16 -7.02 -9.40 -4.12
N GLN A 17 -5.72 -9.14 -3.88
CA GLN A 17 -4.72 -10.14 -3.54
C GLN A 17 -4.05 -9.76 -2.20
N SER A 18 -3.35 -10.74 -1.61
CA SER A 18 -2.70 -10.62 -0.29
C SER A 18 -3.75 -10.54 0.84
N GLY A 19 -4.49 -9.42 0.90
CA GLY A 19 -5.58 -9.24 1.86
C GLY A 19 -6.91 -9.76 1.35
N THR A 20 -6.99 -11.08 1.16
CA THR A 20 -8.22 -11.78 0.72
C THR A 20 -9.04 -12.24 1.95
N ALA A 21 -9.34 -11.27 2.83
CA ALA A 21 -10.11 -11.51 4.07
C ALA A 21 -11.62 -11.50 3.78
N LYS A 22 -12.42 -11.94 4.77
CA LYS A 22 -13.89 -12.02 4.64
C LYS A 22 -14.49 -10.61 4.40
N THR A 23 -13.96 -9.64 5.14
CA THR A 23 -14.28 -8.21 4.97
C THR A 23 -13.17 -7.51 4.18
N ASN A 24 -13.45 -6.27 3.72
CA ASN A 24 -12.43 -5.37 3.16
C ASN A 24 -11.45 -4.98 4.28
N VAL A 25 -10.14 -4.94 3.97
CA VAL A 25 -9.08 -4.61 4.94
C VAL A 25 -8.43 -3.28 4.58
N TRP A 26 -7.50 -2.80 5.43
CA TRP A 26 -6.83 -1.51 5.26
C TRP A 26 -5.62 -1.72 4.34
N VAL A 27 -5.62 -0.98 3.24
CA VAL A 27 -4.53 -1.04 2.26
C VAL A 27 -3.61 0.16 2.50
N LEU A 28 -2.30 -0.10 2.45
CA LEU A 28 -1.24 0.88 2.68
C LEU A 28 -0.43 1.02 1.38
N GLU A 29 -0.63 2.14 0.70
CA GLU A 29 0.09 2.44 -0.57
C GLU A 29 1.02 3.60 -0.33
N PHE A 30 2.28 3.51 -0.78
CA PHE A 30 3.30 4.56 -0.56
C PHE A 30 4.25 4.67 -1.75
N ASP A 31 4.86 5.85 -1.90
CA ASP A 31 6.00 6.05 -2.82
C ASP A 31 7.14 5.14 -2.33
N ALA A 32 7.27 3.96 -2.97
CA ALA A 32 8.19 2.92 -2.49
C ALA A 32 9.65 3.37 -2.64
N GLU A 33 10.48 3.05 -1.63
CA GLU A 33 11.91 3.41 -1.59
C GLU A 33 12.73 2.51 -2.55
N VAL A 34 12.43 2.64 -3.84
CA VAL A 34 13.02 1.84 -4.90
C VAL A 34 13.11 2.72 -6.18
N PRO A 35 14.34 2.95 -6.72
CA PRO A 35 14.54 3.80 -7.93
C PRO A 35 14.18 3.05 -9.21
N ARG A 36 14.74 3.49 -10.34
CA ARG A 36 14.64 2.78 -11.64
C ARG A 36 15.13 1.31 -11.53
N LYS A 37 15.96 1.03 -10.52
CA LYS A 37 16.42 -0.33 -10.17
C LYS A 37 15.28 -1.06 -9.42
N ILE A 38 14.23 -1.42 -10.17
CA ILE A 38 13.06 -2.17 -9.65
C ILE A 38 13.24 -3.69 -9.93
N ASP A 39 12.19 -4.47 -9.66
CA ASP A 39 12.20 -5.94 -9.85
C ASP A 39 12.48 -6.31 -11.34
N PRO A 40 13.57 -7.11 -11.62
CA PRO A 40 13.95 -7.49 -13.03
C PRO A 40 12.90 -8.40 -13.70
N ILE A 41 11.94 -8.89 -12.90
CA ILE A 41 10.75 -9.64 -13.36
C ILE A 41 9.97 -8.81 -14.39
N MET A 42 9.81 -7.50 -14.10
CA MET A 42 9.09 -6.53 -14.94
C MET A 42 10.05 -5.39 -15.35
N GLY A 43 11.36 -5.71 -15.43
CA GLY A 43 12.41 -4.71 -15.62
C GLY A 43 12.70 -4.35 -17.08
N TYR A 44 12.00 -5.01 -18.03
CA TYR A 44 12.17 -4.74 -19.48
C TYR A 44 11.52 -3.38 -19.85
N THR A 45 12.29 -2.31 -19.61
CA THR A 45 11.89 -0.92 -19.87
C THR A 45 13.10 -0.02 -19.62
N SER A 46 13.58 0.66 -20.70
CA SER A 46 14.80 1.50 -20.65
C SER A 46 14.67 2.64 -19.62
N SER A 47 13.52 3.33 -19.67
CA SER A 47 13.12 4.30 -18.65
C SER A 47 12.09 3.62 -17.73
N SER A 48 12.56 3.10 -16.58
CA SER A 48 11.71 2.45 -15.57
C SER A 48 11.04 3.49 -14.64
N ASP A 49 10.25 3.03 -13.66
CA ASP A 49 9.64 3.89 -12.63
C ASP A 49 10.73 4.52 -11.74
N MET A 50 10.66 5.85 -11.54
CA MET A 50 11.49 6.56 -10.54
C MET A 50 11.19 6.02 -9.14
N LYS A 51 9.90 5.73 -8.91
CA LYS A 51 9.40 5.02 -7.73
C LYS A 51 8.04 4.39 -8.10
N GLN A 52 7.87 3.10 -7.78
CA GLN A 52 6.58 2.40 -7.99
C GLN A 52 5.78 2.39 -6.67
N GLN A 53 4.61 3.06 -6.68
CA GLN A 53 3.72 3.12 -5.50
C GLN A 53 3.07 1.74 -5.30
N VAL A 54 3.73 0.91 -4.47
CA VAL A 54 3.27 -0.45 -4.14
C VAL A 54 2.35 -0.41 -2.92
N LYS A 55 1.67 -1.53 -2.65
CA LYS A 55 0.68 -1.59 -1.56
C LYS A 55 0.80 -2.89 -0.74
N LEU A 56 0.48 -2.74 0.55
CA LEU A 56 0.42 -3.82 1.54
C LEU A 56 -1.02 -3.87 2.07
N THR A 57 -1.45 -5.02 2.60
CA THR A 57 -2.79 -5.17 3.21
C THR A 57 -2.67 -5.64 4.68
N PHE A 58 -3.34 -4.91 5.57
CA PHE A 58 -3.34 -5.15 7.02
C PHE A 58 -4.80 -5.22 7.51
N GLU A 59 -5.05 -5.96 8.60
CA GLU A 59 -6.42 -6.12 9.15
C GLU A 59 -6.96 -4.78 9.70
N THR A 60 -6.05 -3.95 10.25
CA THR A 60 -6.39 -2.69 10.94
C THR A 60 -5.48 -1.54 10.48
N GLN A 61 -5.97 -0.31 10.69
CA GLN A 61 -5.21 0.94 10.44
C GLN A 61 -3.91 0.99 11.26
N GLU A 62 -4.05 0.60 12.53
CA GLU A 62 -2.95 0.53 13.51
C GLU A 62 -1.73 -0.26 12.99
N GLN A 63 -1.99 -1.40 12.32
CA GLN A 63 -0.93 -2.26 11.76
C GLN A 63 -0.25 -1.61 10.52
N ALA A 64 -1.01 -0.81 9.75
CA ALA A 64 -0.48 -0.12 8.55
C ALA A 64 0.40 1.08 8.92
N GLU A 65 -0.06 1.81 9.96
CA GLU A 65 0.69 2.97 10.47
C GLU A 65 1.91 2.51 11.26
N ALA A 66 1.82 1.35 11.95
CA ALA A 66 2.96 0.72 12.63
C ALA A 66 4.12 0.46 11.66
N TYR A 67 3.78 0.01 10.44
CA TYR A 67 4.77 -0.28 9.39
C TYR A 67 5.44 1.02 8.91
N ALA A 68 4.61 1.96 8.41
CA ALA A 68 5.04 3.28 7.92
C ALA A 68 5.94 4.04 8.95
N GLN A 69 5.47 4.14 10.19
CA GLN A 69 6.16 4.87 11.29
C GLN A 69 7.51 4.22 11.63
N ARG A 70 7.55 2.87 11.64
CA ARG A 70 8.77 2.07 11.83
C ARG A 70 9.85 2.47 10.80
N LYS A 71 9.40 2.77 9.56
CA LYS A 71 10.29 3.15 8.45
C LYS A 71 10.53 4.68 8.39
N GLY A 72 9.63 5.46 9.03
CA GLY A 72 9.69 6.92 8.99
C GLY A 72 8.77 7.53 7.92
N ILE A 73 8.02 6.67 7.20
CA ILE A 73 7.11 7.12 6.12
C ILE A 73 5.97 8.00 6.71
N GLU A 74 6.06 9.30 6.39
CA GLU A 74 4.97 10.25 6.71
C GLU A 74 3.65 9.76 6.06
N TYR A 75 2.51 9.84 6.75
CA TYR A 75 1.26 9.20 6.28
C TYR A 75 0.04 10.02 6.70
N ARG A 76 -1.05 9.89 5.92
CA ARG A 76 -2.38 10.40 6.27
C ARG A 76 -3.42 9.30 5.98
N VAL A 77 -4.48 9.25 6.80
CA VAL A 77 -5.51 8.18 6.75
C VAL A 77 -6.83 8.69 6.13
N ILE A 78 -7.45 7.81 5.33
CA ILE A 78 -8.77 7.98 4.73
C ILE A 78 -9.71 6.99 5.43
N LEU A 79 -10.97 7.41 5.69
CA LEU A 79 -11.98 6.55 6.34
C LEU A 79 -12.37 5.34 5.45
N PRO A 80 -12.78 4.19 6.07
CA PRO A 80 -13.16 2.97 5.32
C PRO A 80 -14.46 3.12 4.48
N LYS A 81 -14.71 2.13 3.62
CA LYS A 81 -15.93 2.02 2.80
C LYS A 81 -17.17 1.72 3.66
N GLU A 82 -16.92 1.18 4.86
CA GLU A 82 -17.96 0.82 5.84
C GLU A 82 -18.09 1.88 6.95
N ALA A 83 -17.41 3.05 6.76
CA ALA A 83 -17.54 4.22 7.65
C ALA A 83 -18.90 4.91 7.41
N MET A 4 8.77 7.47 -0.10
CA MET A 4 7.46 6.76 -0.08
C MET A 4 6.45 7.55 0.75
N SER A 5 5.19 7.59 0.27
CA SER A 5 4.11 8.38 0.89
C SER A 5 2.85 7.49 0.93
N ALA A 6 2.50 7.00 2.13
CA ALA A 6 1.51 5.91 2.30
C ALA A 6 0.13 6.47 2.70
N LYS A 7 -0.93 5.92 2.09
CA LYS A 7 -2.32 6.25 2.43
C LYS A 7 -2.94 5.03 3.12
N ILE A 8 -3.62 5.25 4.25
CA ILE A 8 -4.34 4.19 4.98
C ILE A 8 -5.82 4.46 4.89
N TYR A 9 -6.56 3.48 4.39
CA TYR A 9 -8.01 3.58 4.21
C TYR A 9 -8.62 2.20 4.33
N ARG A 10 -9.95 2.14 4.29
CA ARG A 10 -10.68 0.87 4.27
C ARG A 10 -11.82 0.98 3.23
N PRO A 11 -11.60 0.48 1.98
CA PRO A 11 -12.51 0.69 0.84
C PRO A 11 -13.75 -0.22 0.88
N ALA A 12 -14.75 0.08 0.04
CA ALA A 12 -15.99 -0.72 -0.07
C ALA A 12 -15.70 -2.06 -0.75
N LYS A 13 -14.79 -2.04 -1.73
CA LYS A 13 -14.25 -3.25 -2.36
C LYS A 13 -12.75 -3.32 -2.07
N THR A 14 -12.35 -4.42 -1.43
CA THR A 14 -10.98 -4.67 -0.95
C THR A 14 -10.45 -5.97 -1.56
N ALA A 15 -9.31 -5.90 -2.27
CA ALA A 15 -8.67 -7.09 -2.87
C ALA A 15 -7.88 -7.87 -1.77
N MET A 16 -7.79 -9.20 -1.93
CA MET A 16 -7.07 -10.06 -0.98
C MET A 16 -5.61 -10.24 -1.45
N GLN A 17 -4.65 -9.84 -0.60
CA GLN A 17 -3.20 -9.97 -0.88
C GLN A 17 -2.72 -11.40 -0.57
N SER A 18 -3.31 -12.01 0.47
CA SER A 18 -2.99 -13.40 0.86
C SER A 18 -4.21 -14.01 1.59
N GLY A 19 -5.36 -14.01 0.88
CA GLY A 19 -6.64 -14.46 1.45
C GLY A 19 -7.11 -13.57 2.59
N THR A 20 -6.80 -12.27 2.45
CA THR A 20 -6.92 -11.27 3.53
C THR A 20 -8.15 -10.35 3.34
N ALA A 21 -9.15 -10.78 2.56
CA ALA A 21 -10.36 -9.98 2.31
C ALA A 21 -11.63 -10.88 2.32
N LYS A 22 -12.21 -11.07 3.52
CA LYS A 22 -13.51 -11.75 3.68
C LYS A 22 -14.65 -10.75 3.40
N THR A 23 -14.48 -9.52 3.89
CA THR A 23 -15.39 -8.39 3.65
C THR A 23 -14.55 -7.15 3.29
N ASN A 24 -13.98 -6.47 4.31
CA ASN A 24 -13.14 -5.27 4.14
C ASN A 24 -12.06 -5.26 5.23
N VAL A 25 -10.81 -5.04 4.82
CA VAL A 25 -9.69 -4.72 5.74
C VAL A 25 -9.09 -3.38 5.30
N TRP A 26 -8.11 -2.87 6.05
CA TRP A 26 -7.49 -1.58 5.79
C TRP A 26 -6.34 -1.79 4.78
N VAL A 27 -6.34 -0.97 3.74
CA VAL A 27 -5.30 -1.05 2.69
C VAL A 27 -4.26 0.07 2.93
N LEU A 28 -2.98 -0.29 2.78
CA LEU A 28 -1.85 0.63 2.89
C LEU A 28 -1.19 0.70 1.51
N GLU A 29 -1.41 1.82 0.82
CA GLU A 29 -0.93 2.00 -0.56
C GLU A 29 0.02 3.18 -0.58
N PHE A 30 1.21 3.03 -1.17
CA PHE A 30 2.25 4.08 -1.13
C PHE A 30 2.94 4.23 -2.46
N ASP A 31 3.50 5.43 -2.69
CA ASP A 31 4.41 5.71 -3.79
C ASP A 31 5.70 4.90 -3.63
N ALA A 32 5.73 3.73 -4.27
CA ALA A 32 6.88 2.83 -4.23
C ALA A 32 7.99 3.41 -5.13
N GLU A 33 8.97 4.05 -4.47
CA GLU A 33 10.10 4.69 -5.15
C GLU A 33 11.02 3.64 -5.79
N VAL A 34 10.80 3.40 -7.09
CA VAL A 34 11.63 2.50 -7.91
C VAL A 34 12.43 3.34 -8.94
N PRO A 35 13.73 3.62 -8.65
CA PRO A 35 14.66 4.27 -9.62
C PRO A 35 15.26 3.21 -10.57
N ARG A 36 16.53 3.40 -10.95
CA ARG A 36 17.33 2.40 -11.72
C ARG A 36 17.43 1.00 -11.03
N LYS A 37 16.88 0.87 -9.79
CA LYS A 37 16.77 -0.42 -9.07
C LYS A 37 15.97 -1.49 -9.83
N ILE A 38 15.34 -1.11 -10.96
CA ILE A 38 14.80 -2.10 -11.92
C ILE A 38 15.94 -3.07 -12.34
N ASP A 39 15.95 -4.25 -11.71
CA ASP A 39 17.04 -5.24 -11.80
C ASP A 39 17.32 -5.64 -13.26
N PRO A 40 18.63 -5.69 -13.71
CA PRO A 40 19.02 -6.22 -15.05
C PRO A 40 18.55 -7.67 -15.28
N ILE A 41 18.17 -8.36 -14.18
CA ILE A 41 17.53 -9.68 -14.21
C ILE A 41 16.19 -9.61 -15.00
N MET A 42 15.44 -8.51 -14.80
CA MET A 42 14.21 -8.20 -15.56
C MET A 42 14.44 -6.95 -16.41
N GLY A 43 14.77 -7.15 -17.70
CA GLY A 43 15.04 -6.04 -18.63
C GLY A 43 13.83 -5.13 -18.83
N TYR A 44 13.83 -3.97 -18.13
CA TYR A 44 12.73 -2.99 -18.16
C TYR A 44 13.29 -1.57 -18.45
N THR A 45 14.55 -1.53 -18.92
CA THR A 45 15.28 -0.26 -19.18
C THR A 45 14.72 0.53 -20.38
N SER A 46 13.79 -0.08 -21.13
CA SER A 46 13.08 0.57 -22.26
C SER A 46 12.06 1.62 -21.75
N SER A 47 11.68 1.54 -20.46
CA SER A 47 10.74 2.49 -19.82
C SER A 47 11.15 2.76 -18.36
N SER A 48 11.75 3.94 -18.10
CA SER A 48 12.04 4.42 -16.74
C SER A 48 10.88 5.32 -16.28
N ASP A 49 9.86 4.69 -15.69
CA ASP A 49 8.66 5.37 -15.19
C ASP A 49 8.93 6.01 -13.83
N MET A 50 8.31 7.17 -13.58
CA MET A 50 8.45 7.90 -12.31
C MET A 50 7.65 7.18 -11.22
N LYS A 51 8.37 6.24 -10.55
CA LYS A 51 7.86 5.46 -9.41
C LYS A 51 6.64 4.58 -9.81
N GLN A 52 6.00 3.99 -8.80
CA GLN A 52 4.76 3.23 -8.95
C GLN A 52 3.97 3.32 -7.61
N GLN A 53 2.89 2.54 -7.48
CA GLN A 53 2.15 2.44 -6.22
C GLN A 53 1.74 0.99 -5.98
N VAL A 54 2.29 0.36 -4.94
CA VAL A 54 1.90 -0.97 -4.47
C VAL A 54 1.14 -0.85 -3.13
N LYS A 55 0.48 -1.95 -2.74
CA LYS A 55 -0.41 -1.94 -1.56
C LYS A 55 -0.38 -3.25 -0.76
N LEU A 56 -0.63 -3.09 0.54
CA LEU A 56 -0.66 -4.16 1.55
C LEU A 56 -2.05 -4.14 2.20
N THR A 57 -2.47 -5.25 2.81
CA THR A 57 -3.73 -5.37 3.55
C THR A 57 -3.46 -5.80 5.01
N PHE A 58 -4.05 -5.05 5.94
CA PHE A 58 -3.96 -5.28 7.40
C PHE A 58 -5.37 -5.26 7.97
N GLU A 59 -5.61 -6.03 9.05
CA GLU A 59 -6.97 -6.16 9.65
C GLU A 59 -7.42 -4.82 10.25
N THR A 60 -6.44 -4.01 10.70
CA THR A 60 -6.67 -2.73 11.38
C THR A 60 -5.74 -1.64 10.78
N GLN A 61 -6.13 -0.37 11.01
CA GLN A 61 -5.31 0.81 10.66
C GLN A 61 -3.98 0.78 11.42
N GLU A 62 -4.06 0.38 12.71
CA GLU A 62 -2.92 0.33 13.64
C GLU A 62 -1.73 -0.45 13.04
N GLN A 63 -2.01 -1.61 12.43
CA GLN A 63 -0.98 -2.48 11.84
C GLN A 63 -0.32 -1.81 10.61
N ALA A 64 -1.09 -1.00 9.85
CA ALA A 64 -0.59 -0.30 8.65
C ALA A 64 0.30 0.90 9.02
N GLU A 65 -0.16 1.66 10.04
CA GLU A 65 0.54 2.88 10.48
C GLU A 65 1.80 2.56 11.27
N ALA A 66 1.75 1.53 12.13
CA ALA A 66 2.91 1.08 12.92
C ALA A 66 4.05 0.60 12.01
N TYR A 67 3.69 0.05 10.85
CA TYR A 67 4.67 -0.34 9.82
C TYR A 67 5.34 0.93 9.26
N ALA A 68 4.53 1.87 8.74
CA ALA A 68 4.99 3.14 8.14
C ALA A 68 5.91 3.94 9.10
N GLN A 69 5.49 4.05 10.37
CA GLN A 69 6.20 4.78 11.44
C GLN A 69 7.58 4.13 11.70
N ARG A 70 7.61 2.79 11.76
CA ARG A 70 8.83 1.98 11.94
C ARG A 70 9.86 2.27 10.83
N LYS A 71 9.37 2.55 9.62
CA LYS A 71 10.22 2.78 8.44
C LYS A 71 10.54 4.27 8.26
N GLY A 72 9.75 5.13 8.94
CA GLY A 72 9.83 6.58 8.78
C GLY A 72 8.93 7.10 7.65
N ILE A 73 8.17 6.19 7.00
CA ILE A 73 7.27 6.52 5.88
C ILE A 73 6.22 7.56 6.31
N GLU A 74 6.33 8.75 5.67
CA GLU A 74 5.29 9.78 5.79
C GLU A 74 3.94 9.18 5.31
N TYR A 75 2.86 9.34 6.11
CA TYR A 75 1.58 8.72 5.76
C TYR A 75 0.41 9.62 6.15
N ARG A 76 -0.66 9.53 5.36
CA ARG A 76 -1.95 10.17 5.63
C ARG A 76 -3.03 9.10 5.80
N VAL A 77 -3.69 9.12 6.96
CA VAL A 77 -4.88 8.31 7.21
C VAL A 77 -6.10 9.00 6.57
N ILE A 78 -6.79 8.26 5.71
CA ILE A 78 -8.09 8.63 5.16
C ILE A 78 -9.09 7.69 5.83
N LEU A 79 -10.07 8.26 6.55
CA LEU A 79 -11.13 7.48 7.18
C LEU A 79 -11.91 6.67 6.12
N PRO A 80 -12.46 5.48 6.47
CA PRO A 80 -13.18 4.62 5.51
C PRO A 80 -14.47 5.28 5.00
N LYS A 81 -15.00 4.74 3.89
CA LYS A 81 -16.25 5.20 3.25
C LYS A 81 -17.43 5.15 4.26
N GLU A 82 -17.36 4.18 5.19
CA GLU A 82 -18.40 3.89 6.17
C GLU A 82 -18.42 4.94 7.31
N ALA A 83 -17.27 5.60 7.54
CA ALA A 83 -17.08 6.56 8.66
C ALA A 83 -17.83 7.89 8.41
N MET A 4 9.27 7.77 0.98
CA MET A 4 8.13 7.00 0.41
C MET A 4 6.85 7.41 1.12
N SER A 5 5.72 7.46 0.41
CA SER A 5 4.47 8.01 0.95
C SER A 5 3.41 6.91 1.02
N ALA A 6 2.96 6.61 2.24
CA ALA A 6 2.08 5.47 2.51
C ALA A 6 0.65 5.94 2.65
N LYS A 7 -0.26 5.39 1.85
CA LYS A 7 -1.67 5.75 1.87
C LYS A 7 -2.43 4.58 2.52
N ILE A 8 -3.08 4.87 3.64
CA ILE A 8 -3.82 3.90 4.43
C ILE A 8 -5.29 4.12 4.18
N TYR A 9 -5.97 3.09 3.69
CA TYR A 9 -7.38 3.16 3.33
C TYR A 9 -7.99 1.77 3.47
N ARG A 10 -9.29 1.69 3.23
CA ARG A 10 -10.04 0.44 3.35
C ARG A 10 -11.09 0.40 2.23
N PRO A 11 -10.80 -0.29 1.09
CA PRO A 11 -11.69 -0.30 -0.09
C PRO A 11 -13.05 -0.97 0.21
N ALA A 12 -14.15 -0.31 -0.19
CA ALA A 12 -15.51 -0.86 -0.11
C ALA A 12 -15.63 -2.14 -0.96
N LYS A 13 -14.89 -2.14 -2.08
CA LYS A 13 -14.71 -3.30 -2.95
C LYS A 13 -13.35 -3.16 -3.65
N THR A 14 -12.72 -4.30 -3.95
CA THR A 14 -11.32 -4.35 -4.42
C THR A 14 -11.04 -5.62 -5.23
N ALA A 15 -9.82 -5.72 -5.77
CA ALA A 15 -9.34 -6.90 -6.53
C ALA A 15 -8.64 -7.93 -5.60
N MET A 16 -8.57 -7.62 -4.28
CA MET A 16 -7.97 -8.50 -3.26
C MET A 16 -8.80 -9.81 -3.14
N GLN A 17 -8.40 -10.86 -3.87
CA GLN A 17 -9.06 -12.17 -3.80
C GLN A 17 -8.62 -12.90 -2.53
N SER A 18 -9.51 -12.90 -1.52
CA SER A 18 -9.20 -13.40 -0.17
C SER A 18 -10.51 -13.76 0.57
N GLY A 19 -10.39 -14.11 1.87
CA GLY A 19 -11.57 -14.44 2.70
C GLY A 19 -12.22 -13.20 3.33
N THR A 20 -12.21 -12.07 2.59
CA THR A 20 -12.83 -10.82 3.04
C THR A 20 -14.31 -10.78 2.62
N ALA A 21 -15.14 -11.50 3.39
CA ALA A 21 -16.60 -11.56 3.18
C ALA A 21 -17.30 -10.47 4.01
N LYS A 22 -18.06 -9.60 3.32
CA LYS A 22 -18.83 -8.48 3.91
C LYS A 22 -17.90 -7.40 4.48
N THR A 23 -17.24 -7.69 5.62
CA THR A 23 -16.29 -6.79 6.25
C THR A 23 -14.96 -6.77 5.48
N ASN A 24 -14.50 -5.56 5.17
CA ASN A 24 -13.31 -5.31 4.34
C ASN A 24 -12.03 -5.30 5.20
N VAL A 25 -10.90 -5.01 4.55
CA VAL A 25 -9.59 -4.92 5.21
C VAL A 25 -8.90 -3.62 4.76
N TRP A 26 -7.96 -3.10 5.56
CA TRP A 26 -7.24 -1.86 5.24
C TRP A 26 -6.05 -2.21 4.35
N VAL A 27 -5.85 -1.46 3.27
CA VAL A 27 -4.67 -1.58 2.42
C VAL A 27 -3.72 -0.43 2.76
N LEU A 28 -2.43 -0.76 2.85
CA LEU A 28 -1.35 0.18 3.07
C LEU A 28 -0.50 0.08 1.80
N GLU A 29 -0.59 1.10 0.97
CA GLU A 29 0.12 1.13 -0.30
C GLU A 29 1.12 2.27 -0.28
N PHE A 30 2.37 2.02 -0.65
CA PHE A 30 3.42 3.04 -0.67
C PHE A 30 4.39 2.78 -1.81
N ASP A 31 5.09 3.86 -2.18
CA ASP A 31 6.21 3.79 -3.13
C ASP A 31 7.22 2.75 -2.61
N ALA A 32 7.27 1.56 -3.25
CA ALA A 32 8.15 0.43 -2.86
C ALA A 32 9.55 0.90 -2.43
N GLU A 33 9.93 0.55 -1.19
CA GLU A 33 11.21 0.92 -0.58
C GLU A 33 12.39 0.17 -1.25
N VAL A 34 12.73 0.66 -2.45
CA VAL A 34 13.79 0.12 -3.31
C VAL A 34 14.39 1.30 -4.10
N PRO A 35 15.76 1.40 -4.18
CA PRO A 35 16.43 2.42 -5.04
C PRO A 35 16.21 2.14 -6.54
N ARG A 36 16.96 2.85 -7.41
CA ARG A 36 16.88 2.65 -8.87
C ARG A 36 17.51 1.29 -9.32
N LYS A 37 17.96 0.49 -8.34
CA LYS A 37 18.36 -0.91 -8.53
C LYS A 37 17.10 -1.76 -8.82
N ILE A 38 16.60 -1.63 -10.05
CA ILE A 38 15.39 -2.32 -10.55
C ILE A 38 15.75 -3.10 -11.82
N ASP A 39 14.86 -4.01 -12.25
CA ASP A 39 15.04 -4.75 -13.51
C ASP A 39 14.90 -3.79 -14.71
N PRO A 40 15.98 -3.61 -15.55
CA PRO A 40 15.90 -2.81 -16.80
C PRO A 40 14.88 -3.41 -17.80
N ILE A 41 14.52 -4.69 -17.59
CA ILE A 41 13.48 -5.40 -18.35
C ILE A 41 12.09 -4.76 -18.11
N MET A 42 11.77 -4.49 -16.83
CA MET A 42 10.44 -3.98 -16.41
C MET A 42 10.56 -2.56 -15.85
N GLY A 43 11.70 -1.90 -16.11
CA GLY A 43 11.99 -0.56 -15.57
C GLY A 43 11.44 0.57 -16.42
N TYR A 44 10.16 0.43 -16.81
CA TYR A 44 9.41 1.46 -17.57
C TYR A 44 7.90 1.20 -17.43
N THR A 45 7.52 -0.09 -17.44
CA THR A 45 6.13 -0.53 -17.24
C THR A 45 5.79 -0.61 -15.73
N SER A 46 6.36 -1.63 -15.05
CA SER A 46 6.11 -1.90 -13.62
C SER A 46 6.77 -0.83 -12.75
N SER A 47 8.02 -0.49 -13.10
CA SER A 47 8.78 0.57 -12.45
C SER A 47 8.87 1.77 -13.40
N SER A 48 7.80 2.59 -13.41
CA SER A 48 7.70 3.79 -14.25
C SER A 48 8.72 4.87 -13.84
N ASP A 49 9.17 4.82 -12.57
CA ASP A 49 10.15 5.76 -12.00
C ASP A 49 11.27 4.95 -11.30
N MET A 50 11.91 5.53 -10.25
CA MET A 50 12.97 4.87 -9.44
C MET A 50 12.54 3.48 -8.91
N LYS A 51 11.22 3.31 -8.73
CA LYS A 51 10.64 2.19 -7.98
C LYS A 51 9.25 1.84 -8.53
N GLN A 52 8.55 0.96 -7.83
CA GLN A 52 7.17 0.56 -8.15
C GLN A 52 6.28 0.79 -6.92
N GLN A 53 5.11 0.13 -6.85
CA GLN A 53 4.23 0.18 -5.67
C GLN A 53 4.33 -1.14 -4.87
N VAL A 54 4.04 -1.05 -3.57
CA VAL A 54 3.95 -2.21 -2.66
C VAL A 54 2.75 -2.04 -1.73
N LYS A 55 2.05 -3.13 -1.41
CA LYS A 55 0.83 -3.08 -0.60
C LYS A 55 0.77 -4.21 0.43
N LEU A 56 0.42 -3.81 1.67
CA LEU A 56 0.24 -4.70 2.83
C LEU A 56 -1.21 -4.55 3.31
N THR A 57 -1.79 -5.60 3.91
CA THR A 57 -3.18 -5.54 4.42
C THR A 57 -3.22 -5.76 5.95
N PHE A 58 -3.96 -4.89 6.67
CA PHE A 58 -4.09 -4.90 8.15
C PHE A 58 -5.58 -4.77 8.52
N GLU A 59 -5.97 -5.36 9.66
CA GLU A 59 -7.38 -5.40 10.10
C GLU A 59 -7.90 -4.00 10.50
N THR A 60 -6.98 -3.13 10.97
CA THR A 60 -7.30 -1.77 11.43
C THR A 60 -6.31 -0.73 10.87
N GLN A 61 -6.72 0.55 10.91
CA GLN A 61 -5.85 1.70 10.58
C GLN A 61 -4.64 1.75 11.51
N GLU A 62 -4.89 1.53 12.82
CA GLU A 62 -3.89 1.64 13.88
C GLU A 62 -2.68 0.72 13.62
N GLN A 63 -2.94 -0.49 13.08
CA GLN A 63 -1.89 -1.46 12.73
C GLN A 63 -1.10 -1.03 11.49
N ALA A 64 -1.76 -0.34 10.54
CA ALA A 64 -1.13 0.08 9.28
C ALA A 64 -0.21 1.29 9.52
N GLU A 65 -0.66 2.20 10.38
CA GLU A 65 0.15 3.37 10.75
C GLU A 65 1.27 2.98 11.68
N ALA A 66 1.06 1.95 12.54
CA ALA A 66 2.09 1.38 13.41
C ALA A 66 3.34 0.94 12.61
N TYR A 67 3.09 0.39 11.41
CA TYR A 67 4.14 -0.03 10.48
C TYR A 67 4.94 1.18 9.98
N ALA A 68 4.24 2.12 9.33
CA ALA A 68 4.81 3.34 8.75
C ALA A 68 5.63 4.16 9.78
N GLN A 69 5.04 4.41 10.96
CA GLN A 69 5.65 5.21 12.04
C GLN A 69 6.94 4.56 12.57
N ARG A 70 6.92 3.22 12.69
CA ARG A 70 8.10 2.40 13.07
C ARG A 70 9.30 2.69 12.17
N LYS A 71 9.02 2.90 10.88
CA LYS A 71 10.05 3.11 9.86
C LYS A 71 10.33 4.60 9.62
N GLY A 72 9.40 5.47 10.06
CA GLY A 72 9.47 6.90 9.77
C GLY A 72 8.80 7.26 8.44
N ILE A 73 8.13 6.26 7.82
CA ILE A 73 7.41 6.46 6.54
C ILE A 73 6.29 7.52 6.71
N GLU A 74 6.52 8.64 6.02
CA GLU A 74 5.48 9.69 5.90
C GLU A 74 4.21 9.04 5.31
N TYR A 75 3.03 9.25 5.92
CA TYR A 75 1.81 8.53 5.52
C TYR A 75 0.57 9.45 5.58
N ARG A 76 -0.30 9.28 4.58
CA ARG A 76 -1.63 9.90 4.52
C ARG A 76 -2.69 8.84 4.83
N VAL A 77 -3.50 9.09 5.84
CA VAL A 77 -4.69 8.28 6.11
C VAL A 77 -5.86 8.80 5.26
N ILE A 78 -6.47 7.90 4.49
CA ILE A 78 -7.72 8.12 3.75
C ILE A 78 -8.82 7.30 4.46
N LEU A 79 -9.91 7.96 4.85
CA LEU A 79 -11.03 7.29 5.53
C LEU A 79 -11.91 6.52 4.52
N PRO A 80 -12.40 5.30 4.91
CA PRO A 80 -13.30 4.49 4.07
C PRO A 80 -14.78 4.91 4.20
N LYS A 81 -15.68 4.07 3.64
CA LYS A 81 -17.15 4.29 3.67
C LYS A 81 -17.73 4.15 5.11
N GLU A 82 -16.93 3.60 6.03
CA GLU A 82 -17.33 3.33 7.43
C GLU A 82 -16.60 4.32 8.38
N ALA A 83 -15.24 4.20 8.46
CA ALA A 83 -14.34 5.14 9.18
C ALA A 83 -14.60 5.16 10.71
N MET A 4 9.31 7.77 1.81
CA MET A 4 8.18 6.95 1.30
C MET A 4 6.88 7.59 1.77
N SER A 5 5.81 7.47 0.97
CA SER A 5 4.58 8.26 1.17
C SER A 5 3.36 7.34 1.04
N ALA A 6 2.87 6.86 2.18
CA ALA A 6 1.81 5.84 2.25
C ALA A 6 0.45 6.50 2.47
N LYS A 7 -0.58 5.93 1.87
CA LYS A 7 -1.97 6.25 2.14
C LYS A 7 -2.59 4.99 2.78
N ILE A 8 -3.19 5.16 3.96
CA ILE A 8 -3.81 4.07 4.70
C ILE A 8 -5.31 4.26 4.60
N TYR A 9 -6.00 3.28 4.06
CA TYR A 9 -7.43 3.36 3.78
C TYR A 9 -8.04 1.98 3.91
N ARG A 10 -9.36 1.92 3.79
CA ARG A 10 -10.09 0.66 3.79
C ARG A 10 -10.96 0.61 2.53
N PRO A 11 -10.49 -0.12 1.46
CA PRO A 11 -11.14 -0.13 0.14
C PRO A 11 -12.50 -0.84 0.14
N ALA A 12 -13.53 -0.13 -0.35
CA ALA A 12 -14.85 -0.71 -0.62
C ALA A 12 -14.75 -1.65 -1.85
N LYS A 13 -14.10 -1.14 -2.91
CA LYS A 13 -13.73 -1.96 -4.08
C LYS A 13 -12.33 -2.56 -3.84
N THR A 14 -12.26 -3.89 -3.79
CA THR A 14 -11.02 -4.64 -3.52
C THR A 14 -11.13 -6.08 -4.03
N ALA A 15 -9.98 -6.77 -4.13
CA ALA A 15 -9.91 -8.19 -4.48
C ALA A 15 -10.59 -9.02 -3.37
N MET A 16 -11.85 -9.42 -3.63
CA MET A 16 -12.69 -10.12 -2.64
C MET A 16 -12.07 -11.49 -2.27
N GLN A 17 -11.92 -11.73 -0.96
CA GLN A 17 -11.45 -13.02 -0.43
C GLN A 17 -12.48 -14.10 -0.75
N SER A 18 -13.72 -13.89 -0.23
CA SER A 18 -14.88 -14.77 -0.44
C SER A 18 -16.09 -14.17 0.28
N GLY A 19 -15.89 -13.81 1.57
CA GLY A 19 -16.96 -13.28 2.42
C GLY A 19 -16.92 -13.89 3.81
N THR A 20 -16.32 -15.10 3.91
CA THR A 20 -16.10 -15.80 5.19
C THR A 20 -15.07 -15.04 6.07
N ALA A 21 -14.10 -14.37 5.42
CA ALA A 21 -13.16 -13.45 6.07
C ALA A 21 -13.70 -12.00 6.00
N LYS A 22 -12.95 -11.05 6.57
CA LYS A 22 -13.40 -9.64 6.69
C LYS A 22 -13.54 -8.94 5.32
N THR A 23 -12.75 -9.41 4.33
CA THR A 23 -12.68 -8.89 2.95
C THR A 23 -12.25 -7.39 2.89
N ASN A 24 -13.11 -6.48 3.34
CA ASN A 24 -12.77 -5.06 3.52
C ASN A 24 -11.85 -4.92 4.75
N VAL A 25 -10.55 -5.06 4.50
CA VAL A 25 -9.48 -4.81 5.49
C VAL A 25 -8.79 -3.50 5.13
N TRP A 26 -7.84 -3.03 5.96
CA TRP A 26 -7.15 -1.75 5.72
C TRP A 26 -5.92 -2.00 4.83
N VAL A 27 -5.85 -1.25 3.73
CA VAL A 27 -4.70 -1.32 2.81
C VAL A 27 -3.76 -0.12 3.05
N LEU A 28 -2.46 -0.40 3.02
CA LEU A 28 -1.40 0.59 3.14
C LEU A 28 -0.68 0.56 1.79
N GLU A 29 -0.89 1.59 0.99
CA GLU A 29 -0.31 1.69 -0.34
C GLU A 29 0.63 2.88 -0.36
N PHE A 30 1.87 2.69 -0.84
CA PHE A 30 2.90 3.73 -0.84
C PHE A 30 3.68 3.66 -2.13
N ASP A 31 4.27 4.77 -2.55
CA ASP A 31 5.23 4.80 -3.64
C ASP A 31 6.62 4.63 -3.03
N ALA A 32 7.40 3.69 -3.55
CA ALA A 32 8.76 3.43 -3.06
C ALA A 32 9.77 4.43 -3.63
N GLU A 33 10.88 4.53 -2.93
CA GLU A 33 12.02 5.40 -3.28
C GLU A 33 12.91 4.76 -4.38
N VAL A 34 12.45 3.63 -4.96
CA VAL A 34 13.10 2.95 -6.10
C VAL A 34 13.47 3.94 -7.24
N PRO A 35 14.78 3.94 -7.71
CA PRO A 35 15.20 4.78 -8.85
C PRO A 35 14.65 4.26 -10.20
N ARG A 36 14.83 5.07 -11.25
CA ARG A 36 14.45 4.70 -12.63
C ARG A 36 15.27 3.48 -13.11
N LYS A 37 16.47 3.31 -12.54
CA LYS A 37 17.39 2.23 -12.89
C LYS A 37 16.93 0.91 -12.21
N ILE A 38 16.24 0.06 -12.98
CA ILE A 38 15.69 -1.24 -12.50
C ILE A 38 16.22 -2.38 -13.39
N ASP A 39 15.81 -3.63 -13.08
CA ASP A 39 16.27 -4.84 -13.80
C ASP A 39 15.91 -4.77 -15.30
N PRO A 40 16.91 -4.88 -16.22
CA PRO A 40 16.68 -4.90 -17.71
C PRO A 40 15.70 -6.01 -18.18
N ILE A 41 15.60 -7.09 -17.41
CA ILE A 41 14.82 -8.28 -17.79
C ILE A 41 13.32 -8.07 -17.49
N MET A 42 12.91 -8.30 -16.22
CA MET A 42 11.48 -8.27 -15.82
C MET A 42 11.05 -6.87 -15.31
N GLY A 43 11.96 -5.88 -15.37
CA GLY A 43 11.67 -4.50 -14.95
C GLY A 43 10.64 -3.79 -15.85
N TYR A 44 10.36 -4.37 -17.03
CA TYR A 44 9.27 -3.94 -17.94
C TYR A 44 7.93 -3.95 -17.18
N THR A 45 7.77 -4.95 -16.30
CA THR A 45 6.67 -5.05 -15.36
C THR A 45 7.21 -4.85 -13.93
N SER A 46 7.03 -3.63 -13.41
CA SER A 46 7.57 -3.19 -12.09
C SER A 46 6.97 -3.99 -10.92
N SER A 47 5.85 -4.70 -11.17
CA SER A 47 5.20 -5.58 -10.20
C SER A 47 6.12 -6.78 -9.83
N SER A 48 7.01 -6.57 -8.86
CA SER A 48 8.04 -7.56 -8.44
C SER A 48 8.33 -7.44 -6.94
N ASP A 49 9.34 -8.21 -6.47
CA ASP A 49 9.87 -8.11 -5.09
C ASP A 49 10.73 -6.85 -4.91
N MET A 50 11.19 -6.26 -6.03
CA MET A 50 11.80 -4.91 -6.02
C MET A 50 10.78 -3.90 -5.46
N LYS A 51 11.27 -3.01 -4.58
CA LYS A 51 10.47 -1.89 -4.03
C LYS A 51 9.76 -1.11 -5.17
N GLN A 52 8.47 -0.83 -4.95
CA GLN A 52 7.58 -0.23 -5.95
C GLN A 52 6.39 0.45 -5.22
N GLN A 53 5.31 0.73 -5.96
CA GLN A 53 4.07 1.28 -5.39
C GLN A 53 3.26 0.18 -4.62
N VAL A 54 3.90 -0.46 -3.61
CA VAL A 54 3.41 -1.69 -2.95
C VAL A 54 2.13 -1.42 -2.10
N LYS A 55 1.39 -2.52 -1.80
CA LYS A 55 0.27 -2.49 -0.87
C LYS A 55 0.39 -3.64 0.14
N LEU A 56 0.11 -3.34 1.41
CA LEU A 56 0.09 -4.31 2.52
C LEU A 56 -1.32 -4.29 3.13
N THR A 57 -1.83 -5.43 3.59
CA THR A 57 -3.17 -5.53 4.17
C THR A 57 -3.06 -5.85 5.67
N PHE A 58 -3.75 -5.06 6.49
CA PHE A 58 -3.76 -5.16 7.96
C PHE A 58 -5.20 -5.29 8.44
N GLU A 59 -5.39 -5.87 9.65
CA GLU A 59 -6.71 -6.02 10.30
C GLU A 59 -7.37 -4.66 10.57
N THR A 60 -6.55 -3.69 11.04
CA THR A 60 -7.01 -2.37 11.48
C THR A 60 -6.07 -1.28 10.94
N GLN A 61 -6.51 -0.02 11.07
CA GLN A 61 -5.71 1.17 10.74
C GLN A 61 -4.48 1.25 11.65
N GLU A 62 -4.68 0.87 12.93
CA GLU A 62 -3.66 0.97 13.98
C GLU A 62 -2.41 0.17 13.62
N GLN A 63 -2.61 -1.03 13.06
CA GLN A 63 -1.52 -1.91 12.66
C GLN A 63 -0.75 -1.37 11.43
N ALA A 64 -1.45 -0.61 10.57
CA ALA A 64 -0.86 -0.02 9.36
C ALA A 64 -0.04 1.23 9.71
N GLU A 65 -0.57 2.03 10.63
CA GLU A 65 0.07 3.30 11.04
C GLU A 65 1.30 3.03 11.92
N ALA A 66 1.21 2.01 12.80
CA ALA A 66 2.34 1.52 13.60
C ALA A 66 3.49 1.02 12.71
N TYR A 67 3.15 0.40 11.56
CA TYR A 67 4.12 -0.07 10.56
C TYR A 67 4.86 1.14 9.96
N ALA A 68 4.10 2.07 9.36
CA ALA A 68 4.61 3.27 8.68
C ALA A 68 5.54 4.09 9.58
N GLN A 69 5.08 4.39 10.80
CA GLN A 69 5.85 5.19 11.79
C GLN A 69 7.18 4.51 12.15
N ARG A 70 7.14 3.18 12.34
CA ARG A 70 8.30 2.34 12.66
C ARG A 70 9.36 2.38 11.54
N LYS A 71 8.88 2.58 10.30
CA LYS A 71 9.76 2.67 9.11
C LYS A 71 10.11 4.15 8.79
N GLY A 72 9.37 5.09 9.41
CA GLY A 72 9.52 6.52 9.14
C GLY A 72 8.66 7.00 7.96
N ILE A 73 7.86 6.07 7.39
CA ILE A 73 6.96 6.37 6.27
C ILE A 73 5.88 7.42 6.69
N GLU A 74 6.02 8.61 6.07
CA GLU A 74 4.97 9.66 6.17
C GLU A 74 3.66 9.09 5.55
N TYR A 75 2.50 9.25 6.23
CA TYR A 75 1.25 8.59 5.79
C TYR A 75 0.02 9.51 5.91
N ARG A 76 -0.89 9.37 4.93
CA ARG A 76 -2.19 10.05 4.91
C ARG A 76 -3.28 8.99 5.13
N VAL A 77 -3.96 9.03 6.29
CA VAL A 77 -5.08 8.11 6.57
C VAL A 77 -6.39 8.67 5.97
N ILE A 78 -7.07 7.80 5.21
CA ILE A 78 -8.41 8.01 4.66
C ILE A 78 -9.29 6.90 5.25
N LEU A 79 -10.42 7.28 5.86
CA LEU A 79 -11.37 6.32 6.43
C LEU A 79 -12.20 5.68 5.30
N PRO A 80 -12.86 4.48 5.53
CA PRO A 80 -13.76 3.86 4.53
C PRO A 80 -14.96 4.78 4.22
N LYS A 81 -15.69 4.45 3.15
CA LYS A 81 -16.75 5.33 2.55
C LYS A 81 -18.02 5.52 3.42
N GLU A 82 -17.98 5.11 4.70
CA GLU A 82 -19.11 5.19 5.63
C GLU A 82 -18.64 5.50 7.08
N ALA A 83 -17.37 5.91 7.22
CA ALA A 83 -16.75 6.13 8.55
C ALA A 83 -16.59 7.64 8.88
N MET A 4 8.48 10.45 0.52
CA MET A 4 7.23 9.90 -0.07
C MET A 4 6.16 9.85 1.02
N SER A 5 4.87 9.90 0.62
CA SER A 5 3.74 9.93 1.58
C SER A 5 2.77 8.76 1.28
N ALA A 6 2.46 7.97 2.32
CA ALA A 6 1.58 6.80 2.20
C ALA A 6 0.18 7.14 2.72
N LYS A 7 -0.84 6.66 2.02
CA LYS A 7 -2.24 6.85 2.41
C LYS A 7 -2.76 5.50 2.92
N ILE A 8 -3.33 5.50 4.13
CA ILE A 8 -3.95 4.31 4.72
C ILE A 8 -5.44 4.50 4.67
N TYR A 9 -6.11 3.57 4.04
CA TYR A 9 -7.57 3.56 3.91
C TYR A 9 -8.03 2.12 3.89
N ARG A 10 -9.34 1.92 3.85
CA ARG A 10 -9.95 0.60 3.73
C ARG A 10 -11.16 0.74 2.80
N PRO A 11 -10.99 0.44 1.48
CA PRO A 11 -12.02 0.73 0.46
C PRO A 11 -13.21 -0.24 0.52
N ALA A 12 -14.18 -0.04 -0.39
CA ALA A 12 -15.36 -0.91 -0.52
C ALA A 12 -15.13 -2.05 -1.55
N LYS A 13 -13.90 -2.10 -2.12
CA LYS A 13 -13.47 -3.18 -3.03
C LYS A 13 -11.97 -3.46 -2.87
N THR A 14 -11.55 -4.66 -3.26
CA THR A 14 -10.13 -5.07 -3.33
C THR A 14 -9.95 -5.96 -4.57
N ALA A 15 -10.83 -6.99 -4.65
CA ALA A 15 -11.01 -7.86 -5.81
C ALA A 15 -12.36 -8.57 -5.63
N MET A 16 -12.41 -9.42 -4.59
CA MET A 16 -13.65 -10.00 -4.00
C MET A 16 -13.40 -10.15 -2.48
N GLN A 17 -14.47 -10.36 -1.70
CA GLN A 17 -14.37 -10.55 -0.24
C GLN A 17 -13.74 -11.94 0.04
N SER A 18 -12.41 -11.98 0.11
CA SER A 18 -11.64 -13.21 0.32
C SER A 18 -10.22 -12.85 0.82
N GLY A 19 -9.74 -13.60 1.82
CA GLY A 19 -8.44 -13.33 2.46
C GLY A 19 -8.42 -12.00 3.22
N THR A 20 -9.59 -11.63 3.77
CA THR A 20 -9.79 -10.35 4.49
C THR A 20 -10.28 -10.63 5.93
N ALA A 21 -9.79 -9.82 6.90
CA ALA A 21 -10.24 -9.88 8.30
C ALA A 21 -11.74 -9.60 8.44
N LYS A 22 -12.21 -8.62 7.65
CA LYS A 22 -13.64 -8.26 7.56
C LYS A 22 -13.85 -7.46 6.27
N THR A 23 -14.83 -7.89 5.43
CA THR A 23 -15.20 -7.23 4.15
C THR A 23 -13.98 -6.98 3.21
N ASN A 24 -13.29 -5.83 3.42
CA ASN A 24 -12.08 -5.45 2.70
C ASN A 24 -10.97 -5.18 3.71
N VAL A 25 -9.74 -5.33 3.27
CA VAL A 25 -8.56 -5.03 4.11
C VAL A 25 -8.15 -3.57 3.96
N TRP A 26 -7.23 -3.14 4.83
CA TRP A 26 -6.70 -1.78 4.83
C TRP A 26 -5.57 -1.73 3.80
N VAL A 27 -5.72 -0.83 2.84
CA VAL A 27 -4.75 -0.72 1.75
C VAL A 27 -3.82 0.48 2.02
N LEU A 28 -2.53 0.26 1.74
CA LEU A 28 -1.45 1.22 1.95
C LEU A 28 -0.86 1.54 0.59
N GLU A 29 -1.19 2.73 0.09
CA GLU A 29 -0.77 3.18 -1.24
C GLU A 29 0.12 4.40 -1.08
N PHE A 30 1.28 4.40 -1.73
CA PHE A 30 2.26 5.50 -1.61
C PHE A 30 2.95 5.72 -2.93
N ASP A 31 3.48 6.94 -3.12
CA ASP A 31 4.39 7.23 -4.23
C ASP A 31 5.62 6.33 -4.09
N ALA A 32 5.67 5.32 -4.95
CA ALA A 32 6.65 4.23 -4.86
C ALA A 32 8.09 4.76 -4.82
N GLU A 33 8.84 4.37 -3.78
CA GLU A 33 10.28 4.68 -3.66
C GLU A 33 11.12 3.59 -4.37
N VAL A 34 10.53 2.99 -5.43
CA VAL A 34 11.13 1.86 -6.14
C VAL A 34 11.15 2.15 -7.67
N PRO A 35 12.36 2.08 -8.31
CA PRO A 35 12.50 2.03 -9.78
C PRO A 35 12.43 0.58 -10.29
N ARG A 36 13.14 0.29 -11.38
CA ARG A 36 13.38 -1.09 -11.87
C ARG A 36 14.01 -2.00 -10.79
N LYS A 37 14.81 -1.39 -9.88
CA LYS A 37 15.49 -2.13 -8.80
C LYS A 37 14.48 -2.42 -7.68
N ILE A 38 13.84 -3.59 -7.80
CA ILE A 38 12.69 -3.97 -6.97
C ILE A 38 13.08 -4.90 -5.81
N ASP A 39 12.30 -4.87 -4.71
CA ASP A 39 12.46 -5.82 -3.60
C ASP A 39 11.87 -7.19 -3.98
N PRO A 40 12.48 -8.33 -3.50
CA PRO A 40 11.90 -9.69 -3.70
C PRO A 40 10.58 -9.90 -2.90
N ILE A 41 10.22 -8.90 -2.07
CA ILE A 41 8.94 -8.87 -1.34
C ILE A 41 7.78 -8.77 -2.36
N MET A 42 7.58 -7.57 -2.94
CA MET A 42 6.51 -7.29 -3.90
C MET A 42 7.06 -7.48 -5.32
N GLY A 43 7.92 -6.53 -5.74
CA GLY A 43 8.69 -6.63 -6.98
C GLY A 43 7.85 -6.67 -8.25
N TYR A 44 6.62 -6.13 -8.21
CA TYR A 44 5.70 -6.14 -9.35
C TYR A 44 5.79 -4.83 -10.18
N THR A 45 6.81 -4.00 -9.88
CA THR A 45 7.09 -2.76 -10.63
C THR A 45 7.92 -3.11 -11.90
N SER A 46 7.30 -3.93 -12.78
CA SER A 46 7.88 -4.34 -14.07
C SER A 46 7.83 -3.19 -15.10
N SER A 47 7.06 -2.14 -14.76
CA SER A 47 6.95 -0.89 -15.54
C SER A 47 8.33 -0.26 -15.79
N SER A 48 9.16 -0.21 -14.71
CA SER A 48 10.55 0.31 -14.73
C SER A 48 10.59 1.83 -15.08
N ASP A 49 9.42 2.49 -15.06
CA ASP A 49 9.27 3.87 -15.55
C ASP A 49 9.48 4.88 -14.40
N MET A 50 10.76 5.09 -14.05
CA MET A 50 11.21 6.00 -12.95
C MET A 50 10.71 5.50 -11.58
N LYS A 51 9.41 5.71 -11.32
CA LYS A 51 8.67 5.13 -10.17
C LYS A 51 7.16 5.30 -10.41
N GLN A 52 6.38 4.31 -9.96
CA GLN A 52 4.90 4.37 -10.00
C GLN A 52 4.38 4.76 -8.59
N GLN A 53 3.15 4.35 -8.26
CA GLN A 53 2.63 4.37 -6.89
C GLN A 53 2.17 2.95 -6.54
N VAL A 54 2.99 2.18 -5.79
CA VAL A 54 2.65 0.80 -5.40
C VAL A 54 1.74 0.79 -4.16
N LYS A 55 1.11 -0.38 -3.92
CA LYS A 55 0.18 -0.54 -2.80
C LYS A 55 0.22 -1.96 -2.21
N LEU A 56 0.08 -1.99 -0.88
CA LEU A 56 0.13 -3.20 -0.05
C LEU A 56 -1.23 -3.37 0.63
N THR A 57 -1.58 -4.59 1.06
CA THR A 57 -2.81 -4.87 1.81
C THR A 57 -2.50 -5.53 3.17
N PHE A 58 -3.15 -5.02 4.23
CA PHE A 58 -2.97 -5.48 5.63
C PHE A 58 -4.35 -5.64 6.30
N GLU A 59 -4.43 -6.53 7.31
CA GLU A 59 -5.69 -6.80 8.05
C GLU A 59 -6.19 -5.55 8.80
N THR A 60 -5.21 -4.72 9.26
CA THR A 60 -5.48 -3.54 10.08
C THR A 60 -4.67 -2.33 9.59
N GLN A 61 -5.11 -1.14 10.03
CA GLN A 61 -4.39 0.15 9.87
C GLN A 61 -3.00 0.07 10.51
N GLU A 62 -2.98 -0.54 11.71
CA GLU A 62 -1.78 -0.71 12.55
C GLU A 62 -0.58 -1.27 11.77
N GLN A 63 -0.83 -2.34 11.00
CA GLN A 63 0.21 -3.04 10.21
C GLN A 63 0.70 -2.16 9.03
N ALA A 64 -0.18 -1.31 8.49
CA ALA A 64 0.15 -0.42 7.34
C ALA A 64 1.02 0.76 7.79
N GLU A 65 0.65 1.34 8.96
CA GLU A 65 1.38 2.48 9.53
C GLU A 65 2.73 2.05 10.10
N ALA A 66 2.77 0.88 10.74
CA ALA A 66 4.02 0.30 11.27
C ALA A 66 5.03 0.00 10.15
N TYR A 67 4.53 -0.39 8.95
CA TYR A 67 5.38 -0.61 7.76
C TYR A 67 5.99 0.73 7.31
N ALA A 68 5.11 1.71 7.04
CA ALA A 68 5.49 3.07 6.59
C ALA A 68 6.51 3.73 7.55
N GLN A 69 6.22 3.68 8.86
CA GLN A 69 7.08 4.29 9.91
C GLN A 69 8.45 3.60 9.99
N ARG A 70 8.47 2.25 9.85
CA ARG A 70 9.70 1.43 9.76
C ARG A 70 10.60 1.91 8.58
N LYS A 71 9.95 2.34 7.49
CA LYS A 71 10.62 2.84 6.28
C LYS A 71 10.95 4.34 6.42
N GLY A 72 10.20 5.05 7.30
CA GLY A 72 10.29 6.51 7.43
C GLY A 72 9.23 7.23 6.58
N ILE A 73 8.42 6.45 5.85
CA ILE A 73 7.33 7.00 5.03
C ILE A 73 6.28 7.67 5.94
N GLU A 74 6.28 9.01 5.87
CA GLU A 74 5.21 9.82 6.47
C GLU A 74 3.84 9.35 5.91
N TYR A 75 2.78 9.27 6.74
CA TYR A 75 1.51 8.65 6.33
C TYR A 75 0.30 9.49 6.80
N ARG A 76 -0.75 9.50 5.96
CA ARG A 76 -2.05 10.09 6.27
C ARG A 76 -3.11 8.99 6.24
N VAL A 77 -3.93 8.91 7.29
CA VAL A 77 -5.02 7.92 7.40
C VAL A 77 -6.35 8.59 7.09
N ILE A 78 -7.14 7.94 6.22
CA ILE A 78 -8.49 8.35 5.84
C ILE A 78 -9.44 7.25 6.35
N LEU A 79 -10.41 7.65 7.20
CA LEU A 79 -11.39 6.72 7.78
C LEU A 79 -12.25 6.06 6.68
N PRO A 80 -12.50 4.72 6.79
CA PRO A 80 -13.29 3.96 5.79
C PRO A 80 -14.81 4.08 5.96
N LYS A 81 -15.51 3.40 5.04
CA LYS A 81 -16.99 3.32 5.01
C LYS A 81 -17.58 2.65 6.28
N GLU A 82 -16.77 1.83 6.98
CA GLU A 82 -17.14 1.23 8.28
C GLU A 82 -16.05 1.53 9.31
N ALA A 83 -15.75 2.83 9.45
CA ALA A 83 -14.77 3.37 10.41
C ALA A 83 -15.16 3.05 11.86
N MET A 4 8.61 6.94 -0.21
CA MET A 4 7.36 6.21 0.12
C MET A 4 6.41 7.14 0.87
N SER A 5 5.17 7.24 0.38
CA SER A 5 4.09 8.00 1.03
C SER A 5 2.91 7.04 1.18
N ALA A 6 2.56 6.68 2.42
CA ALA A 6 1.60 5.62 2.69
C ALA A 6 0.23 6.22 2.99
N LYS A 7 -0.80 5.75 2.30
CA LYS A 7 -2.17 6.19 2.51
C LYS A 7 -2.92 5.01 3.13
N ILE A 8 -3.49 5.25 4.32
CA ILE A 8 -4.22 4.22 5.07
C ILE A 8 -5.69 4.53 4.86
N TYR A 9 -6.40 3.59 4.29
CA TYR A 9 -7.84 3.74 4.00
C TYR A 9 -8.50 2.39 4.20
N ARG A 10 -9.80 2.36 4.06
CA ARG A 10 -10.58 1.14 4.23
C ARG A 10 -11.70 1.15 3.19
N PRO A 11 -11.54 0.39 2.06
CA PRO A 11 -12.52 0.39 0.98
C PRO A 11 -13.79 -0.38 1.41
N ALA A 12 -14.96 0.25 1.26
CA ALA A 12 -16.25 -0.44 1.45
C ALA A 12 -16.44 -1.50 0.34
N LYS A 13 -15.84 -1.22 -0.83
CA LYS A 13 -15.90 -2.08 -2.03
C LYS A 13 -14.80 -3.15 -2.06
N THR A 14 -13.99 -3.28 -0.97
CA THR A 14 -12.87 -4.26 -0.93
C THR A 14 -13.41 -5.71 -0.88
N ALA A 15 -14.61 -5.87 -0.31
CA ALA A 15 -15.32 -7.15 -0.19
C ALA A 15 -16.82 -6.88 0.08
N MET A 16 -17.66 -7.91 -0.16
CA MET A 16 -19.12 -7.82 0.06
C MET A 16 -19.43 -7.58 1.55
N GLN A 17 -19.87 -6.34 1.87
CA GLN A 17 -20.22 -5.91 3.24
C GLN A 17 -21.40 -6.72 3.78
N SER A 18 -21.09 -7.69 4.65
CA SER A 18 -22.06 -8.67 5.19
C SER A 18 -22.70 -8.16 6.51
N GLY A 19 -22.80 -6.82 6.65
CA GLY A 19 -23.30 -6.20 7.87
C GLY A 19 -22.34 -6.36 9.04
N THR A 20 -21.04 -6.40 8.73
CA THR A 20 -19.96 -6.60 9.71
C THR A 20 -18.73 -5.76 9.34
N ALA A 21 -17.90 -5.49 10.36
CA ALA A 21 -16.65 -4.74 10.22
C ALA A 21 -15.56 -5.59 9.53
N LYS A 22 -15.63 -6.92 9.72
CA LYS A 22 -14.61 -7.88 9.21
C LYS A 22 -14.50 -7.85 7.66
N THR A 23 -15.66 -7.66 6.97
CA THR A 23 -15.72 -7.63 5.48
C THR A 23 -15.08 -6.36 4.87
N ASN A 24 -14.66 -5.43 5.74
CA ASN A 24 -13.87 -4.26 5.34
C ASN A 24 -12.63 -4.18 6.23
N VAL A 25 -11.47 -4.44 5.64
CA VAL A 25 -10.16 -4.28 6.31
C VAL A 25 -9.47 -3.03 5.77
N TRP A 26 -8.43 -2.56 6.45
CA TRP A 26 -7.71 -1.34 6.11
C TRP A 26 -6.54 -1.70 5.18
N VAL A 27 -6.45 -0.94 4.09
CA VAL A 27 -5.36 -1.12 3.12
C VAL A 27 -4.28 -0.05 3.37
N LEU A 28 -3.01 -0.48 3.26
CA LEU A 28 -1.82 0.36 3.36
C LEU A 28 -1.23 0.36 1.95
N GLU A 29 -1.40 1.47 1.26
CA GLU A 29 -1.02 1.62 -0.14
C GLU A 29 0.06 2.70 -0.17
N PHE A 30 1.25 2.42 -0.72
CA PHE A 30 2.36 3.39 -0.67
C PHE A 30 3.13 3.40 -1.97
N ASP A 31 3.76 4.57 -2.25
CA ASP A 31 4.73 4.74 -3.32
C ASP A 31 5.93 3.80 -3.14
N ALA A 32 5.82 2.61 -3.73
CA ALA A 32 6.81 1.53 -3.59
C ALA A 32 8.04 1.81 -4.45
N GLU A 33 9.05 2.46 -3.83
CA GLU A 33 10.36 2.73 -4.44
C GLU A 33 11.26 1.48 -4.39
N VAL A 34 10.78 0.41 -5.05
CA VAL A 34 11.44 -0.89 -5.10
C VAL A 34 12.78 -0.77 -5.89
N PRO A 35 13.94 -1.16 -5.29
CA PRO A 35 15.22 -1.22 -6.02
C PRO A 35 15.27 -2.47 -6.95
N ARG A 36 15.20 -2.23 -8.25
CA ARG A 36 15.20 -3.31 -9.26
C ARG A 36 16.61 -3.49 -9.81
N LYS A 37 17.28 -2.33 -10.02
CA LYS A 37 18.67 -2.23 -10.47
C LYS A 37 18.85 -2.89 -11.85
N ILE A 38 18.67 -2.09 -12.92
CA ILE A 38 18.67 -2.60 -14.31
C ILE A 38 20.03 -3.25 -14.66
N ASP A 39 19.95 -4.44 -15.26
CA ASP A 39 21.10 -5.31 -15.56
C ASP A 39 21.18 -5.52 -17.10
N PRO A 40 22.41 -5.73 -17.70
CA PRO A 40 22.56 -6.12 -19.14
C PRO A 40 21.55 -7.20 -19.63
N ILE A 41 21.25 -8.18 -18.76
CA ILE A 41 20.33 -9.30 -19.09
C ILE A 41 18.86 -8.82 -19.15
N MET A 42 18.52 -7.80 -18.34
CA MET A 42 17.20 -7.13 -18.39
C MET A 42 16.99 -6.47 -19.77
N GLY A 43 18.00 -5.70 -20.22
CA GLY A 43 18.06 -5.16 -21.58
C GLY A 43 17.18 -3.94 -21.86
N TYR A 44 16.02 -3.85 -21.18
CA TYR A 44 14.95 -2.86 -21.49
C TYR A 44 15.21 -1.49 -20.79
N THR A 45 16.46 -0.99 -20.91
CA THR A 45 16.94 0.22 -20.22
C THR A 45 16.13 1.48 -20.65
N SER A 46 15.56 1.46 -21.87
CA SER A 46 14.68 2.56 -22.36
C SER A 46 13.29 2.49 -21.68
N SER A 47 12.73 1.27 -21.57
CA SER A 47 11.36 1.05 -21.00
C SER A 47 11.38 0.76 -19.49
N SER A 48 12.55 0.95 -18.87
CA SER A 48 12.69 0.83 -17.42
C SER A 48 12.00 2.02 -16.73
N ASP A 49 10.73 1.82 -16.37
CA ASP A 49 9.86 2.87 -15.82
C ASP A 49 10.20 3.15 -14.35
N MET A 50 9.56 4.20 -13.82
CA MET A 50 9.75 4.64 -12.42
C MET A 50 9.10 3.67 -11.43
N LYS A 51 9.26 3.96 -10.13
CA LYS A 51 8.65 3.21 -9.02
C LYS A 51 7.11 3.14 -9.17
N GLN A 52 6.54 2.00 -8.74
CA GLN A 52 5.08 1.77 -8.72
C GLN A 52 4.54 2.00 -7.29
N GLN A 53 3.30 1.54 -7.03
CA GLN A 53 2.68 1.63 -5.72
C GLN A 53 1.96 0.30 -5.40
N VAL A 54 2.41 -0.40 -4.34
CA VAL A 54 1.85 -1.69 -3.91
C VAL A 54 1.00 -1.52 -2.63
N LYS A 55 0.26 -2.60 -2.30
CA LYS A 55 -0.74 -2.54 -1.21
C LYS A 55 -0.63 -3.75 -0.27
N LEU A 56 -0.85 -3.45 1.02
CA LEU A 56 -0.88 -4.40 2.13
C LEU A 56 -2.28 -4.34 2.75
N THR A 57 -2.74 -5.42 3.39
CA THR A 57 -4.03 -5.42 4.11
C THR A 57 -3.80 -5.77 5.60
N PHE A 58 -4.40 -4.95 6.47
CA PHE A 58 -4.35 -5.07 7.93
C PHE A 58 -5.80 -5.00 8.46
N GLU A 59 -6.04 -5.62 9.63
CA GLU A 59 -7.38 -5.64 10.26
C GLU A 59 -7.82 -4.23 10.73
N THR A 60 -6.83 -3.41 11.15
CA THR A 60 -7.09 -2.07 11.73
C THR A 60 -6.13 -1.02 11.13
N GLN A 61 -6.54 0.26 11.27
CA GLN A 61 -5.73 1.44 10.88
C GLN A 61 -4.39 1.46 11.64
N GLU A 62 -4.47 1.22 12.95
CA GLU A 62 -3.32 1.20 13.88
C GLU A 62 -2.16 0.33 13.38
N GLN A 63 -2.48 -0.86 12.83
CA GLN A 63 -1.48 -1.83 12.35
C GLN A 63 -0.80 -1.35 11.04
N ALA A 64 -1.54 -0.58 10.21
CA ALA A 64 -1.03 -0.08 8.91
C ALA A 64 -0.16 1.18 9.10
N GLU A 65 -0.62 2.04 10.03
CA GLU A 65 0.06 3.31 10.30
C GLU A 65 1.32 3.11 11.15
N ALA A 66 1.26 2.18 12.13
CA ALA A 66 2.41 1.85 12.99
C ALA A 66 3.52 1.14 12.21
N TYR A 67 3.13 0.45 11.11
CA TYR A 67 4.09 -0.15 10.17
C TYR A 67 4.89 0.98 9.49
N ALA A 68 4.15 1.95 8.91
CA ALA A 68 4.73 3.15 8.28
C ALA A 68 5.66 3.91 9.25
N GLN A 69 5.20 4.11 10.49
CA GLN A 69 5.94 4.81 11.58
C GLN A 69 7.28 4.12 11.86
N ARG A 70 7.22 2.78 12.01
CA ARG A 70 8.37 1.90 12.32
C ARG A 70 9.46 2.00 11.24
N LYS A 71 9.01 2.24 10.00
CA LYS A 71 9.91 2.36 8.83
C LYS A 71 10.26 3.83 8.55
N GLY A 72 9.54 4.78 9.20
CA GLY A 72 9.74 6.22 8.99
C GLY A 72 8.85 6.79 7.89
N ILE A 73 8.10 5.89 7.20
CA ILE A 73 7.24 6.24 6.06
C ILE A 73 6.19 7.31 6.47
N GLU A 74 6.37 8.49 5.86
CA GLU A 74 5.36 9.57 5.97
C GLU A 74 4.00 9.02 5.50
N TYR A 75 2.91 9.28 6.24
CA TYR A 75 1.60 8.70 5.93
C TYR A 75 0.48 9.71 6.22
N ARG A 76 -0.62 9.60 5.45
CA ARG A 76 -1.86 10.35 5.69
C ARG A 76 -3.04 9.35 5.57
N VAL A 77 -4.07 9.48 6.43
CA VAL A 77 -5.18 8.51 6.50
C VAL A 77 -6.45 9.07 5.83
N ILE A 78 -7.17 8.20 5.11
CA ILE A 78 -8.49 8.47 4.52
C ILE A 78 -9.51 7.62 5.32
N LEU A 79 -10.51 8.29 5.92
CA LEU A 79 -11.54 7.61 6.71
C LEU A 79 -12.57 6.89 5.80
N PRO A 80 -13.06 5.68 6.21
CA PRO A 80 -14.05 4.89 5.44
C PRO A 80 -15.48 5.45 5.55
N LYS A 81 -16.44 4.70 4.97
CA LYS A 81 -17.87 5.11 4.90
C LYS A 81 -18.47 5.18 6.32
N GLU A 82 -18.02 4.26 7.20
CA GLU A 82 -18.42 4.21 8.61
C GLU A 82 -17.58 5.21 9.43
N ALA A 83 -16.24 5.09 9.30
CA ALA A 83 -15.23 5.95 9.97
C ALA A 83 -15.28 5.89 11.52
N MET A 4 9.49 9.57 1.63
CA MET A 4 8.41 8.65 1.25
C MET A 4 7.12 9.04 1.98
N SER A 5 5.98 8.88 1.30
CA SER A 5 4.68 9.40 1.73
C SER A 5 3.61 8.33 1.44
N ALA A 6 2.39 8.46 2.00
CA ALA A 6 1.37 7.39 1.85
C ALA A 6 -0.06 7.85 2.13
N LYS A 7 -1.01 7.10 1.53
CA LYS A 7 -2.43 7.13 1.89
C LYS A 7 -2.82 5.76 2.52
N ILE A 8 -3.42 5.81 3.72
CA ILE A 8 -4.03 4.64 4.39
C ILE A 8 -5.53 4.75 4.23
N TYR A 9 -6.16 3.67 3.77
CA TYR A 9 -7.61 3.56 3.62
C TYR A 9 -8.02 2.09 3.70
N ARG A 10 -9.32 1.86 3.58
CA ARG A 10 -9.89 0.51 3.51
C ARG A 10 -11.02 0.55 2.47
N PRO A 11 -10.75 0.09 1.21
CA PRO A 11 -11.71 0.24 0.09
C PRO A 11 -12.99 -0.60 0.29
N ALA A 12 -14.15 0.08 0.20
CA ALA A 12 -15.48 -0.55 0.26
C ALA A 12 -15.68 -1.50 -0.93
N LYS A 13 -15.14 -1.10 -2.10
CA LYS A 13 -15.11 -1.93 -3.32
C LYS A 13 -14.12 -3.11 -3.17
N THR A 14 -13.06 -2.88 -2.35
CA THR A 14 -11.97 -3.82 -2.08
C THR A 14 -11.11 -4.08 -3.33
N ALA A 15 -11.65 -4.86 -4.29
CA ALA A 15 -10.98 -5.20 -5.55
C ALA A 15 -10.71 -3.94 -6.39
N MET A 16 -9.43 -3.74 -6.77
CA MET A 16 -9.00 -2.62 -7.63
C MET A 16 -8.67 -3.18 -9.02
N GLN A 17 -8.02 -4.35 -9.02
CA GLN A 17 -7.78 -5.16 -10.23
C GLN A 17 -7.47 -6.61 -9.80
N SER A 18 -8.54 -7.42 -9.63
CA SER A 18 -8.45 -8.83 -9.23
C SER A 18 -9.80 -9.55 -9.44
N GLY A 19 -10.90 -8.80 -9.22
CA GLY A 19 -12.26 -9.35 -9.36
C GLY A 19 -12.66 -10.21 -8.17
N THR A 20 -12.42 -9.68 -6.96
CA THR A 20 -12.75 -10.34 -5.69
C THR A 20 -14.00 -9.71 -5.06
N ALA A 21 -14.56 -10.40 -4.05
CA ALA A 21 -15.70 -9.91 -3.28
C ALA A 21 -15.28 -8.76 -2.35
N LYS A 22 -16.25 -7.95 -1.90
CA LYS A 22 -16.01 -6.80 -1.01
C LYS A 22 -15.79 -7.31 0.43
N THR A 23 -14.58 -7.82 0.69
CA THR A 23 -14.17 -8.32 2.03
C THR A 23 -13.67 -7.16 2.91
N ASN A 24 -13.14 -6.11 2.23
CA ASN A 24 -12.59 -4.89 2.84
C ASN A 24 -11.37 -5.20 3.73
N VAL A 25 -10.17 -5.08 3.15
CA VAL A 25 -8.90 -5.18 3.87
C VAL A 25 -8.20 -3.81 3.79
N TRP A 26 -7.45 -3.41 4.83
CA TRP A 26 -6.86 -2.05 4.92
C TRP A 26 -5.67 -1.98 3.97
N VAL A 27 -5.67 -1.01 3.08
CA VAL A 27 -4.57 -0.82 2.14
C VAL A 27 -3.68 0.34 2.60
N LEU A 28 -2.36 0.14 2.47
CA LEU A 28 -1.35 1.18 2.63
C LEU A 28 -0.70 1.33 1.27
N GLU A 29 -1.04 2.43 0.61
CA GLU A 29 -0.47 2.77 -0.70
C GLU A 29 0.54 3.88 -0.45
N PHE A 30 1.75 3.80 -1.01
CA PHE A 30 2.81 4.78 -0.72
C PHE A 30 3.66 5.06 -1.95
N ASP A 31 4.19 6.30 -2.01
CA ASP A 31 5.26 6.69 -2.92
C ASP A 31 6.49 5.84 -2.63
N ALA A 32 6.59 4.71 -3.34
CA ALA A 32 7.69 3.76 -3.21
C ALA A 32 8.94 4.34 -3.85
N GLU A 33 10.06 4.18 -3.15
CA GLU A 33 11.39 4.59 -3.61
C GLU A 33 11.90 3.70 -4.76
N VAL A 34 11.19 2.55 -5.00
CA VAL A 34 11.54 1.46 -5.96
C VAL A 34 12.48 1.92 -7.13
N PRO A 35 13.83 1.68 -6.97
CA PRO A 35 14.85 2.08 -7.96
C PRO A 35 15.06 1.00 -9.05
N ARG A 36 16.20 1.09 -9.75
CA ARG A 36 16.65 0.04 -10.68
C ARG A 36 16.93 -1.27 -9.91
N LYS A 37 17.39 -1.15 -8.64
CA LYS A 37 17.73 -2.29 -7.77
C LYS A 37 16.45 -2.97 -7.25
N ILE A 38 15.95 -3.93 -8.04
CA ILE A 38 14.79 -4.77 -7.71
C ILE A 38 15.11 -6.22 -8.11
N ASP A 39 14.07 -7.08 -8.20
CA ASP A 39 14.21 -8.47 -8.67
C ASP A 39 14.96 -8.50 -10.02
N PRO A 40 16.09 -9.27 -10.15
CA PRO A 40 16.90 -9.34 -11.41
C PRO A 40 16.07 -9.82 -12.64
N ILE A 41 14.91 -10.42 -12.35
CA ILE A 41 13.94 -10.88 -13.34
C ILE A 41 13.23 -9.69 -14.02
N MET A 42 12.72 -8.74 -13.21
CA MET A 42 11.81 -7.66 -13.68
C MET A 42 12.48 -6.27 -13.66
N GLY A 43 12.00 -5.38 -14.55
CA GLY A 43 12.36 -3.95 -14.52
C GLY A 43 13.66 -3.60 -15.24
N TYR A 44 14.45 -4.61 -15.62
CA TYR A 44 15.73 -4.42 -16.33
C TYR A 44 15.54 -4.45 -17.86
N THR A 45 14.27 -4.52 -18.30
CA THR A 45 13.89 -4.35 -19.72
C THR A 45 14.16 -2.92 -20.20
N SER A 46 14.26 -2.75 -21.54
CA SER A 46 14.53 -1.45 -22.19
C SER A 46 13.45 -0.41 -21.80
N SER A 47 12.18 -0.86 -21.76
CA SER A 47 11.06 -0.05 -21.26
C SER A 47 10.84 -0.36 -19.76
N SER A 48 11.58 0.38 -18.90
CA SER A 48 11.45 0.29 -17.43
C SER A 48 10.62 1.46 -16.91
N ASP A 49 9.62 1.15 -16.06
CA ASP A 49 8.77 2.16 -15.43
C ASP A 49 9.45 2.63 -14.13
N MET A 50 9.46 3.95 -13.90
CA MET A 50 10.14 4.58 -12.74
C MET A 50 9.38 4.29 -11.42
N LYS A 51 9.85 4.89 -10.31
CA LYS A 51 9.22 4.73 -8.99
C LYS A 51 7.78 5.26 -9.01
N GLN A 52 6.91 4.56 -8.26
CA GLN A 52 5.45 4.77 -8.30
C GLN A 52 4.81 4.33 -6.98
N GLN A 53 3.48 4.51 -6.88
CA GLN A 53 2.72 4.16 -5.67
C GLN A 53 2.33 2.68 -5.71
N VAL A 54 3.04 1.84 -4.94
CA VAL A 54 2.69 0.43 -4.73
C VAL A 54 1.99 0.29 -3.37
N LYS A 55 1.39 -0.88 -3.09
CA LYS A 55 0.47 -1.03 -1.96
C LYS A 55 0.57 -2.40 -1.26
N LEU A 56 0.31 -2.36 0.05
CA LEU A 56 0.33 -3.53 0.95
C LEU A 56 -1.06 -3.65 1.59
N THR A 57 -1.44 -4.85 2.03
CA THR A 57 -2.74 -5.13 2.68
C THR A 57 -2.52 -5.63 4.13
N PHE A 58 -3.24 -5.00 5.07
CA PHE A 58 -3.13 -5.24 6.52
C PHE A 58 -4.53 -5.49 7.09
N GLU A 59 -4.62 -6.24 8.21
CA GLU A 59 -5.90 -6.57 8.86
C GLU A 59 -6.52 -5.35 9.57
N THR A 60 -5.66 -4.42 10.05
CA THR A 60 -6.10 -3.19 10.77
C THR A 60 -5.31 -1.97 10.28
N GLN A 61 -5.84 -0.76 10.59
CA GLN A 61 -5.15 0.53 10.35
C GLN A 61 -3.81 0.56 11.08
N GLU A 62 -3.84 0.09 12.34
CA GLU A 62 -2.71 0.11 13.26
C GLU A 62 -1.48 -0.60 12.70
N GLN A 63 -1.72 -1.73 12.01
CA GLN A 63 -0.68 -2.50 11.30
C GLN A 63 -0.05 -1.66 10.16
N ALA A 64 -0.90 -0.91 9.42
CA ALA A 64 -0.45 -0.10 8.26
C ALA A 64 0.32 1.16 8.70
N GLU A 65 -0.17 1.79 9.77
CA GLU A 65 0.36 3.08 10.24
C GLU A 65 1.68 2.90 10.98
N ALA A 66 1.77 1.87 11.84
CA ALA A 66 2.98 1.56 12.60
C ALA A 66 4.09 1.04 11.68
N TYR A 67 3.70 0.41 10.55
CA TYR A 67 4.65 0.00 9.49
C TYR A 67 5.30 1.26 8.91
N ALA A 68 4.44 2.19 8.45
CA ALA A 68 4.83 3.48 7.88
C ALA A 68 5.73 4.28 8.86
N GLN A 69 5.31 4.39 10.13
CA GLN A 69 6.03 5.14 11.19
C GLN A 69 7.44 4.57 11.43
N ARG A 70 7.53 3.22 11.48
CA ARG A 70 8.79 2.47 11.68
C ARG A 70 9.78 2.69 10.51
N LYS A 71 9.22 2.97 9.31
CA LYS A 71 10.01 3.26 8.10
C LYS A 71 10.21 4.79 7.91
N GLY A 72 9.44 5.59 8.68
CA GLY A 72 9.47 7.06 8.56
C GLY A 72 8.48 7.61 7.52
N ILE A 73 7.74 6.69 6.86
CA ILE A 73 6.73 7.05 5.85
C ILE A 73 5.58 7.88 6.48
N GLU A 74 5.56 9.16 6.09
CA GLU A 74 4.43 10.06 6.44
C GLU A 74 3.14 9.56 5.73
N TYR A 75 1.98 9.55 6.43
CA TYR A 75 0.75 8.89 5.91
C TYR A 75 -0.52 9.70 6.23
N ARG A 76 -1.54 9.59 5.34
CA ARG A 76 -2.87 10.19 5.51
C ARG A 76 -3.91 9.09 5.82
N VAL A 77 -4.44 9.08 7.05
CA VAL A 77 -5.46 8.11 7.49
C VAL A 77 -6.84 8.53 6.97
N ILE A 78 -7.42 7.66 6.14
CA ILE A 78 -8.74 7.85 5.52
C ILE A 78 -9.62 6.65 5.92
N LEU A 79 -10.45 6.83 6.95
CA LEU A 79 -11.25 5.75 7.55
C LEU A 79 -12.37 5.25 6.60
N PRO A 80 -12.72 3.92 6.64
CA PRO A 80 -13.77 3.32 5.77
C PRO A 80 -15.21 3.71 6.17
N LYS A 81 -16.19 3.22 5.38
CA LYS A 81 -17.61 3.65 5.45
C LYS A 81 -18.31 3.27 6.78
N GLU A 82 -17.80 2.25 7.50
CA GLU A 82 -18.40 1.79 8.78
C GLU A 82 -17.63 2.34 10.00
N ALA A 83 -16.44 2.91 9.76
CA ALA A 83 -15.57 3.45 10.83
C ALA A 83 -16.12 4.77 11.40
N MET A 4 8.44 9.29 -0.17
CA MET A 4 7.36 8.28 -0.24
C MET A 4 6.28 8.61 0.77
N SER A 5 5.04 8.66 0.30
CA SER A 5 3.86 9.03 1.12
C SER A 5 2.86 7.87 1.09
N ALA A 6 2.52 7.35 2.28
CA ALA A 6 1.66 6.16 2.43
C ALA A 6 0.26 6.59 2.82
N LYS A 7 -0.76 6.11 2.10
CA LYS A 7 -2.16 6.40 2.42
C LYS A 7 -2.76 5.10 2.96
N ILE A 8 -3.32 5.17 4.18
CA ILE A 8 -3.97 4.03 4.80
C ILE A 8 -5.45 4.33 4.80
N TYR A 9 -6.21 3.46 4.19
CA TYR A 9 -7.64 3.66 3.95
C TYR A 9 -8.32 2.30 3.96
N ARG A 10 -9.62 2.31 3.95
CA ARG A 10 -10.43 1.09 3.91
C ARG A 10 -11.60 1.36 2.96
N PRO A 11 -11.47 0.94 1.65
CA PRO A 11 -12.47 1.26 0.62
C PRO A 11 -13.76 0.44 0.78
N ALA A 12 -14.82 0.84 0.07
CA ALA A 12 -16.11 0.11 0.05
C ALA A 12 -15.94 -1.22 -0.72
N LYS A 13 -15.17 -1.15 -1.82
CA LYS A 13 -14.78 -2.33 -2.61
C LYS A 13 -13.51 -2.96 -2.03
N THR A 14 -13.43 -4.28 -2.14
CA THR A 14 -12.29 -5.11 -1.67
C THR A 14 -12.34 -6.47 -2.39
N ALA A 15 -11.46 -7.41 -1.98
CA ALA A 15 -11.55 -8.82 -2.42
C ALA A 15 -12.66 -9.55 -1.62
N MET A 16 -12.83 -10.85 -1.91
CA MET A 16 -13.90 -11.68 -1.32
C MET A 16 -13.44 -12.36 -0.01
N GLN A 17 -14.33 -13.19 0.58
CA GLN A 17 -14.01 -13.99 1.78
C GLN A 17 -12.97 -15.06 1.41
N SER A 18 -11.75 -14.91 1.93
CA SER A 18 -10.61 -15.75 1.52
C SER A 18 -9.49 -15.70 2.58
N GLY A 19 -8.44 -16.49 2.34
CA GLY A 19 -7.21 -16.46 3.15
C GLY A 19 -6.36 -15.23 2.86
N THR A 20 -6.54 -14.64 1.66
CA THR A 20 -5.82 -13.44 1.23
C THR A 20 -6.52 -12.14 1.72
N ALA A 21 -7.85 -12.20 1.98
CA ALA A 21 -8.65 -11.02 2.41
C ALA A 21 -9.72 -11.41 3.44
N LYS A 22 -9.75 -10.68 4.58
CA LYS A 22 -10.76 -10.84 5.66
C LYS A 22 -12.04 -10.03 5.30
N THR A 23 -12.62 -10.35 4.12
CA THR A 23 -13.84 -9.72 3.57
C THR A 23 -13.62 -8.23 3.17
N ASN A 24 -13.42 -7.34 4.18
CA ASN A 24 -13.11 -5.91 3.94
C ASN A 24 -12.12 -5.44 5.01
N VAL A 25 -10.91 -5.06 4.57
CA VAL A 25 -9.80 -4.62 5.45
C VAL A 25 -9.17 -3.33 4.93
N TRP A 26 -8.11 -2.87 5.62
CA TRP A 26 -7.43 -1.60 5.34
C TRP A 26 -6.33 -1.85 4.30
N VAL A 27 -6.33 -1.04 3.25
CA VAL A 27 -5.28 -1.08 2.23
C VAL A 27 -4.31 0.09 2.49
N LEU A 28 -3.01 -0.21 2.36
CA LEU A 28 -1.93 0.77 2.46
C LEU A 28 -1.34 0.85 1.06
N GLU A 29 -1.58 1.96 0.38
CA GLU A 29 -1.02 2.20 -0.95
C GLU A 29 -0.05 3.36 -0.85
N PHE A 30 1.15 3.23 -1.42
CA PHE A 30 2.17 4.29 -1.34
C PHE A 30 3.00 4.39 -2.61
N ASP A 31 3.59 5.57 -2.78
CA ASP A 31 4.74 5.80 -3.66
C ASP A 31 5.86 4.89 -3.15
N ALA A 32 6.22 3.85 -3.90
CA ALA A 32 7.09 2.76 -3.42
C ALA A 32 8.46 3.27 -2.91
N GLU A 33 8.93 2.60 -1.83
CA GLU A 33 10.24 2.84 -1.20
C GLU A 33 11.39 2.19 -2.01
N VAL A 34 11.08 1.74 -3.24
CA VAL A 34 12.00 0.98 -4.10
C VAL A 34 11.59 1.23 -5.58
N PRO A 35 12.59 1.39 -6.52
CA PRO A 35 12.29 1.40 -7.98
C PRO A 35 11.92 0.00 -8.49
N ARG A 36 11.75 -0.12 -9.82
CA ARG A 36 11.66 -1.43 -10.51
C ARG A 36 12.98 -2.22 -10.32
N LYS A 37 14.08 -1.45 -10.16
CA LYS A 37 15.44 -1.96 -10.17
C LYS A 37 15.81 -2.54 -8.79
N ILE A 38 15.65 -3.87 -8.67
CA ILE A 38 16.30 -4.67 -7.62
C ILE A 38 17.53 -5.34 -8.29
N ASP A 39 17.43 -6.63 -8.67
CA ASP A 39 18.25 -7.19 -9.75
C ASP A 39 17.70 -6.70 -11.12
N PRO A 40 18.53 -6.70 -12.22
CA PRO A 40 18.05 -6.31 -13.59
C PRO A 40 16.96 -7.26 -14.16
N ILE A 41 16.65 -8.35 -13.41
CA ILE A 41 15.61 -9.35 -13.74
C ILE A 41 14.22 -8.69 -13.97
N MET A 42 13.90 -7.63 -13.18
CA MET A 42 12.62 -6.89 -13.32
C MET A 42 12.68 -5.84 -14.47
N GLY A 43 12.86 -6.36 -15.70
CA GLY A 43 12.76 -5.58 -16.93
C GLY A 43 13.82 -4.49 -17.11
N TYR A 44 14.86 -4.48 -16.23
CA TYR A 44 15.88 -3.40 -16.11
C TYR A 44 15.19 -2.07 -15.72
N THR A 45 14.48 -1.46 -16.70
CA THR A 45 13.60 -0.30 -16.48
C THR A 45 12.47 -0.32 -17.54
N SER A 46 11.22 -0.44 -17.07
CA SER A 46 10.03 -0.55 -17.94
C SER A 46 9.67 0.82 -18.58
N SER A 47 9.61 1.87 -17.74
CA SER A 47 9.21 3.22 -18.17
C SER A 47 9.87 4.29 -17.27
N SER A 48 11.21 4.18 -17.10
CA SER A 48 12.03 5.13 -16.31
C SER A 48 11.49 5.24 -14.87
N ASP A 49 11.36 4.08 -14.23
CA ASP A 49 10.62 3.93 -12.97
C ASP A 49 11.57 4.20 -11.79
N MET A 50 11.72 5.50 -11.45
CA MET A 50 12.53 5.93 -10.28
C MET A 50 11.95 5.32 -9.00
N LYS A 51 10.62 5.12 -9.01
CA LYS A 51 9.90 4.30 -8.04
C LYS A 51 8.74 3.60 -8.78
N GLN A 52 8.26 2.49 -8.22
CA GLN A 52 7.03 1.82 -8.68
C GLN A 52 5.87 2.21 -7.73
N GLN A 53 4.78 1.44 -7.74
CA GLN A 53 3.72 1.53 -6.71
C GLN A 53 3.62 0.19 -5.98
N VAL A 54 3.31 0.25 -4.68
CA VAL A 54 3.12 -0.96 -3.84
C VAL A 54 1.86 -0.76 -2.97
N LYS A 55 1.16 -1.88 -2.72
CA LYS A 55 0.03 -1.90 -1.78
C LYS A 55 0.04 -3.16 -0.92
N LEU A 56 -0.19 -2.94 0.38
CA LEU A 56 -0.30 -3.97 1.40
C LEU A 56 -1.76 -3.97 1.93
N THR A 57 -2.20 -5.06 2.54
CA THR A 57 -3.49 -5.11 3.24
C THR A 57 -3.28 -5.60 4.69
N PHE A 58 -3.83 -4.85 5.64
CA PHE A 58 -3.78 -5.11 7.08
C PHE A 58 -5.21 -5.11 7.65
N GLU A 59 -5.43 -5.87 8.71
CA GLU A 59 -6.77 -6.04 9.33
C GLU A 59 -7.20 -4.77 10.09
N THR A 60 -6.22 -4.00 10.56
CA THR A 60 -6.45 -2.73 11.27
C THR A 60 -5.59 -1.62 10.65
N GLN A 61 -5.99 -0.36 10.90
CA GLN A 61 -5.19 0.82 10.55
C GLN A 61 -3.86 0.82 11.31
N GLU A 62 -3.93 0.40 12.60
CA GLU A 62 -2.77 0.41 13.53
C GLU A 62 -1.58 -0.38 12.97
N GLN A 63 -1.86 -1.54 12.34
CA GLN A 63 -0.83 -2.40 11.72
C GLN A 63 -0.19 -1.73 10.48
N ALA A 64 -0.98 -0.93 9.75
CA ALA A 64 -0.55 -0.29 8.49
C ALA A 64 0.25 0.99 8.76
N GLU A 65 -0.22 1.77 9.74
CA GLU A 65 0.47 3.00 10.13
C GLU A 65 1.78 2.67 10.84
N ALA A 66 1.77 1.60 11.67
CA ALA A 66 2.98 1.09 12.35
C ALA A 66 4.03 0.59 11.34
N TYR A 67 3.58 0.07 10.16
CA TYR A 67 4.49 -0.31 9.06
C TYR A 67 5.23 0.94 8.55
N ALA A 68 4.45 1.93 8.08
CA ALA A 68 4.97 3.20 7.55
C ALA A 68 5.90 3.91 8.56
N GLN A 69 5.49 3.93 9.84
CA GLN A 69 6.23 4.57 10.95
C GLN A 69 7.57 3.85 11.23
N ARG A 70 7.55 2.50 11.21
CA ARG A 70 8.76 1.64 11.32
C ARG A 70 9.78 2.00 10.23
N LYS A 71 9.25 2.29 9.03
CA LYS A 71 10.07 2.64 7.85
C LYS A 71 10.50 4.12 7.90
N GLY A 72 9.71 4.95 8.61
CA GLY A 72 9.85 6.40 8.57
C GLY A 72 8.94 7.07 7.54
N ILE A 73 8.21 6.24 6.75
CA ILE A 73 7.32 6.72 5.67
C ILE A 73 6.20 7.62 6.25
N GLU A 74 6.31 8.91 5.87
CA GLU A 74 5.24 9.90 6.14
C GLU A 74 3.91 9.35 5.59
N TYR A 75 2.80 9.45 6.36
CA TYR A 75 1.55 8.77 6.01
C TYR A 75 0.34 9.65 6.36
N ARG A 76 -0.73 9.54 5.54
CA ARG A 76 -2.01 10.22 5.75
C ARG A 76 -3.12 9.15 5.72
N VAL A 77 -3.78 8.94 6.86
CA VAL A 77 -4.90 7.98 6.97
C VAL A 77 -6.24 8.63 6.53
N ILE A 78 -7.06 7.85 5.81
CA ILE A 78 -8.41 8.22 5.36
C ILE A 78 -9.41 7.28 6.05
N LEU A 79 -10.41 7.86 6.73
CA LEU A 79 -11.46 7.09 7.40
C LEU A 79 -12.38 6.39 6.36
N PRO A 80 -12.87 5.16 6.65
CA PRO A 80 -13.75 4.41 5.74
C PRO A 80 -15.22 4.88 5.78
N LYS A 81 -16.05 4.28 4.91
CA LYS A 81 -17.52 4.48 4.90
C LYS A 81 -18.15 3.92 6.20
N GLU A 82 -17.37 3.06 6.89
CA GLU A 82 -17.73 2.42 8.16
C GLU A 82 -16.83 2.97 9.30
N ALA A 83 -16.59 4.29 9.28
CA ALA A 83 -15.68 4.96 10.25
C ALA A 83 -16.23 4.89 11.71
#